data_7YXY
#
_entry.id   7YXY
#
_cell.length_a   1.00
_cell.length_b   1.00
_cell.length_c   1.00
_cell.angle_alpha   90.00
_cell.angle_beta   90.00
_cell.angle_gamma   90.00
#
_symmetry.space_group_name_H-M   'P 1'
#
_entity_poly.entity_id   1
_entity_poly.type   'polypeptide(L)'
_entity_poly.pdbx_seq_one_letter_code
;MHHHHHHSSGRENLYFQGMTATTRGSPVGGNDNQGQAPDGQSQPPLQQNQTSSPDSSNENSPATPPDEQGQGDAPPQLED
EEPAFPHTDLAKLDDMINRPRWVVPVLPKGELEVLLEAAIDLSKKGLDVKSEACQRFFRDGLTISFTKILTDEAVSGWKF
EIHRCIINNTHRLVELCVAKLSQDWFPLLELLAMALNPHCKFHIYNGTRPCESVSSSVQLPEDELFARSPDPRSPKGWLV
DLLNKFGTLNGFQILHDRFINGSALNVQIIAALIKPFGQCYEFLTLHTVKKYFLPIIEMVPQFLENLTDEELKKEAKNEA
KNDALSMIIKSLKNLASRVPGQEETVKNLEIFRLKMILRLLQISSFNGKMNALNEVNKVISSVSYYTHRHGNPEEEEWLT
AERMAEWIQQNNILSIVLRDSLHQPQYVEKLEKILRFVIKEKALTLQDLDNIWAAQAGKHEAIVKNVHDLLAKLAWDFSP
EQLDHLFDCFKASWTNASKKQREKLLELIRRLAEDDKDGVMAHKVLNLLWNLAHSDDVPVDIMDLALSAHIKILDYSCSQ
DRDTQKIQWIDRFIEELRTNDKWVIPALKQIREICSLFGEAPQNLSQTQRSPHVFYRHDLINQLQHNHALVTLVAENLAT
YMESMRLYARDHEDYDPQTVRLGSRYSHVQEVQERLNFLRFLLKDGQLWLCAPQAKQIWKCLAENAVYLCDREACFKWYS
KLMGDEPDLDPDINKDFFESNVLQLDPSLLTENGMKCFERFFKAVNCREGKLVAKRRAYMMDDLELIGLDYLWRVVIQSN
DDIASRAIDLLKEIYTNLGPRLQVNQVVIHEDFIQSCFDRLKASYDTLCVLDGDKDSVNCARQEAVRMVRVLTVLREYIN
ECDSDYHEERTILPMSRAFRGKHLSFVVRFPNQGRQVDDLEVWSHTNDTIGSVRRCILNRIKANVAHTKIELFVGGELID
PADDRKLIGQLNLKDKSLITAKLTQISSNMPSSPDSSSDSSTGSPGNHGNHYSDGPNPEVESCLPGVIMSLHPRYISFLW
QVADLGSSLNMPPLRDGARVLMKLMPPDSTTIEKLRAICLDHAKLGESSLSPSLDSLFFGPSASQVLYLTEVVYALLMPA
GAPLADDSSDFQFHFLKSGGLPLVLSMLTRNNFLPNADMETRRGAYLNALKIAKLLLTAIGYGHVRAVAEACQPGVEGVN
PMTQINQVTHDQAVVLQSALQSIPNPSSECMLRNVSVRLAQQISDEASRYMPDICVIRAIQKIIWASGCGSLQLVFSPNE
EITKIYEKTNAGNEPDLEDEQVCCEALEVMTLCFALIPTALDALSKEKAWQTFIIDLLLHCHSKTVRQVAQEQFFLMCTR
CCMGHRPLLFFITLLFTVLGSTARERAKHSGDYFTLLRHLLNYAYNSNINVPNAEVLLNNEIDWLKRIRDDVKRTGETGI
EETILEGHLGVTKELLAFQTSEKKFHIGCEKGGANLIKELIDDFIFPASNVYLQYMRNGELPAEQAIPVCGSPPTINAGF
ELLVALAVGCVRNLKQIVDSLTEMYYIGTAITTCEALTEWEYLPPVGPRPPKGFVGLKNAGATCYMNSVIQQLYMIPSIR
NGILAIEGTGSDVDDDMSGDEKQDNESNVDPRDDVFGYPQQFEDKPALSKTEDRKEYNIGVLRHLQVIFGHLAASRLQYY
VPRGFWKQFRLWGEPVNLREQHDALEFFNSLVDSLDEALKALGHPAMLSKVLGGSFADQKICQGCPHRYECEESFTTLNV
DIRNHQNLLDSLEQYVKGDLLEGANAYHCEKCNKKVDTVKRLLIKKLPPVLAIQLKRFDYDWERECAIKFNDYFEFPREL
DMEPYTVAGVAKLEGDNVNPESQLIQQSEQSESETAGSTKYRLVGVLVHSGQASGGHYYSYIIQRNGGDGERNRWYKFDD
GDVTECKMDDDEEMKNQCFGGEYMGEVFDHMMKRMSYRRQKRWWNAYILFYERMDTIDQDDELIRYISELAITTRPHQII
MPSAIERSVRKQNVQFMHNRMQYSMEYFQFMKKLLTCNGVYLNPPPGQDHLLPEAEEITMISIQLAARFLFTTGFHTKKV
VRGSASDWYDALCILLRHSKNVRFWFAHNVLFNVSNRFSEYLLECPSAEVRGAFAKLIVFIAHFSLQDGPCPSPFASPGP
SSQAYDNLSLSDHLLRAVLNLLRREVSEHGRHLQQYFNLFVMYANLGVAEKTQLLKLSVPATFMLVSLDEGPGPPIKYQY
AELGKLYSVVSQLIRCCNVSSRMQSSINGNPPLPNPFGDPNLSQPIMPIQQNVADILFVRTSYVKKIIEDCSNSEETVKL
LRFCCWENPQFSSTVLSELLWQVAYSYTYELRPYLDLLLQILLIEDSWQTHRIHNALKGIPDDRDGLFDTIQRSKNHYQK
RAYQCIKCMVALFSNCPVAYQILQGNGDLKRKWTWAVEWLGDELERRPYTGNPQYTYNNWSPPVQSNETSNGYFLERSHS
ARMTLAKACELCPEEEPDDQDAPDEHESPPPEDAPLYPHSPGSQYQQNNHVHGQPYTGPAAHHMNNPQRTGQRAQENYEG
SEEVSPPQTKDQDYKDDDK
;
_entity_poly.pdbx_strand_id   A
#
# COMPACT_ATOMS: atom_id res chain seq x y z
N VAL A 339 -32.47 -96.80 -14.91
CA VAL A 339 -33.50 -97.83 -15.03
C VAL A 339 -34.87 -97.19 -15.26
N PRO A 340 -35.53 -97.57 -16.35
CA PRO A 340 -36.87 -97.03 -16.62
C PRO A 340 -37.88 -97.35 -15.54
N GLY A 341 -37.76 -98.50 -14.87
CA GLY A 341 -38.64 -98.85 -13.78
C GLY A 341 -38.35 -98.14 -12.47
N GLN A 342 -37.24 -97.41 -12.39
CA GLN A 342 -36.93 -96.60 -11.23
C GLN A 342 -37.33 -95.16 -11.52
N GLU A 343 -38.57 -94.82 -11.17
CA GLU A 343 -39.11 -93.48 -11.37
C GLU A 343 -39.34 -92.74 -10.07
N GLU A 344 -40.11 -93.33 -9.14
CA GLU A 344 -40.36 -92.68 -7.87
C GLU A 344 -39.06 -92.44 -7.10
N THR A 345 -38.05 -93.28 -7.31
CA THR A 345 -36.76 -93.08 -6.67
C THR A 345 -36.06 -91.85 -7.25
N VAL A 346 -36.34 -91.52 -8.51
CA VAL A 346 -35.77 -90.30 -9.09
C VAL A 346 -36.28 -89.07 -8.34
N LYS A 347 -37.60 -89.01 -8.12
CA LYS A 347 -38.16 -87.90 -7.35
C LYS A 347 -37.69 -87.94 -5.90
N ASN A 348 -37.52 -89.15 -5.34
CA ASN A 348 -37.02 -89.27 -3.97
C ASN A 348 -35.62 -88.69 -3.85
N LEU A 349 -34.74 -89.01 -4.80
CA LEU A 349 -33.38 -88.48 -4.74
C LEU A 349 -33.35 -86.99 -5.04
N GLU A 350 -34.25 -86.50 -5.90
CA GLU A 350 -34.35 -85.05 -6.09
C GLU A 350 -34.77 -84.35 -4.81
N ILE A 351 -35.74 -84.92 -4.08
CA ILE A 351 -36.17 -84.35 -2.81
C ILE A 351 -35.04 -84.40 -1.79
N PHE A 352 -34.30 -85.50 -1.76
CA PHE A 352 -33.17 -85.61 -0.84
C PHE A 352 -32.08 -84.58 -1.17
N ARG A 353 -31.82 -84.35 -2.46
CA ARG A 353 -30.87 -83.33 -2.85
C ARG A 353 -31.35 -81.94 -2.42
N LEU A 354 -32.65 -81.68 -2.58
CA LEU A 354 -33.22 -80.43 -2.08
C LEU A 354 -33.02 -80.30 -0.58
N LYS A 355 -33.25 -81.39 0.16
CA LYS A 355 -33.07 -81.36 1.61
C LYS A 355 -31.63 -81.05 1.97
N MET A 356 -30.68 -81.69 1.30
CA MET A 356 -29.28 -81.47 1.59
C MET A 356 -28.87 -80.04 1.28
N ILE A 357 -29.36 -79.50 0.16
CA ILE A 357 -29.07 -78.10 -0.18
C ILE A 357 -29.65 -77.16 0.85
N LEU A 358 -30.87 -77.43 1.32
CA LEU A 358 -31.49 -76.56 2.31
C LEU A 358 -30.76 -76.60 3.64
N ARG A 359 -30.30 -77.78 4.06
CA ARG A 359 -29.46 -77.85 5.26
C ARG A 359 -28.15 -77.11 5.06
N LEU A 360 -27.56 -77.22 3.86
CA LEU A 360 -26.34 -76.47 3.56
C LEU A 360 -26.58 -74.98 3.68
N LEU A 361 -27.76 -74.51 3.28
CA LEU A 361 -28.12 -73.11 3.51
C LEU A 361 -28.21 -72.80 5.00
N GLN A 362 -28.71 -73.76 5.79
CA GLN A 362 -28.83 -73.57 7.23
C GLN A 362 -27.48 -73.58 7.93
N ILE A 363 -26.42 -74.00 7.25
CA ILE A 363 -25.10 -74.04 7.88
C ILE A 363 -24.62 -72.61 8.12
N SER A 364 -24.15 -72.35 9.35
CA SER A 364 -23.70 -71.02 9.71
C SER A 364 -22.47 -70.57 8.93
N SER A 365 -21.74 -71.51 8.34
CA SER A 365 -20.57 -71.15 7.54
C SER A 365 -21.00 -70.43 6.27
N PHE A 366 -20.37 -69.30 5.99
CA PHE A 366 -20.72 -68.52 4.79
C PHE A 366 -20.33 -69.27 3.52
N ASN A 367 -19.22 -70.01 3.57
CA ASN A 367 -18.80 -70.78 2.40
C ASN A 367 -19.83 -71.85 2.06
N GLY A 368 -20.39 -72.51 3.06
CA GLY A 368 -21.46 -73.46 2.81
C GLY A 368 -22.68 -72.81 2.20
N LYS A 369 -23.08 -71.65 2.73
CA LYS A 369 -24.19 -70.90 2.14
C LYS A 369 -23.82 -70.42 0.74
N MET A 370 -22.57 -70.02 0.53
CA MET A 370 -22.11 -69.65 -0.80
C MET A 370 -22.32 -70.78 -1.80
N ASN A 371 -21.84 -71.98 -1.46
CA ASN A 371 -21.97 -73.12 -2.36
C ASN A 371 -23.44 -73.51 -2.56
N ALA A 372 -24.23 -73.44 -1.49
CA ALA A 372 -25.65 -73.77 -1.61
C ALA A 372 -26.36 -72.80 -2.54
N LEU A 373 -26.06 -71.50 -2.40
CA LEU A 373 -26.67 -70.51 -3.30
C LEU A 373 -26.23 -70.73 -4.74
N ASN A 374 -24.95 -71.05 -4.94
CA ASN A 374 -24.47 -71.30 -6.31
C ASN A 374 -25.16 -72.50 -6.92
N GLU A 375 -25.32 -73.59 -6.16
CA GLU A 375 -25.95 -74.77 -6.72
C GLU A 375 -27.45 -74.57 -6.92
N VAL A 376 -28.09 -73.74 -6.07
CA VAL A 376 -29.48 -73.38 -6.32
C VAL A 376 -29.60 -72.61 -7.63
N ASN A 377 -28.69 -71.65 -7.86
CA ASN A 377 -28.68 -70.93 -9.13
C ASN A 377 -28.47 -71.88 -10.30
N LYS A 378 -27.59 -72.86 -10.13
CA LYS A 378 -27.33 -73.82 -11.20
C LYS A 378 -28.56 -74.66 -11.51
N VAL A 379 -29.19 -75.25 -10.48
CA VAL A 379 -30.32 -76.12 -10.72
C VAL A 379 -31.52 -75.35 -11.25
N ILE A 380 -31.71 -74.11 -10.79
CA ILE A 380 -32.83 -73.31 -11.29
C ILE A 380 -32.66 -73.02 -12.77
N SER A 381 -31.44 -72.70 -13.20
CA SER A 381 -31.19 -72.42 -14.61
C SER A 381 -31.46 -73.63 -15.49
N SER A 382 -31.05 -74.82 -15.04
CA SER A 382 -31.29 -76.03 -15.82
C SER A 382 -32.79 -76.33 -15.91
N VAL A 383 -33.55 -75.93 -14.90
CA VAL A 383 -35.00 -76.12 -14.90
C VAL A 383 -35.65 -75.24 -15.96
N TRP A 398 -38.04 -83.82 -14.81
CA TRP A 398 -39.45 -83.75 -14.43
C TRP A 398 -39.69 -82.53 -13.54
N LEU A 399 -38.66 -81.69 -13.41
CA LEU A 399 -38.70 -80.60 -12.45
C LEU A 399 -39.00 -79.29 -13.19
N THR A 400 -40.25 -78.83 -13.10
CA THR A 400 -40.64 -77.59 -13.73
C THR A 400 -40.39 -76.40 -12.80
N ALA A 401 -40.81 -75.22 -13.26
CA ALA A 401 -40.61 -74.00 -12.47
C ALA A 401 -41.58 -73.89 -11.31
N GLU A 402 -42.67 -74.66 -11.32
CA GLU A 402 -43.68 -74.61 -10.28
C GLU A 402 -43.22 -75.26 -8.98
N ARG A 403 -42.56 -76.41 -9.09
CA ARG A 403 -42.23 -77.19 -7.91
C ARG A 403 -41.13 -76.54 -7.08
N MET A 404 -40.11 -75.98 -7.74
CA MET A 404 -39.12 -75.17 -7.04
C MET A 404 -39.74 -73.92 -6.42
N ALA A 405 -40.69 -73.30 -7.13
CA ALA A 405 -41.37 -72.15 -6.55
C ALA A 405 -42.06 -72.52 -5.24
N GLU A 406 -42.82 -73.61 -5.24
CA GLU A 406 -43.46 -74.06 -4.01
C GLU A 406 -42.42 -74.39 -2.95
N TRP A 407 -41.43 -75.23 -3.28
CA TRP A 407 -40.41 -75.63 -2.32
C TRP A 407 -39.75 -74.43 -1.65
N ILE A 408 -39.50 -73.37 -2.42
CA ILE A 408 -38.99 -72.13 -1.82
C ILE A 408 -40.07 -71.50 -0.94
N GLN A 409 -41.33 -71.60 -1.35
CA GLN A 409 -42.40 -70.94 -0.61
C GLN A 409 -42.59 -71.55 0.79
N GLN A 410 -42.95 -72.84 0.86
CA GLN A 410 -43.25 -73.42 2.16
C GLN A 410 -42.03 -73.51 3.06
N ASN A 411 -40.85 -73.79 2.49
CA ASN A 411 -39.64 -73.87 3.28
C ASN A 411 -39.05 -72.51 3.62
N ASN A 412 -39.57 -71.43 3.03
CA ASN A 412 -39.10 -70.07 3.31
C ASN A 412 -37.59 -69.96 3.09
N ILE A 413 -37.15 -70.33 1.88
CA ILE A 413 -35.73 -70.28 1.56
C ILE A 413 -35.23 -68.84 1.62
N LEU A 414 -36.00 -67.91 1.07
CA LEU A 414 -35.58 -66.51 1.07
C LEU A 414 -35.42 -65.98 2.48
N SER A 415 -36.30 -66.40 3.40
CA SER A 415 -36.25 -65.89 4.77
C SER A 415 -34.92 -66.23 5.44
N ILE A 416 -34.42 -67.45 5.24
CA ILE A 416 -33.14 -67.83 5.81
C ILE A 416 -32.00 -67.05 5.15
N VAL A 417 -32.10 -66.84 3.83
CA VAL A 417 -31.03 -66.13 3.12
C VAL A 417 -31.02 -64.67 3.49
N LEU A 418 -32.20 -64.05 3.65
CA LEU A 418 -32.27 -62.60 3.82
C LEU A 418 -31.79 -62.15 5.19
N ARG A 419 -31.71 -63.05 6.17
CA ARG A 419 -31.43 -62.61 7.53
C ARG A 419 -29.97 -62.20 7.72
N ASP A 420 -29.05 -62.84 7.02
CA ASP A 420 -27.64 -62.53 7.24
C ASP A 420 -26.87 -62.20 5.96
N SER A 421 -27.19 -62.86 4.84
CA SER A 421 -26.38 -62.73 3.63
C SER A 421 -26.51 -61.38 2.96
N LEU A 422 -27.48 -60.55 3.37
CA LEU A 422 -27.70 -59.27 2.69
C LEU A 422 -26.57 -58.27 2.93
N HIS A 423 -25.66 -58.54 3.86
CA HIS A 423 -24.56 -57.62 4.13
C HIS A 423 -23.49 -57.63 3.03
N GLN A 424 -23.54 -58.58 2.10
CA GLN A 424 -22.59 -58.68 1.01
C GLN A 424 -23.29 -58.44 -0.31
N PRO A 425 -22.83 -57.49 -1.13
CA PRO A 425 -23.52 -57.23 -2.41
C PRO A 425 -23.58 -58.43 -3.34
N GLN A 426 -22.54 -59.28 -3.35
CA GLN A 426 -22.53 -60.43 -4.24
C GLN A 426 -23.63 -61.43 -3.87
N TYR A 427 -23.91 -61.61 -2.57
CA TYR A 427 -24.98 -62.51 -2.16
C TYR A 427 -26.32 -62.01 -2.68
N VAL A 428 -26.55 -60.70 -2.62
CA VAL A 428 -27.77 -60.10 -3.16
C VAL A 428 -27.82 -60.31 -4.67
N GLU A 429 -26.68 -60.15 -5.35
CA GLU A 429 -26.66 -60.34 -6.80
C GLU A 429 -27.03 -61.77 -7.17
N LYS A 430 -26.53 -62.76 -6.42
CA LYS A 430 -26.88 -64.14 -6.69
C LYS A 430 -28.34 -64.42 -6.37
N LEU A 431 -28.84 -63.87 -5.26
CA LEU A 431 -30.23 -64.11 -4.87
C LEU A 431 -31.22 -63.39 -5.78
N GLU A 432 -30.76 -62.40 -6.54
CA GLU A 432 -31.65 -61.67 -7.44
C GLU A 432 -32.27 -62.59 -8.47
N LYS A 433 -31.47 -63.47 -9.07
CA LYS A 433 -32.01 -64.36 -10.10
C LYS A 433 -32.96 -65.38 -9.50
N ILE A 434 -32.69 -65.86 -8.29
CA ILE A 434 -33.61 -66.76 -7.61
C ILE A 434 -34.94 -66.06 -7.35
N LEU A 435 -34.88 -64.80 -6.90
CA LEU A 435 -36.11 -64.05 -6.67
C LEU A 435 -36.88 -63.83 -7.96
N ARG A 436 -36.17 -63.54 -9.06
CA ARG A 436 -36.83 -63.38 -10.35
C ARG A 436 -37.51 -64.67 -10.79
N PHE A 437 -36.83 -65.80 -10.61
CA PHE A 437 -37.40 -67.09 -10.95
C PHE A 437 -38.64 -67.39 -10.12
N VAL A 438 -38.61 -67.03 -8.83
CA VAL A 438 -39.78 -67.22 -7.98
C VAL A 438 -40.93 -66.35 -8.45
N ILE A 439 -40.64 -65.09 -8.77
CA ILE A 439 -41.70 -64.13 -9.09
C ILE A 439 -42.36 -64.45 -10.42
N LYS A 440 -41.57 -64.85 -11.43
CA LYS A 440 -42.09 -64.92 -12.79
C LYS A 440 -43.21 -65.94 -12.97
N GLU A 441 -43.39 -66.89 -12.05
CA GLU A 441 -44.54 -67.78 -12.07
C GLU A 441 -45.51 -67.50 -10.91
N LYS A 442 -45.49 -66.28 -10.36
CA LYS A 442 -46.41 -65.84 -9.32
C LYS A 442 -46.35 -66.77 -8.09
N ALA A 443 -45.19 -66.75 -7.46
CA ALA A 443 -44.95 -67.51 -6.24
C ALA A 443 -44.61 -66.65 -5.03
N LEU A 444 -44.14 -65.43 -5.24
CA LEU A 444 -43.85 -64.55 -4.12
C LEU A 444 -45.14 -63.95 -3.55
N THR A 445 -45.20 -63.86 -2.23
CA THR A 445 -46.39 -63.37 -1.54
C THR A 445 -46.09 -62.06 -0.83
N LEU A 446 -47.15 -61.46 -0.28
CA LEU A 446 -47.01 -60.21 0.45
C LEU A 446 -46.17 -60.40 1.71
N GLN A 447 -46.34 -61.52 2.40
CA GLN A 447 -45.57 -61.79 3.61
C GLN A 447 -44.08 -61.88 3.30
N ASP A 448 -43.73 -62.50 2.16
CA ASP A 448 -42.34 -62.51 1.74
C ASP A 448 -41.85 -61.09 1.46
N LEU A 449 -42.67 -60.27 0.81
CA LEU A 449 -42.32 -58.87 0.61
C LEU A 449 -42.21 -58.13 1.92
N ASP A 450 -43.06 -58.46 2.90
CA ASP A 450 -42.95 -57.85 4.22
C ASP A 450 -41.63 -58.20 4.88
N ASN A 451 -41.21 -59.46 4.76
CA ASN A 451 -39.91 -59.87 5.29
C ASN A 451 -38.77 -59.15 4.58
N ILE A 452 -38.89 -58.98 3.26
CA ILE A 452 -37.89 -58.22 2.52
C ILE A 452 -37.81 -56.79 3.03
N TRP A 453 -38.96 -56.15 3.25
CA TRP A 453 -38.99 -54.80 3.79
C TRP A 453 -38.62 -54.75 5.26
N ALA A 454 -38.80 -55.84 6.00
CA ALA A 454 -38.39 -55.87 7.39
C ALA A 454 -36.87 -55.91 7.54
N ALA A 455 -36.14 -56.13 6.45
CA ALA A 455 -34.68 -56.21 6.52
C ALA A 455 -34.06 -54.86 6.85
N GLN A 456 -34.75 -53.76 6.57
CA GLN A 456 -34.22 -52.44 6.86
C GLN A 456 -34.57 -51.95 8.26
N ALA A 457 -35.31 -52.73 9.04
CA ALA A 457 -35.72 -52.30 10.37
C ALA A 457 -34.57 -52.38 11.36
N GLY A 458 -33.86 -51.27 11.56
CA GLY A 458 -32.79 -51.22 12.52
C GLY A 458 -31.48 -51.83 12.07
N LYS A 459 -31.37 -52.24 10.81
CA LYS A 459 -30.15 -52.86 10.31
C LYS A 459 -29.16 -51.80 9.83
N HIS A 460 -27.97 -52.26 9.45
CA HIS A 460 -26.92 -51.37 9.00
C HIS A 460 -27.24 -50.77 7.64
N GLU A 461 -26.59 -49.64 7.34
CA GLU A 461 -26.88 -48.91 6.11
C GLU A 461 -26.56 -49.74 4.87
N ALA A 462 -25.47 -50.50 4.91
CA ALA A 462 -25.09 -51.32 3.76
C ALA A 462 -26.16 -52.36 3.44
N ILE A 463 -26.71 -52.99 4.48
CA ILE A 463 -27.79 -53.96 4.27
C ILE A 463 -29.02 -53.26 3.69
N VAL A 464 -29.33 -52.06 4.19
CA VAL A 464 -30.50 -51.33 3.72
C VAL A 464 -30.35 -50.98 2.24
N LYS A 465 -29.18 -50.47 1.85
CA LYS A 465 -28.98 -50.11 0.45
C LYS A 465 -28.89 -51.34 -0.44
N ASN A 466 -28.41 -52.47 0.09
CA ASN A 466 -28.44 -53.71 -0.66
C ASN A 466 -29.88 -54.14 -0.94
N VAL A 467 -30.73 -54.10 0.08
CA VAL A 467 -32.14 -54.40 -0.12
C VAL A 467 -32.76 -53.43 -1.12
N HIS A 468 -32.35 -52.16 -1.06
CA HIS A 468 -32.94 -51.16 -1.93
C HIS A 468 -32.56 -51.39 -3.40
N ASP A 469 -31.29 -51.66 -3.68
CA ASP A 469 -30.92 -51.88 -5.08
C ASP A 469 -31.47 -53.20 -5.60
N LEU A 470 -31.58 -54.21 -4.71
CA LEU A 470 -32.26 -55.44 -5.08
C LEU A 470 -33.69 -55.18 -5.49
N LEU A 471 -34.42 -54.41 -4.68
CA LEU A 471 -35.82 -54.10 -5.00
C LEU A 471 -35.92 -53.27 -6.26
N ALA A 472 -34.98 -52.35 -6.47
CA ALA A 472 -34.98 -51.55 -7.69
C ALA A 472 -34.79 -52.42 -8.92
N LYS A 473 -33.91 -53.42 -8.84
CA LYS A 473 -33.72 -54.31 -9.98
C LYS A 473 -34.89 -55.26 -10.15
N LEU A 474 -35.58 -55.62 -9.06
CA LEU A 474 -36.70 -56.57 -9.15
C LEU A 474 -38.04 -55.93 -9.47
N ALA A 475 -38.16 -54.60 -9.35
CA ALA A 475 -39.47 -53.97 -9.45
C ALA A 475 -40.10 -54.17 -10.82
N TRP A 476 -39.30 -54.47 -11.85
CA TRP A 476 -39.84 -54.60 -13.19
C TRP A 476 -40.77 -55.80 -13.30
N ASP A 477 -40.44 -56.92 -12.65
CA ASP A 477 -41.20 -58.16 -12.79
C ASP A 477 -42.28 -58.33 -11.73
N PHE A 478 -42.40 -57.41 -10.77
CA PHE A 478 -43.40 -57.54 -9.73
C PHE A 478 -44.81 -57.33 -10.29
N SER A 479 -45.76 -58.05 -9.70
CA SER A 479 -47.16 -57.90 -10.05
C SER A 479 -47.72 -56.61 -9.46
N PRO A 480 -48.85 -56.12 -10.00
CA PRO A 480 -49.42 -54.87 -9.46
C PRO A 480 -49.73 -54.93 -7.97
N GLU A 481 -50.20 -56.07 -7.47
CA GLU A 481 -50.44 -56.20 -6.04
C GLU A 481 -49.14 -56.12 -5.25
N GLN A 482 -48.08 -56.75 -5.76
CA GLN A 482 -46.78 -56.67 -5.10
C GLN A 482 -46.27 -55.24 -5.05
N LEU A 483 -46.43 -54.49 -6.15
CA LEU A 483 -45.86 -53.16 -6.22
C LEU A 483 -46.61 -52.18 -5.34
N ASP A 484 -47.95 -52.18 -5.39
CA ASP A 484 -48.65 -51.25 -4.53
C ASP A 484 -48.58 -51.67 -3.06
N HIS A 485 -48.42 -52.97 -2.79
CA HIS A 485 -48.09 -53.40 -1.44
C HIS A 485 -46.75 -52.82 -0.99
N LEU A 486 -45.74 -52.88 -1.85
CA LEU A 486 -44.47 -52.23 -1.55
C LEU A 486 -44.64 -50.73 -1.39
N PHE A 487 -45.60 -50.13 -2.10
CA PHE A 487 -45.78 -48.69 -2.03
C PHE A 487 -46.39 -48.26 -0.70
N ASP A 488 -47.40 -48.97 -0.20
CA ASP A 488 -47.92 -48.56 1.10
C ASP A 488 -46.96 -49.00 2.21
N CYS A 489 -46.12 -50.00 1.94
CA CYS A 489 -45.01 -50.27 2.85
C CYS A 489 -44.04 -49.09 2.89
N PHE A 490 -43.76 -48.50 1.72
CA PHE A 490 -42.93 -47.30 1.67
C PHE A 490 -43.58 -46.17 2.47
N LYS A 491 -44.89 -46.01 2.33
CA LYS A 491 -45.60 -44.97 3.07
C LYS A 491 -45.52 -45.21 4.57
N ALA A 492 -45.70 -46.47 5.00
CA ALA A 492 -45.61 -46.79 6.41
C ALA A 492 -44.21 -46.51 6.96
N SER A 493 -43.18 -46.84 6.18
CA SER A 493 -41.82 -46.48 6.57
C SER A 493 -41.65 -44.96 6.64
N TRP A 494 -42.27 -44.25 5.69
CA TRP A 494 -42.23 -42.79 5.68
C TRP A 494 -42.83 -42.20 6.94
N THR A 495 -43.86 -42.88 7.48
CA THR A 495 -44.50 -42.40 8.70
C THR A 495 -43.52 -42.33 9.86
N ASN A 496 -42.59 -43.28 9.96
CA ASN A 496 -41.62 -43.34 11.04
C ASN A 496 -40.18 -43.16 10.59
N ALA A 497 -39.94 -42.72 9.35
CA ALA A 497 -38.58 -42.59 8.84
C ALA A 497 -37.85 -41.43 9.50
N SER A 498 -36.54 -41.60 9.68
CA SER A 498 -35.69 -40.54 10.16
C SER A 498 -35.22 -39.66 9.00
N LYS A 499 -34.30 -38.74 9.28
CA LYS A 499 -33.85 -37.80 8.25
C LYS A 499 -33.08 -38.52 7.14
N LYS A 500 -32.10 -39.34 7.53
CA LYS A 500 -31.38 -40.15 6.53
C LYS A 500 -32.30 -41.22 5.93
N GLN A 501 -33.20 -41.76 6.75
CA GLN A 501 -34.15 -42.75 6.26
C GLN A 501 -35.03 -42.17 5.14
N ARG A 502 -35.49 -40.93 5.33
CA ARG A 502 -36.35 -40.31 4.32
C ARG A 502 -35.61 -40.09 3.01
N GLU A 503 -34.35 -39.60 3.08
CA GLU A 503 -33.62 -39.34 1.85
C GLU A 503 -33.23 -40.64 1.15
N LYS A 504 -32.90 -41.70 1.91
CA LYS A 504 -32.61 -42.96 1.24
C LYS A 504 -33.88 -43.59 0.66
N LEU A 505 -35.03 -43.37 1.29
CA LEU A 505 -36.29 -43.80 0.69
C LEU A 505 -36.55 -43.06 -0.62
N LEU A 506 -36.28 -41.75 -0.65
CA LEU A 506 -36.41 -40.99 -1.90
C LEU A 506 -35.46 -41.51 -2.96
N GLU A 507 -34.23 -41.85 -2.56
CA GLU A 507 -33.28 -42.42 -3.51
C GLU A 507 -33.78 -43.75 -4.05
N LEU A 508 -34.37 -44.58 -3.18
CA LEU A 508 -34.97 -45.84 -3.63
C LEU A 508 -36.09 -45.60 -4.63
N ILE A 509 -36.94 -44.62 -4.35
CA ILE A 509 -38.06 -44.33 -5.24
C ILE A 509 -37.54 -43.85 -6.60
N ARG A 510 -36.49 -43.03 -6.58
CA ARG A 510 -35.91 -42.57 -7.85
C ARG A 510 -35.26 -43.72 -8.60
N ARG A 511 -34.63 -44.65 -7.90
CA ARG A 511 -34.11 -45.86 -8.54
C ARG A 511 -35.23 -46.66 -9.20
N LEU A 512 -36.35 -46.81 -8.49
CA LEU A 512 -37.50 -47.54 -9.04
C LEU A 512 -38.03 -46.86 -10.29
N ALA A 513 -38.14 -45.53 -10.26
CA ALA A 513 -38.70 -44.80 -11.39
C ALA A 513 -37.76 -44.81 -12.59
N GLU A 514 -36.45 -44.72 -12.35
CA GLU A 514 -35.49 -44.70 -13.45
C GLU A 514 -35.49 -46.02 -14.21
N ASP A 515 -35.69 -47.13 -13.50
CA ASP A 515 -35.69 -48.45 -14.13
C ASP A 515 -37.02 -48.81 -14.77
N ASP A 516 -38.03 -47.95 -14.65
CA ASP A 516 -39.35 -48.22 -15.23
C ASP A 516 -39.25 -48.20 -16.75
N LYS A 517 -39.28 -49.39 -17.36
CA LYS A 517 -39.14 -49.47 -18.81
C LYS A 517 -40.38 -48.95 -19.52
N ASP A 518 -41.57 -49.30 -19.02
CA ASP A 518 -42.83 -48.82 -19.57
C ASP A 518 -43.46 -47.87 -18.57
N GLY A 519 -43.79 -46.66 -19.02
CA GLY A 519 -44.24 -45.62 -18.11
C GLY A 519 -45.65 -45.80 -17.58
N VAL A 520 -45.90 -46.93 -16.94
CA VAL A 520 -47.16 -47.18 -16.24
C VAL A 520 -46.95 -47.11 -14.73
N MET A 521 -45.85 -47.66 -14.25
CA MET A 521 -45.56 -47.71 -12.82
C MET A 521 -45.13 -46.33 -12.32
N ALA A 522 -44.52 -45.55 -13.22
CA ALA A 522 -44.12 -44.19 -12.88
C ALA A 522 -45.33 -43.33 -12.53
N HIS A 523 -46.52 -43.71 -12.99
CA HIS A 523 -47.73 -42.99 -12.58
C HIS A 523 -47.90 -43.02 -11.07
N LYS A 524 -47.87 -44.22 -10.49
CA LYS A 524 -47.97 -44.33 -9.04
C LYS A 524 -46.74 -43.78 -8.35
N VAL A 525 -45.57 -43.89 -8.98
CA VAL A 525 -44.36 -43.30 -8.40
C VAL A 525 -44.53 -41.79 -8.23
N LEU A 526 -45.01 -41.12 -9.28
CA LEU A 526 -45.20 -39.68 -9.22
C LEU A 526 -46.37 -39.30 -8.33
N ASN A 527 -47.40 -40.15 -8.24
CA ASN A 527 -48.47 -39.91 -7.28
C ASN A 527 -47.93 -39.91 -5.85
N LEU A 528 -47.06 -40.88 -5.54
CA LEU A 528 -46.43 -40.90 -4.22
C LEU A 528 -45.54 -39.70 -4.00
N LEU A 529 -44.80 -39.29 -5.04
CA LEU A 529 -43.97 -38.10 -4.92
C LEU A 529 -44.81 -36.85 -4.63
N TRP A 530 -45.95 -36.72 -5.31
CA TRP A 530 -46.85 -35.60 -5.05
C TRP A 530 -47.42 -35.67 -3.64
N ASN A 531 -47.77 -36.87 -3.17
CA ASN A 531 -48.27 -37.02 -1.81
C ASN A 531 -47.22 -36.61 -0.79
N LEU A 532 -45.96 -37.00 -1.01
CA LEU A 532 -44.90 -36.68 -0.08
C LEU A 532 -44.56 -35.20 -0.08
N ALA A 533 -44.45 -34.61 -1.28
CA ALA A 533 -44.08 -33.19 -1.38
C ALA A 533 -45.19 -32.26 -0.94
N HIS A 534 -46.42 -32.76 -0.82
CA HIS A 534 -47.56 -31.94 -0.40
C HIS A 534 -48.06 -32.31 0.99
N SER A 535 -47.27 -33.07 1.74
CA SER A 535 -47.62 -33.44 3.11
C SER A 535 -46.93 -32.48 4.08
N ASP A 536 -47.72 -31.80 4.91
CA ASP A 536 -47.19 -30.79 5.82
C ASP A 536 -46.54 -31.38 7.06
N ASP A 537 -46.67 -32.69 7.28
CA ASP A 537 -46.07 -33.33 8.45
C ASP A 537 -44.57 -33.58 8.30
N VAL A 538 -44.02 -33.33 7.12
CA VAL A 538 -42.62 -33.61 6.84
C VAL A 538 -41.88 -32.28 6.65
N PRO A 539 -40.68 -32.13 7.21
CA PRO A 539 -39.99 -30.83 7.16
C PRO A 539 -39.64 -30.42 5.73
N VAL A 540 -39.10 -29.19 5.64
CA VAL A 540 -38.91 -28.53 4.35
C VAL A 540 -37.76 -29.13 3.55
N ASP A 541 -36.78 -29.75 4.23
CA ASP A 541 -35.66 -30.34 3.52
C ASP A 541 -36.13 -31.48 2.61
N ILE A 542 -36.90 -32.41 3.19
CA ILE A 542 -37.42 -33.52 2.39
C ILE A 542 -38.36 -33.02 1.32
N MET A 543 -39.04 -31.89 1.57
CA MET A 543 -39.86 -31.26 0.54
C MET A 543 -39.07 -31.03 -0.73
N ASP A 544 -37.99 -30.24 -0.64
CA ASP A 544 -37.21 -29.93 -1.83
C ASP A 544 -36.46 -31.14 -2.36
N LEU A 545 -36.08 -32.08 -1.48
CA LEU A 545 -35.46 -33.32 -1.97
C LEU A 545 -36.42 -34.09 -2.87
N ALA A 546 -37.67 -34.27 -2.42
CA ALA A 546 -38.66 -34.97 -3.23
C ALA A 546 -39.02 -34.19 -4.49
N LEU A 547 -39.04 -32.86 -4.40
CA LEU A 547 -39.31 -32.04 -5.58
C LEU A 547 -38.22 -32.23 -6.62
N SER A 548 -36.95 -32.22 -6.19
CA SER A 548 -35.85 -32.46 -7.12
C SER A 548 -35.93 -33.85 -7.70
N ALA A 549 -36.28 -34.85 -6.88
CA ALA A 549 -36.44 -36.20 -7.40
C ALA A 549 -37.51 -36.24 -8.49
N HIS A 550 -38.65 -35.60 -8.25
CA HIS A 550 -39.72 -35.56 -9.25
C HIS A 550 -39.25 -34.86 -10.53
N ILE A 551 -38.53 -33.74 -10.39
CA ILE A 551 -38.10 -32.98 -11.55
C ILE A 551 -37.13 -33.78 -12.40
N LYS A 552 -36.14 -34.41 -11.75
CA LYS A 552 -35.19 -35.23 -12.51
C LYS A 552 -35.84 -36.48 -13.10
N ILE A 553 -36.86 -37.04 -12.44
CA ILE A 553 -37.58 -38.15 -13.05
C ILE A 553 -38.30 -37.70 -14.32
N LEU A 554 -38.93 -36.52 -14.28
CA LEU A 554 -39.63 -36.02 -15.45
C LEU A 554 -38.71 -35.49 -16.55
N ASP A 555 -37.47 -35.12 -16.23
CA ASP A 555 -36.62 -34.46 -17.22
C ASP A 555 -35.95 -35.43 -18.18
N TYR A 556 -35.08 -36.31 -17.67
CA TYR A 556 -34.20 -37.11 -18.53
C TYR A 556 -34.72 -38.51 -18.80
N SER A 557 -35.93 -38.84 -18.35
CA SER A 557 -36.56 -40.11 -18.68
C SER A 557 -37.52 -39.99 -19.86
N CYS A 558 -37.29 -39.00 -20.74
CA CYS A 558 -38.26 -38.62 -21.76
C CYS A 558 -38.36 -39.61 -22.90
N SER A 559 -37.82 -40.82 -22.76
CA SER A 559 -37.89 -41.83 -23.81
C SER A 559 -39.34 -42.11 -24.20
N GLN A 560 -40.21 -42.28 -23.21
CA GLN A 560 -41.63 -42.51 -23.46
C GLN A 560 -42.39 -42.19 -22.17
N ASP A 561 -43.67 -41.85 -22.34
CA ASP A 561 -44.58 -41.56 -21.22
C ASP A 561 -44.05 -40.46 -20.32
N ARG A 562 -43.43 -39.44 -20.91
CA ARG A 562 -43.08 -38.22 -20.20
C ARG A 562 -43.74 -37.02 -20.90
N ASP A 563 -43.66 -37.00 -22.22
CA ASP A 563 -44.31 -35.96 -23.02
C ASP A 563 -45.81 -36.25 -23.08
N THR A 564 -46.59 -35.20 -23.38
CA THR A 564 -48.05 -35.24 -23.50
C THR A 564 -48.72 -35.51 -22.16
N GLN A 565 -47.93 -35.78 -21.11
CA GLN A 565 -48.46 -35.73 -19.76
C GLN A 565 -47.83 -34.58 -19.00
N LYS A 566 -46.75 -34.01 -19.55
CA LYS A 566 -46.20 -32.77 -19.02
C LYS A 566 -47.31 -31.73 -18.89
N ILE A 567 -48.11 -31.60 -19.96
CA ILE A 567 -49.31 -30.76 -19.89
C ILE A 567 -50.28 -31.30 -18.85
N GLN A 568 -50.47 -32.62 -18.80
CA GLN A 568 -51.40 -33.20 -17.84
C GLN A 568 -50.94 -32.95 -16.40
N TRP A 569 -49.66 -33.23 -16.11
CA TRP A 569 -49.16 -33.03 -14.76
C TRP A 569 -49.14 -31.56 -14.38
N ILE A 570 -48.78 -30.68 -15.31
CA ILE A 570 -48.73 -29.26 -15.00
C ILE A 570 -50.14 -28.73 -14.76
N ASP A 571 -51.12 -29.23 -15.52
CA ASP A 571 -52.52 -28.82 -15.29
C ASP A 571 -53.03 -29.37 -13.97
N ARG A 572 -52.59 -30.57 -13.59
CA ARG A 572 -52.93 -31.09 -12.27
C ARG A 572 -52.36 -30.19 -11.17
N PHE A 573 -51.13 -29.73 -11.35
CA PHE A 573 -50.54 -28.80 -10.38
C PHE A 573 -51.30 -27.48 -10.34
N ILE A 574 -51.69 -26.97 -11.51
CA ILE A 574 -52.47 -25.73 -11.56
C ILE A 574 -53.78 -25.90 -10.82
N GLU A 575 -54.50 -27.00 -11.08
CA GLU A 575 -55.74 -27.26 -10.37
C GLU A 575 -55.50 -27.49 -8.88
N GLU A 576 -54.29 -27.93 -8.51
CA GLU A 576 -53.98 -28.11 -7.11
C GLU A 576 -53.82 -26.77 -6.39
N LEU A 577 -53.10 -25.82 -7.00
CA LEU A 577 -53.02 -24.54 -6.31
C LEU A 577 -54.19 -23.62 -6.63
N ARG A 578 -55.13 -24.05 -7.48
CA ARG A 578 -56.36 -23.30 -7.69
C ARG A 578 -57.27 -23.31 -6.46
N THR A 579 -57.03 -24.22 -5.51
CA THR A 579 -57.66 -24.20 -4.22
C THR A 579 -56.62 -23.80 -3.18
N ASN A 580 -57.08 -23.26 -2.05
CA ASN A 580 -56.21 -22.67 -1.04
C ASN A 580 -56.20 -23.54 0.20
N ASP A 581 -55.28 -24.50 0.24
CA ASP A 581 -54.98 -25.26 1.45
C ASP A 581 -53.47 -25.45 1.56
N LYS A 582 -52.72 -24.38 1.31
CA LYS A 582 -51.27 -24.34 1.39
C LYS A 582 -50.58 -25.23 0.36
N TRP A 583 -51.28 -25.62 -0.71
CA TRP A 583 -50.62 -26.33 -1.79
C TRP A 583 -49.90 -25.39 -2.74
N VAL A 584 -50.07 -24.07 -2.56
CA VAL A 584 -49.79 -23.13 -3.64
C VAL A 584 -48.30 -23.04 -3.93
N ILE A 585 -47.48 -22.84 -2.91
CA ILE A 585 -46.05 -22.60 -3.09
C ILE A 585 -45.35 -23.85 -3.65
N PRO A 586 -45.56 -25.05 -3.09
CA PRO A 586 -44.91 -26.23 -3.69
C PRO A 586 -45.31 -26.48 -5.12
N ALA A 587 -46.62 -26.42 -5.41
CA ALA A 587 -47.08 -26.58 -6.79
C ALA A 587 -46.52 -25.48 -7.68
N LEU A 588 -46.39 -24.27 -7.13
CA LEU A 588 -45.85 -23.16 -7.90
C LEU A 588 -44.42 -23.43 -8.33
N LYS A 589 -43.56 -23.83 -7.38
CA LYS A 589 -42.18 -24.11 -7.77
C LYS A 589 -42.08 -25.36 -8.61
N GLN A 590 -43.00 -26.32 -8.45
CA GLN A 590 -43.06 -27.46 -9.35
C GLN A 590 -43.28 -27.01 -10.79
N ILE A 591 -44.29 -26.16 -11.01
CA ILE A 591 -44.58 -25.66 -12.35
C ILE A 591 -43.41 -24.84 -12.87
N ARG A 592 -42.79 -24.04 -12.00
CA ARG A 592 -41.65 -23.22 -12.42
C ARG A 592 -40.49 -24.09 -12.89
N GLU A 593 -40.23 -25.19 -12.19
CA GLU A 593 -39.14 -26.07 -12.58
C GLU A 593 -39.48 -26.86 -13.83
N ILE A 594 -40.75 -27.24 -13.98
CA ILE A 594 -41.18 -27.97 -15.18
C ILE A 594 -41.02 -27.09 -16.41
N CYS A 595 -41.48 -25.82 -16.32
CA CYS A 595 -41.36 -24.91 -17.45
C CYS A 595 -39.93 -24.47 -17.70
N SER A 596 -39.02 -24.70 -16.74
CA SER A 596 -37.63 -24.32 -16.96
C SER A 596 -37.01 -25.11 -18.11
N LEU A 597 -37.27 -26.41 -18.18
CA LEU A 597 -36.76 -27.24 -19.25
C LEU A 597 -37.80 -27.46 -20.34
N PHE A 598 -38.97 -27.98 -19.96
CA PHE A 598 -40.03 -28.26 -20.93
C PHE A 598 -40.72 -26.98 -21.38
N TYR A 616 -43.33 -26.64 -27.87
CA TYR A 616 -42.11 -25.84 -27.71
C TYR A 616 -42.32 -24.76 -26.65
N ARG A 617 -41.25 -24.48 -25.89
CA ARG A 617 -41.39 -23.69 -24.67
C ARG A 617 -41.89 -22.27 -24.96
N HIS A 618 -41.38 -21.63 -26.01
CA HIS A 618 -41.77 -20.26 -26.29
C HIS A 618 -43.26 -20.16 -26.61
N ASP A 619 -43.80 -21.13 -27.36
CA ASP A 619 -45.23 -21.20 -27.61
C ASP A 619 -45.98 -21.93 -26.50
N LEU A 620 -45.27 -22.63 -25.60
CA LEU A 620 -45.92 -23.32 -24.50
C LEU A 620 -46.63 -22.35 -23.58
N ILE A 621 -46.02 -21.18 -23.32
CA ILE A 621 -46.66 -20.19 -22.48
C ILE A 621 -47.96 -19.71 -23.11
N ASN A 622 -47.97 -19.51 -24.43
CA ASN A 622 -49.20 -19.16 -25.11
C ASN A 622 -50.22 -20.29 -25.03
N GLN A 623 -49.76 -21.54 -25.12
CA GLN A 623 -50.68 -22.68 -24.99
C GLN A 623 -51.33 -22.71 -23.62
N LEU A 624 -50.57 -22.43 -22.57
CA LEU A 624 -51.12 -22.30 -21.22
C LEU A 624 -51.67 -20.91 -20.96
N GLN A 625 -51.73 -20.05 -21.97
CA GLN A 625 -52.40 -18.76 -21.89
C GLN A 625 -53.77 -18.79 -22.57
N HIS A 626 -54.03 -19.78 -23.42
CA HIS A 626 -55.30 -19.83 -24.14
C HIS A 626 -56.47 -20.02 -23.19
N ASN A 627 -56.40 -21.04 -22.32
CA ASN A 627 -57.51 -21.38 -21.43
C ASN A 627 -57.11 -21.57 -19.97
N HIS A 628 -55.82 -21.71 -19.67
CA HIS A 628 -55.35 -21.96 -18.32
C HIS A 628 -54.29 -20.94 -17.91
N ALA A 629 -54.61 -19.65 -18.08
CA ALA A 629 -53.70 -18.55 -17.83
C ALA A 629 -53.12 -18.61 -16.42
N LEU A 630 -51.79 -18.49 -16.33
CA LEU A 630 -51.14 -18.53 -15.03
C LEU A 630 -51.11 -17.16 -14.36
N VAL A 631 -50.70 -16.13 -15.11
CA VAL A 631 -50.51 -14.81 -14.53
C VAL A 631 -51.79 -14.33 -13.86
N THR A 632 -52.94 -14.51 -14.51
CA THR A 632 -54.21 -14.11 -13.92
C THR A 632 -54.53 -14.95 -12.70
N LEU A 633 -54.41 -16.28 -12.83
CA LEU A 633 -54.76 -17.17 -11.72
C LEU A 633 -53.84 -16.95 -10.53
N VAL A 634 -52.54 -16.78 -10.77
CA VAL A 634 -51.63 -16.50 -9.67
C VAL A 634 -51.91 -15.12 -9.09
N ALA A 635 -52.39 -14.19 -9.91
CA ALA A 635 -52.78 -12.88 -9.39
C ALA A 635 -53.95 -13.01 -8.42
N GLU A 636 -54.98 -13.79 -8.77
CA GLU A 636 -56.06 -14.02 -7.82
C GLU A 636 -55.57 -14.79 -6.61
N ASN A 637 -54.60 -15.69 -6.78
CA ASN A 637 -54.01 -16.37 -5.63
C ASN A 637 -53.40 -15.38 -4.67
N LEU A 638 -52.55 -14.48 -5.18
CA LEU A 638 -51.95 -13.44 -4.34
C LEU A 638 -53.01 -12.63 -3.63
N ALA A 639 -54.02 -12.17 -4.37
CA ALA A 639 -55.03 -11.29 -3.77
C ALA A 639 -55.80 -12.02 -2.68
N THR A 640 -56.33 -13.20 -2.99
CA THR A 640 -57.20 -13.91 -2.05
C THR A 640 -56.41 -14.55 -0.91
N TYR A 641 -55.08 -14.62 -1.01
CA TYR A 641 -54.30 -15.08 0.13
C TYR A 641 -53.78 -13.93 0.99
N MET A 642 -53.45 -12.80 0.36
CA MET A 642 -53.11 -11.60 1.13
C MET A 642 -54.30 -11.14 1.96
N GLU A 643 -55.50 -11.14 1.38
CA GLU A 643 -56.68 -10.77 2.17
C GLU A 643 -56.93 -11.78 3.27
N SER A 644 -56.67 -13.06 3.00
CA SER A 644 -56.85 -14.08 4.03
C SER A 644 -55.92 -13.83 5.21
N MET A 645 -54.66 -13.49 4.93
CA MET A 645 -53.75 -13.19 6.03
C MET A 645 -54.13 -11.90 6.74
N ARG A 646 -54.56 -10.88 6.00
CA ARG A 646 -55.02 -9.64 6.60
C ARG A 646 -56.24 -9.84 7.48
N LEU A 647 -57.03 -10.90 7.23
CA LEU A 647 -58.17 -11.17 8.10
C LEU A 647 -57.74 -11.43 9.54
N TYR A 648 -56.68 -12.22 9.74
CA TYR A 648 -56.19 -12.49 11.08
C TYR A 648 -55.05 -11.57 11.50
N ALA A 649 -54.54 -10.73 10.59
CA ALA A 649 -53.45 -9.82 10.93
C ALA A 649 -53.87 -8.72 11.88
N ARG A 650 -55.16 -8.45 12.02
CA ARG A 650 -55.65 -7.42 12.92
C ARG A 650 -55.59 -7.85 14.38
N ASP A 651 -55.85 -9.13 14.66
CA ASP A 651 -55.85 -9.65 16.03
C ASP A 651 -54.59 -10.41 16.39
N HIS A 652 -53.92 -11.05 15.41
CA HIS A 652 -52.73 -11.84 15.65
C HIS A 652 -51.46 -11.10 15.25
N GLU A 653 -51.46 -9.77 15.36
CA GLU A 653 -50.34 -8.95 14.91
C GLU A 653 -49.08 -9.18 15.72
N ASP A 654 -49.18 -9.73 16.94
CA ASP A 654 -48.02 -9.94 17.79
C ASP A 654 -47.22 -11.17 17.35
N TYR A 655 -46.73 -11.09 16.12
CA TYR A 655 -45.95 -12.18 15.53
C TYR A 655 -44.88 -11.56 14.64
N ASP A 656 -44.26 -12.39 13.81
CA ASP A 656 -43.17 -11.98 12.95
C ASP A 656 -43.43 -12.43 11.51
N PRO A 657 -42.83 -11.75 10.52
CA PRO A 657 -43.01 -12.17 9.12
C PRO A 657 -42.28 -13.47 8.81
N HIS A 668 -44.44 -15.16 5.95
CA HIS A 668 -44.81 -14.01 5.12
C HIS A 668 -43.87 -13.83 3.94
N VAL A 669 -42.60 -13.54 4.24
CA VAL A 669 -41.64 -13.22 3.18
C VAL A 669 -41.40 -14.43 2.29
N GLN A 670 -41.43 -15.64 2.87
CA GLN A 670 -41.02 -16.82 2.13
C GLN A 670 -41.96 -17.13 0.98
N GLU A 671 -43.26 -16.85 1.14
CA GLU A 671 -44.22 -17.24 0.10
C GLU A 671 -44.44 -16.12 -0.91
N VAL A 672 -44.52 -14.87 -0.44
CA VAL A 672 -44.76 -13.76 -1.35
C VAL A 672 -43.59 -13.59 -2.32
N GLN A 673 -42.36 -13.73 -1.81
CA GLN A 673 -41.19 -13.63 -2.66
C GLN A 673 -41.15 -14.76 -3.69
N GLU A 674 -41.55 -15.96 -3.28
CA GLU A 674 -41.57 -17.09 -4.22
C GLU A 674 -42.59 -16.87 -5.32
N ARG A 675 -43.79 -16.39 -4.98
CA ARG A 675 -44.78 -16.13 -6.01
C ARG A 675 -44.33 -15.01 -6.93
N LEU A 676 -43.71 -13.98 -6.37
CA LEU A 676 -43.19 -12.88 -7.18
C LEU A 676 -42.13 -13.37 -8.14
N ASN A 677 -41.20 -14.20 -7.64
CA ASN A 677 -40.13 -14.72 -8.50
C ASN A 677 -40.69 -15.66 -9.57
N PHE A 678 -41.75 -16.41 -9.24
CA PHE A 678 -42.45 -17.18 -10.26
C PHE A 678 -42.98 -16.28 -11.37
N LEU A 679 -43.66 -15.20 -10.99
CA LEU A 679 -44.13 -14.27 -12.02
C LEU A 679 -42.97 -13.71 -12.82
N ARG A 680 -41.81 -13.51 -12.18
CA ARG A 680 -40.71 -12.86 -12.89
C ARG A 680 -40.10 -13.80 -13.90
N PHE A 681 -39.79 -15.03 -13.48
CA PHE A 681 -39.24 -16.01 -14.39
C PHE A 681 -40.20 -16.30 -15.53
N LEU A 682 -41.50 -16.43 -15.22
CA LEU A 682 -42.47 -16.70 -16.27
C LEU A 682 -42.55 -15.55 -17.26
N LEU A 683 -42.47 -14.31 -16.77
CA LEU A 683 -42.56 -13.12 -17.63
C LEU A 683 -41.16 -12.59 -17.97
N LYS A 684 -40.36 -13.45 -18.60
CA LYS A 684 -39.05 -13.05 -19.11
C LYS A 684 -38.87 -13.27 -20.60
N ASP A 685 -39.34 -14.41 -21.13
CA ASP A 685 -39.10 -14.73 -22.52
C ASP A 685 -40.34 -15.25 -23.23
N GLY A 686 -41.51 -15.15 -22.60
CA GLY A 686 -42.74 -15.57 -23.26
C GLY A 686 -43.32 -14.56 -24.23
N GLN A 687 -42.71 -13.38 -24.33
CA GLN A 687 -43.15 -12.29 -25.21
C GLN A 687 -44.56 -11.82 -24.89
N LEU A 688 -45.04 -12.04 -23.66
CA LEU A 688 -46.35 -11.60 -23.23
C LEU A 688 -46.29 -10.19 -22.66
N TRP A 689 -47.36 -9.45 -22.86
CA TRP A 689 -47.52 -8.11 -22.31
C TRP A 689 -48.42 -8.17 -21.08
N LEU A 690 -47.92 -7.68 -19.96
CA LEU A 690 -48.68 -7.72 -18.71
C LEU A 690 -49.84 -6.74 -18.81
N CYS A 691 -51.05 -7.26 -18.96
CA CYS A 691 -52.22 -6.43 -19.14
C CYS A 691 -52.54 -5.64 -17.88
N ALA A 692 -53.30 -4.56 -18.07
CA ALA A 692 -53.66 -3.69 -16.94
C ALA A 692 -54.47 -4.38 -15.86
N PRO A 693 -55.54 -5.18 -16.16
CA PRO A 693 -56.38 -5.72 -15.09
C PRO A 693 -55.63 -6.49 -14.02
N GLN A 694 -54.79 -7.45 -14.43
CA GLN A 694 -53.98 -8.15 -13.44
C GLN A 694 -52.98 -7.22 -12.79
N ALA A 695 -52.45 -6.24 -13.54
CA ALA A 695 -51.55 -5.25 -12.95
C ALA A 695 -52.26 -4.44 -11.88
N LYS A 696 -53.50 -4.02 -12.14
CA LYS A 696 -54.30 -3.37 -11.11
C LYS A 696 -54.47 -4.26 -9.89
N GLN A 697 -54.94 -5.49 -10.11
CA GLN A 697 -55.26 -6.37 -8.98
C GLN A 697 -54.02 -6.80 -8.21
N ILE A 698 -52.83 -6.64 -8.80
CA ILE A 698 -51.62 -7.06 -8.11
C ILE A 698 -50.83 -5.86 -7.61
N TRP A 699 -51.22 -4.65 -8.00
CA TRP A 699 -50.54 -3.45 -7.51
C TRP A 699 -51.33 -2.79 -6.39
N LYS A 700 -52.63 -2.55 -6.61
CA LYS A 700 -53.41 -1.82 -5.61
C LYS A 700 -53.73 -2.69 -4.40
N CYS A 701 -53.88 -4.00 -4.61
CA CYS A 701 -54.29 -4.88 -3.52
C CYS A 701 -53.13 -5.57 -2.83
N LEU A 702 -51.91 -5.47 -3.34
CA LEU A 702 -50.78 -6.18 -2.75
C LEU A 702 -50.00 -5.29 -1.77
N ALA A 703 -49.45 -4.18 -2.27
CA ALA A 703 -48.57 -3.34 -1.48
C ALA A 703 -49.20 -2.02 -1.04
N GLU A 704 -50.05 -1.43 -1.89
CA GLU A 704 -50.69 -0.17 -1.53
C GLU A 704 -51.55 -0.33 -0.28
N ASN A 705 -52.30 -1.42 -0.21
CA ASN A 705 -53.09 -1.76 0.97
C ASN A 705 -52.50 -3.06 1.51
N ALA A 706 -51.46 -2.94 2.33
CA ALA A 706 -50.73 -4.07 2.87
C ALA A 706 -50.62 -3.93 4.40
N VAL A 707 -49.88 -4.86 5.00
CA VAL A 707 -49.68 -4.86 6.45
C VAL A 707 -48.19 -4.77 6.78
N TYR A 708 -47.43 -5.75 6.33
CA TYR A 708 -46.01 -5.79 6.63
C TYR A 708 -45.23 -4.87 5.69
N LEU A 709 -44.22 -4.20 6.24
CA LEU A 709 -43.38 -3.33 5.42
C LEU A 709 -42.50 -4.12 4.47
N CYS A 710 -42.26 -5.40 4.77
CA CYS A 710 -41.45 -6.22 3.88
C CYS A 710 -42.17 -6.54 2.58
N ASP A 711 -43.51 -6.62 2.61
CA ASP A 711 -44.27 -6.83 1.40
C ASP A 711 -44.12 -5.65 0.45
N ARG A 712 -44.11 -4.43 0.99
CA ARG A 712 -43.86 -3.26 0.17
C ARG A 712 -42.46 -3.28 -0.43
N GLU A 713 -41.47 -3.74 0.36
CA GLU A 713 -40.13 -3.91 -0.18
C GLU A 713 -40.11 -4.90 -1.34
N ALA A 714 -40.83 -6.02 -1.19
CA ALA A 714 -40.88 -7.02 -2.25
C ALA A 714 -41.53 -6.44 -3.51
N CYS A 715 -42.62 -5.68 -3.34
CA CYS A 715 -43.29 -5.11 -4.49
C CYS A 715 -42.42 -4.07 -5.20
N PHE A 716 -41.70 -3.25 -4.43
CA PHE A 716 -40.81 -2.26 -5.04
C PHE A 716 -39.66 -2.94 -5.77
N LYS A 717 -39.06 -3.98 -5.18
CA LYS A 717 -38.02 -4.72 -5.87
C LYS A 717 -38.55 -5.37 -7.14
N TRP A 718 -39.78 -5.87 -7.09
CA TRP A 718 -40.48 -6.35 -8.27
C TRP A 718 -40.58 -5.30 -9.37
N TYR A 719 -41.17 -4.15 -9.06
CA TYR A 719 -41.36 -3.16 -10.13
C TYR A 719 -40.03 -2.54 -10.54
N SER A 720 -38.99 -2.72 -9.74
CA SER A 720 -37.65 -2.37 -10.19
C SER A 720 -37.12 -3.37 -11.21
N LYS A 721 -37.24 -4.67 -10.91
CA LYS A 721 -36.63 -5.68 -11.77
C LYS A 721 -37.41 -5.87 -13.07
N LEU A 722 -38.74 -5.71 -13.01
CA LEU A 722 -39.58 -6.01 -14.16
C LEU A 722 -39.26 -5.12 -15.35
N MET A 723 -39.06 -3.83 -15.12
CA MET A 723 -39.00 -2.88 -16.21
C MET A 723 -37.58 -2.47 -16.58
N GLY A 724 -36.56 -3.19 -16.11
CA GLY A 724 -35.20 -2.84 -16.42
C GLY A 724 -34.86 -2.89 -17.89
N ASP A 725 -34.68 -1.70 -18.49
CA ASP A 725 -34.21 -1.55 -19.86
C ASP A 725 -35.17 -2.10 -20.90
N GLU A 726 -36.34 -2.59 -20.48
CA GLU A 726 -37.29 -3.13 -21.44
C GLU A 726 -38.68 -3.16 -20.82
N PRO A 727 -39.69 -2.61 -21.50
CA PRO A 727 -41.06 -2.66 -20.96
C PRO A 727 -41.65 -4.05 -21.04
N ASP A 728 -42.57 -4.34 -20.12
CA ASP A 728 -43.35 -5.57 -20.15
C ASP A 728 -44.84 -5.34 -19.99
N LEU A 729 -45.30 -4.09 -19.92
CA LEU A 729 -46.71 -3.78 -19.79
C LEU A 729 -47.29 -2.97 -20.93
N ASP A 730 -46.48 -2.65 -21.96
CA ASP A 730 -46.85 -1.82 -23.11
C ASP A 730 -46.90 -0.36 -22.67
N PRO A 731 -46.47 0.59 -23.52
CA PRO A 731 -46.43 2.00 -23.09
C PRO A 731 -47.79 2.55 -22.67
N ASP A 732 -48.88 2.10 -23.30
CA ASP A 732 -50.19 2.64 -22.95
C ASP A 732 -50.58 2.30 -21.52
N ILE A 733 -50.45 1.02 -21.15
CA ILE A 733 -50.82 0.58 -19.81
C ILE A 733 -49.89 1.20 -18.77
N ASN A 734 -48.61 1.38 -19.09
CA ASN A 734 -47.69 2.05 -18.16
C ASN A 734 -48.12 3.49 -17.91
N LYS A 735 -48.35 4.25 -18.99
CA LYS A 735 -48.83 5.62 -18.86
C LYS A 735 -50.17 5.67 -18.15
N ASP A 736 -50.92 4.56 -18.17
CA ASP A 736 -52.15 4.51 -17.39
C ASP A 736 -51.86 4.37 -15.91
N PHE A 737 -51.19 3.28 -15.51
CA PHE A 737 -51.17 2.95 -14.09
C PHE A 737 -50.18 3.80 -13.31
N PHE A 738 -49.06 4.21 -13.93
CA PHE A 738 -48.10 5.05 -13.21
C PHE A 738 -48.72 6.38 -12.81
N GLU A 739 -49.49 7.00 -13.71
CA GLU A 739 -50.22 8.21 -13.37
C GLU A 739 -51.46 7.94 -12.52
N SER A 740 -52.03 6.74 -12.62
CA SER A 740 -53.25 6.46 -11.85
C SER A 740 -52.95 6.26 -10.37
N ASN A 741 -52.04 5.33 -10.05
CA ASN A 741 -51.83 4.95 -8.65
C ASN A 741 -50.39 4.98 -8.17
N VAL A 742 -49.40 4.85 -9.06
CA VAL A 742 -48.01 4.92 -8.61
C VAL A 742 -47.69 6.32 -8.10
N LEU A 743 -48.09 7.35 -8.84
CA LEU A 743 -47.94 8.72 -8.39
C LEU A 743 -48.93 9.10 -7.31
N GLN A 744 -50.03 8.36 -7.19
CA GLN A 744 -51.04 8.59 -6.15
C GLN A 744 -50.60 8.06 -4.80
N LEU A 745 -49.52 7.28 -4.76
CA LEU A 745 -49.00 6.75 -3.50
C LEU A 745 -48.45 7.88 -2.63
N ASP A 746 -48.66 7.77 -1.33
CA ASP A 746 -48.13 8.75 -0.39
C ASP A 746 -46.62 8.60 -0.30
N PRO A 747 -45.85 9.65 -0.61
CA PRO A 747 -44.39 9.54 -0.50
C PRO A 747 -43.88 9.31 0.90
N SER A 748 -44.69 9.57 1.93
CA SER A 748 -44.26 9.32 3.30
C SER A 748 -44.03 7.83 3.57
N LEU A 749 -44.58 6.95 2.73
CA LEU A 749 -44.37 5.51 2.83
C LEU A 749 -43.72 5.06 1.52
N LEU A 750 -42.39 5.15 1.47
CA LEU A 750 -41.64 4.82 0.27
C LEU A 750 -40.18 4.65 0.65
N THR A 751 -39.51 3.69 0.01
CA THR A 751 -38.19 3.25 0.46
C THR A 751 -37.23 3.28 -0.72
N GLU A 752 -36.03 2.72 -0.50
CA GLU A 752 -34.93 2.84 -1.46
C GLU A 752 -35.27 2.17 -2.79
N ASN A 753 -35.84 0.97 -2.75
CA ASN A 753 -36.25 0.32 -3.99
C ASN A 753 -37.28 1.16 -4.72
N GLY A 754 -38.12 1.86 -3.97
CA GLY A 754 -39.04 2.80 -4.57
C GLY A 754 -38.34 3.88 -5.35
N MET A 755 -37.15 4.31 -4.90
CA MET A 755 -36.41 5.32 -5.64
C MET A 755 -36.06 4.85 -7.03
N LYS A 756 -35.43 3.68 -7.16
CA LYS A 756 -35.01 3.23 -8.49
C LYS A 756 -36.21 2.87 -9.36
N CYS A 757 -37.25 2.27 -8.76
CA CYS A 757 -38.44 1.97 -9.55
C CYS A 757 -39.08 3.26 -10.05
N PHE A 758 -39.12 4.29 -9.21
CA PHE A 758 -39.77 5.55 -9.55
C PHE A 758 -38.97 6.30 -10.60
N GLU A 759 -37.63 6.23 -10.50
CA GLU A 759 -36.77 6.79 -11.54
C GLU A 759 -37.04 6.14 -12.89
N ARG A 760 -37.07 4.81 -12.92
CA ARG A 760 -37.27 4.13 -14.19
C ARG A 760 -38.69 4.38 -14.72
N PHE A 761 -39.65 4.58 -13.80
CA PHE A 761 -41.00 4.95 -14.23
C PHE A 761 -40.99 6.29 -14.94
N PHE A 762 -40.34 7.31 -14.35
CA PHE A 762 -40.14 8.57 -15.05
C PHE A 762 -39.51 8.36 -16.42
N LYS A 763 -38.40 7.64 -16.47
CA LYS A 763 -37.64 7.52 -17.72
C LYS A 763 -38.49 6.85 -18.80
N ALA A 764 -39.10 5.71 -18.47
CA ALA A 764 -39.89 4.98 -19.46
C ALA A 764 -41.10 5.77 -19.91
N VAL A 765 -41.83 6.37 -18.96
CA VAL A 765 -43.05 7.09 -19.34
C VAL A 765 -42.72 8.32 -20.17
N ASN A 766 -41.68 9.06 -19.78
CA ASN A 766 -41.41 10.33 -20.43
C ASN A 766 -40.71 10.16 -21.77
N CYS A 767 -39.95 9.07 -21.95
CA CYS A 767 -39.26 8.84 -23.22
C CYS A 767 -40.16 8.23 -24.29
N ARG A 768 -41.39 7.87 -23.96
CA ARG A 768 -42.30 7.33 -24.96
C ARG A 768 -43.19 8.40 -25.58
N GLU A 769 -43.72 9.31 -24.75
CA GLU A 769 -44.54 10.41 -25.24
C GLU A 769 -43.81 11.33 -26.20
N GLY A 770 -42.49 11.50 -26.01
CA GLY A 770 -41.73 12.41 -26.83
C GLY A 770 -41.27 13.62 -26.05
N LYS A 771 -41.03 13.44 -24.74
CA LYS A 771 -40.56 14.51 -23.88
C LYS A 771 -39.11 14.36 -23.47
N LEU A 772 -38.57 13.14 -23.46
CA LEU A 772 -37.18 12.91 -23.11
C LEU A 772 -36.55 12.04 -24.18
N VAL A 773 -35.22 12.07 -24.25
CA VAL A 773 -34.45 11.18 -25.12
C VAL A 773 -33.40 10.48 -24.27
N ALA A 774 -33.27 9.17 -24.45
CA ALA A 774 -32.36 8.39 -23.63
C ALA A 774 -30.91 8.78 -23.84
N LYS A 775 -30.54 9.07 -25.10
CA LYS A 775 -29.17 9.46 -25.49
C LYS A 775 -28.24 8.33 -25.05
N ARG A 776 -27.11 8.61 -24.41
CA ARG A 776 -26.18 7.54 -24.05
C ARG A 776 -26.60 6.83 -22.77
N ARG A 777 -26.56 7.53 -21.63
CA ARG A 777 -27.05 7.01 -20.36
C ARG A 777 -28.13 7.88 -19.74
N ALA A 778 -27.85 9.17 -19.56
CA ALA A 778 -28.79 10.07 -18.90
C ALA A 778 -29.94 10.39 -19.83
N TYR A 779 -31.17 10.19 -19.34
CA TYR A 779 -32.37 10.43 -20.14
C TYR A 779 -32.51 11.94 -20.31
N MET A 780 -32.12 12.42 -21.49
CA MET A 780 -31.87 13.83 -21.72
C MET A 780 -33.20 14.56 -21.90
N MET A 781 -33.29 15.78 -21.35
CA MET A 781 -34.59 16.43 -21.30
C MET A 781 -34.89 17.18 -22.59
N ASP A 782 -36.16 17.13 -23.00
CA ASP A 782 -36.66 17.93 -24.12
C ASP A 782 -37.93 18.70 -23.81
N ASP A 783 -38.52 18.56 -22.62
CA ASP A 783 -39.76 19.23 -22.27
C ASP A 783 -39.61 19.86 -20.89
N LEU A 784 -40.64 20.57 -20.47
CA LEU A 784 -40.67 21.21 -19.15
C LEU A 784 -41.93 20.92 -18.35
N GLU A 785 -43.04 20.58 -19.01
CA GLU A 785 -44.29 20.28 -18.29
C GLU A 785 -44.39 18.77 -18.04
N LEU A 786 -43.65 18.32 -17.04
CA LEU A 786 -43.59 16.90 -16.72
C LEU A 786 -44.88 16.45 -16.04
N ILE A 787 -45.17 15.15 -16.19
CA ILE A 787 -46.34 14.57 -15.55
C ILE A 787 -45.97 13.98 -14.19
N GLY A 788 -44.67 13.91 -13.89
CA GLY A 788 -44.22 13.30 -12.66
C GLY A 788 -43.51 14.23 -11.71
N LEU A 789 -42.96 15.33 -12.22
CA LEU A 789 -42.29 16.30 -11.35
C LEU A 789 -43.25 16.99 -10.41
N ASP A 790 -44.56 16.91 -10.65
CA ASP A 790 -45.52 17.57 -9.79
C ASP A 790 -45.55 16.97 -8.39
N TYR A 791 -45.23 15.67 -8.28
CA TYR A 791 -45.22 15.00 -6.99
C TYR A 791 -43.84 14.51 -6.58
N LEU A 792 -42.84 14.58 -7.45
CA LEU A 792 -41.47 14.30 -7.02
C LEU A 792 -41.00 15.37 -6.04
N TRP A 793 -41.45 16.61 -6.23
CA TRP A 793 -41.26 17.64 -5.22
C TRP A 793 -41.97 17.27 -3.92
N ARG A 794 -43.16 16.68 -4.04
CA ARG A 794 -43.85 16.18 -2.85
C ARG A 794 -43.05 15.08 -2.17
N VAL A 795 -42.34 14.26 -2.96
CA VAL A 795 -41.49 13.23 -2.39
C VAL A 795 -40.33 13.84 -1.63
N VAL A 796 -39.63 14.81 -2.26
CA VAL A 796 -38.45 15.38 -1.63
C VAL A 796 -38.82 16.22 -0.41
N ILE A 797 -40.01 16.84 -0.42
CA ILE A 797 -40.39 17.68 0.70
C ILE A 797 -40.84 16.85 1.89
N GLN A 798 -41.32 15.62 1.63
CA GLN A 798 -41.86 14.74 2.67
C GLN A 798 -41.21 13.36 2.52
N SER A 799 -40.17 13.10 3.31
CA SER A 799 -39.45 11.83 3.27
C SER A 799 -38.48 11.80 4.45
N ASN A 800 -37.64 10.77 4.49
CA ASN A 800 -36.50 10.73 5.37
C ASN A 800 -35.25 11.18 4.60
N ASP A 801 -34.08 11.00 5.20
CA ASP A 801 -32.85 11.58 4.64
C ASP A 801 -32.48 10.92 3.31
N ASP A 802 -32.46 9.59 3.26
CA ASP A 802 -31.99 8.90 2.07
C ASP A 802 -32.92 9.14 0.89
N ILE A 803 -34.23 9.04 1.12
CA ILE A 803 -35.21 9.28 0.05
C ILE A 803 -35.09 10.71 -0.46
N ALA A 804 -34.92 11.66 0.46
CA ALA A 804 -34.74 13.05 0.07
C ALA A 804 -33.48 13.23 -0.76
N SER A 805 -32.39 12.57 -0.38
CA SER A 805 -31.15 12.67 -1.15
C SER A 805 -31.33 12.12 -2.56
N ARG A 806 -32.02 10.98 -2.69
CA ARG A 806 -32.26 10.41 -4.01
C ARG A 806 -33.13 11.33 -4.85
N ALA A 807 -34.17 11.92 -4.24
CA ALA A 807 -35.03 12.84 -4.98
C ALA A 807 -34.27 14.08 -5.41
N ILE A 808 -33.38 14.59 -4.55
CA ILE A 808 -32.55 15.74 -4.92
C ILE A 808 -31.64 15.38 -6.09
N ASP A 809 -31.06 14.17 -6.06
CA ASP A 809 -30.23 13.72 -7.16
C ASP A 809 -31.03 13.66 -8.46
N LEU A 810 -32.27 13.15 -8.37
CA LEU A 810 -33.13 13.10 -9.55
C LEU A 810 -33.42 14.49 -10.09
N LEU A 811 -33.78 15.42 -9.22
CA LEU A 811 -34.10 16.78 -9.66
C LEU A 811 -32.89 17.45 -10.29
N LYS A 812 -31.71 17.28 -9.70
CA LYS A 812 -30.52 17.93 -10.26
C LYS A 812 -30.13 17.28 -11.58
N GLU A 813 -30.28 15.97 -11.72
CA GLU A 813 -29.88 15.33 -12.98
C GLU A 813 -30.91 15.56 -14.07
N ILE A 814 -32.14 15.92 -13.70
CA ILE A 814 -33.15 16.17 -14.72
C ILE A 814 -33.17 17.65 -15.11
N TYR A 815 -32.77 18.54 -14.20
CA TYR A 815 -32.88 19.97 -14.48
C TYR A 815 -31.60 20.55 -15.08
N THR A 816 -30.44 20.22 -14.51
CA THR A 816 -29.21 20.92 -14.86
C THR A 816 -28.81 20.70 -16.31
N ASN A 817 -28.96 19.46 -16.81
CA ASN A 817 -28.51 19.12 -18.16
C ASN A 817 -29.56 19.54 -19.17
N LEU A 818 -29.20 20.43 -20.09
CA LEU A 818 -30.09 20.91 -21.14
C LEU A 818 -29.48 20.62 -22.50
N GLY A 819 -30.30 20.11 -23.42
CA GLY A 819 -29.80 19.68 -24.70
C GLY A 819 -30.37 20.46 -25.85
N PRO A 820 -30.41 19.85 -27.03
CA PRO A 820 -30.91 20.55 -28.22
C PRO A 820 -32.38 20.89 -28.10
N ARG A 821 -32.78 21.92 -28.85
CA ARG A 821 -34.13 22.48 -28.89
C ARG A 821 -34.46 23.24 -27.61
N LEU A 822 -33.58 23.15 -26.62
CA LEU A 822 -33.68 23.96 -25.42
C LEU A 822 -32.33 24.52 -24.97
N GLN A 823 -31.25 24.28 -25.73
CA GLN A 823 -29.93 24.74 -25.33
C GLN A 823 -29.78 26.25 -25.38
N VAL A 824 -30.69 26.95 -26.07
CA VAL A 824 -30.65 28.40 -26.15
C VAL A 824 -31.44 29.06 -25.02
N ASN A 825 -32.03 28.28 -24.13
CA ASN A 825 -32.90 28.83 -23.10
C ASN A 825 -32.39 28.52 -21.69
N GLN A 826 -31.09 28.75 -21.44
CA GLN A 826 -30.56 28.57 -20.09
C GLN A 826 -31.25 29.52 -19.10
N VAL A 827 -31.32 30.80 -19.46
CA VAL A 827 -31.70 31.83 -18.49
C VAL A 827 -33.12 31.60 -17.99
N VAL A 828 -34.05 31.31 -18.90
CA VAL A 828 -35.46 31.22 -18.54
C VAL A 828 -35.70 30.07 -17.57
N ILE A 829 -35.19 28.89 -17.89
CA ILE A 829 -35.44 27.71 -17.06
C ILE A 829 -34.78 27.86 -15.69
N HIS A 830 -33.52 28.29 -15.67
CA HIS A 830 -32.83 28.47 -14.39
C HIS A 830 -33.53 29.50 -13.52
N GLU A 831 -33.92 30.64 -14.11
CA GLU A 831 -34.58 31.68 -13.34
C GLU A 831 -35.92 31.22 -12.81
N ASP A 832 -36.70 30.52 -13.64
CA ASP A 832 -38.00 30.03 -13.21
C ASP A 832 -37.84 29.02 -12.07
N PHE A 833 -36.88 28.11 -12.21
CA PHE A 833 -36.62 27.14 -11.15
C PHE A 833 -36.27 27.82 -9.84
N ILE A 834 -35.33 28.78 -9.89
CA ILE A 834 -34.89 29.46 -8.67
C ILE A 834 -36.04 30.23 -8.04
N GLN A 835 -36.81 30.96 -8.86
CA GLN A 835 -37.91 31.75 -8.33
C GLN A 835 -38.98 30.88 -7.69
N SER A 836 -39.39 29.81 -8.37
CA SER A 836 -40.41 28.93 -7.80
C SER A 836 -39.93 28.28 -6.52
N CYS A 837 -38.67 27.85 -6.50
CA CYS A 837 -38.14 27.16 -5.33
C CYS A 837 -38.01 28.10 -4.15
N PHE A 838 -37.58 29.35 -4.40
CA PHE A 838 -37.54 30.35 -3.33
C PHE A 838 -38.94 30.70 -2.84
N ASP A 839 -39.92 30.70 -3.74
CA ASP A 839 -41.30 30.93 -3.31
C ASP A 839 -41.79 29.81 -2.40
N ARG A 840 -41.43 28.56 -2.72
CA ARG A 840 -41.76 27.45 -1.82
C ARG A 840 -41.07 27.62 -0.47
N LEU A 841 -39.81 28.05 -0.49
CA LEU A 841 -39.09 28.29 0.76
C LEU A 841 -39.76 29.37 1.60
N LYS A 842 -40.21 30.46 0.96
CA LYS A 842 -40.92 31.50 1.67
C LYS A 842 -42.24 31.00 2.25
N ALA A 843 -42.97 30.19 1.46
CA ALA A 843 -44.21 29.63 1.95
C ALA A 843 -43.99 28.76 3.18
N SER A 844 -42.89 28.00 3.19
CA SER A 844 -42.53 27.27 4.40
C SER A 844 -42.13 28.21 5.53
N TYR A 845 -41.46 29.31 5.19
CA TYR A 845 -40.95 30.23 6.21
C TYR A 845 -42.08 30.90 6.97
N ASP A 846 -43.11 31.35 6.26
CA ASP A 846 -44.16 32.13 6.91
C ASP A 846 -44.95 31.33 7.93
N THR A 847 -44.83 30.00 7.92
CA THR A 847 -45.56 29.16 8.87
C THR A 847 -44.91 29.19 10.24
N LEU A 848 -43.58 29.35 10.31
CA LEU A 848 -42.87 29.24 11.58
C LEU A 848 -43.33 30.31 12.57
N CYS A 849 -43.32 31.57 12.15
CA CYS A 849 -43.64 32.67 13.04
C CYS A 849 -45.13 32.69 13.39
N CYS A 860 -45.00 21.20 15.21
CA CYS A 860 -44.87 21.10 13.76
C CYS A 860 -43.69 21.93 13.27
N ALA A 861 -43.01 22.60 14.20
CA ALA A 861 -41.91 23.48 13.83
C ALA A 861 -40.70 22.71 13.32
N ARG A 862 -40.36 21.58 13.94
CA ARG A 862 -39.07 20.94 13.70
C ARG A 862 -38.98 20.34 12.30
N GLN A 863 -40.04 19.73 11.79
CA GLN A 863 -39.93 19.08 10.48
C GLN A 863 -39.77 20.09 9.35
N GLU A 864 -40.46 21.24 9.46
CA GLU A 864 -40.28 22.29 8.45
C GLU A 864 -38.83 22.77 8.38
N ALA A 865 -38.08 22.63 9.47
CA ALA A 865 -36.64 22.87 9.40
C ALA A 865 -35.99 21.90 8.42
N VAL A 866 -36.40 20.63 8.47
CA VAL A 866 -35.88 19.65 7.53
C VAL A 866 -36.33 19.97 6.12
N ARG A 867 -37.56 20.48 5.96
CA ARG A 867 -38.02 20.93 4.66
C ARG A 867 -37.11 22.01 4.10
N MET A 868 -36.79 23.01 4.92
CA MET A 868 -35.88 24.08 4.49
C MET A 868 -34.50 23.53 4.15
N VAL A 869 -33.98 22.62 4.97
CA VAL A 869 -32.65 22.07 4.74
C VAL A 869 -32.62 21.31 3.41
N ARG A 870 -33.64 20.50 3.17
CA ARG A 870 -33.71 19.74 1.92
C ARG A 870 -33.84 20.65 0.71
N VAL A 871 -34.67 21.70 0.81
CA VAL A 871 -34.85 22.58 -0.34
C VAL A 871 -33.57 23.38 -0.61
N LEU A 872 -32.86 23.79 0.44
CA LEU A 872 -31.58 24.45 0.24
C LEU A 872 -30.54 23.48 -0.30
N THR A 873 -30.62 22.20 0.05
CA THR A 873 -29.77 21.20 -0.57
C THR A 873 -30.07 21.08 -2.07
N VAL A 874 -31.35 21.17 -2.42
CA VAL A 874 -31.73 21.19 -3.84
C VAL A 874 -31.05 22.35 -4.54
N LEU A 875 -31.12 23.55 -3.93
CA LEU A 875 -30.43 24.70 -4.50
C LEU A 875 -28.94 24.44 -4.65
N ARG A 876 -28.29 23.99 -3.59
CA ARG A 876 -26.83 23.89 -3.61
C ARG A 876 -26.39 22.88 -4.66
N GLU A 877 -27.07 21.74 -4.75
CA GLU A 877 -26.73 20.77 -5.78
C GLU A 877 -27.00 21.32 -7.18
N TYR A 878 -28.11 22.04 -7.34
CA TYR A 878 -28.47 22.57 -8.65
C TYR A 878 -27.38 23.49 -9.17
N ILE A 879 -26.92 24.43 -8.32
CA ILE A 879 -25.78 25.24 -8.71
C ILE A 879 -24.48 24.43 -8.80
N ASN A 880 -24.34 23.36 -8.03
CA ASN A 880 -23.14 22.53 -8.12
C ASN A 880 -22.98 21.95 -9.53
N GLU A 881 -24.07 21.52 -10.14
CA GLU A 881 -23.95 21.01 -11.50
C GLU A 881 -24.04 22.10 -12.56
N CYS A 882 -24.40 23.33 -12.19
CA CYS A 882 -24.43 24.42 -13.17
C CYS A 882 -23.03 24.78 -13.65
N ASP A 883 -22.10 25.01 -12.73
CA ASP A 883 -20.79 25.52 -13.11
C ASP A 883 -19.99 24.47 -13.88
N SER A 884 -20.07 23.21 -13.47
CA SER A 884 -19.33 22.14 -14.12
C SER A 884 -20.07 21.64 -15.36
N SER A 1030 -28.63 35.43 -7.64
CA SER A 1030 -27.40 36.21 -7.77
C SER A 1030 -27.71 37.62 -8.27
N LEU A 1031 -28.23 37.70 -9.50
CA LEU A 1031 -28.57 39.00 -10.07
C LEU A 1031 -29.68 39.69 -9.29
N HIS A 1032 -30.69 38.93 -8.86
CA HIS A 1032 -31.79 39.51 -8.09
C HIS A 1032 -31.34 39.80 -6.67
N PRO A 1033 -31.40 41.05 -6.21
CA PRO A 1033 -31.04 41.32 -4.80
C PRO A 1033 -31.96 40.65 -3.81
N ARG A 1034 -33.20 40.35 -4.21
CA ARG A 1034 -34.15 39.74 -3.29
C ARG A 1034 -33.76 38.32 -2.90
N TYR A 1035 -33.01 37.62 -3.76
CA TYR A 1035 -32.61 36.25 -3.48
C TYR A 1035 -31.71 36.15 -2.27
N ILE A 1036 -30.79 37.09 -2.08
CA ILE A 1036 -29.90 37.07 -0.92
C ILE A 1036 -30.59 37.77 0.24
N SER A 1037 -31.48 38.72 -0.08
CA SER A 1037 -32.20 39.43 0.97
C SER A 1037 -33.10 38.49 1.76
N PHE A 1038 -33.77 37.57 1.07
CA PHE A 1038 -34.59 36.57 1.78
C PHE A 1038 -33.71 35.57 2.52
N LEU A 1039 -32.59 35.17 1.91
CA LEU A 1039 -31.76 34.16 2.53
C LEU A 1039 -31.05 34.70 3.78
N TRP A 1040 -30.83 36.01 3.83
CA TRP A 1040 -30.33 36.63 5.06
C TRP A 1040 -31.28 36.36 6.22
N GLN A 1041 -32.57 36.64 6.02
CA GLN A 1041 -33.57 36.38 7.06
C GLN A 1041 -33.72 34.89 7.33
N VAL A 1042 -33.56 34.05 6.30
CA VAL A 1042 -33.63 32.61 6.50
C VAL A 1042 -32.53 32.16 7.45
N ALA A 1043 -31.30 32.63 7.22
CA ALA A 1043 -30.19 32.30 8.10
C ALA A 1043 -30.37 32.92 9.48
N ASP A 1044 -31.00 34.10 9.55
CA ASP A 1044 -31.24 34.73 10.85
C ASP A 1044 -32.16 33.87 11.71
N LEU A 1045 -33.18 33.27 11.11
CA LEU A 1045 -34.05 32.37 11.87
C LEU A 1045 -33.32 31.11 12.31
N GLY A 1046 -32.27 30.74 11.59
CA GLY A 1046 -31.51 29.55 11.97
C GLY A 1046 -30.93 29.65 13.36
N SER A 1047 -30.45 30.84 13.73
CA SER A 1047 -29.97 31.06 15.09
C SER A 1047 -31.07 31.54 16.03
N SER A 1048 -32.21 31.98 15.48
CA SER A 1048 -33.30 32.45 16.33
C SER A 1048 -33.88 31.30 17.14
N LEU A 1049 -34.18 30.18 16.50
CA LEU A 1049 -34.69 29.00 17.18
C LEU A 1049 -33.64 27.91 17.31
N ASN A 1050 -32.38 28.23 17.04
CA ASN A 1050 -31.24 27.34 17.30
C ASN A 1050 -31.30 26.07 16.42
N MET A 1051 -31.27 26.30 15.11
CA MET A 1051 -31.26 25.21 14.14
C MET A 1051 -29.91 25.15 13.45
N PRO A 1052 -29.08 24.14 13.70
CA PRO A 1052 -27.74 24.10 13.11
C PRO A 1052 -27.76 24.05 11.59
N PRO A 1053 -28.43 23.06 10.97
CA PRO A 1053 -28.24 22.89 9.52
C PRO A 1053 -28.72 24.07 8.70
N LEU A 1054 -29.68 24.84 9.20
CA LEU A 1054 -30.19 26.00 8.45
C LEU A 1054 -29.08 27.00 8.16
N ARG A 1055 -28.35 27.40 9.21
CA ARG A 1055 -27.30 28.40 9.04
C ARG A 1055 -26.20 27.87 8.13
N ASP A 1056 -25.77 26.62 8.34
CA ASP A 1056 -24.71 26.06 7.53
C ASP A 1056 -25.11 26.00 6.06
N GLY A 1057 -26.33 25.55 5.78
CA GLY A 1057 -26.79 25.49 4.41
C GLY A 1057 -26.88 26.86 3.77
N ALA A 1058 -27.43 27.84 4.49
CA ALA A 1058 -27.54 29.18 3.96
C ALA A 1058 -26.16 29.77 3.65
N ARG A 1059 -25.22 29.61 4.58
CA ARG A 1059 -23.88 30.16 4.38
C ARG A 1059 -23.16 29.46 3.23
N VAL A 1060 -23.33 28.15 3.10
CA VAL A 1060 -22.71 27.42 1.99
C VAL A 1060 -23.28 27.89 0.66
N LEU A 1061 -24.61 28.10 0.60
CA LEU A 1061 -25.23 28.60 -0.62
C LEU A 1061 -24.72 30.00 -0.95
N MET A 1062 -24.57 30.86 0.06
CA MET A 1062 -24.04 32.19 -0.16
C MET A 1062 -22.61 32.14 -0.69
N LYS A 1063 -21.77 31.29 -0.10
CA LYS A 1063 -20.37 31.21 -0.53
C LYS A 1063 -20.25 30.70 -1.95
N LEU A 1064 -21.02 29.67 -2.30
CA LEU A 1064 -21.01 29.12 -3.66
C LEU A 1064 -21.88 29.98 -4.58
N MET A 1065 -21.46 31.22 -4.73
CA MET A 1065 -22.18 32.22 -5.50
C MET A 1065 -21.28 33.43 -5.76
N PRO A 1066 -21.25 33.97 -6.97
CA PRO A 1066 -20.56 35.23 -7.21
C PRO A 1066 -21.10 36.31 -6.30
N PRO A 1067 -20.25 37.25 -5.87
CA PRO A 1067 -20.73 38.30 -4.96
C PRO A 1067 -21.89 39.07 -5.55
N ASP A 1068 -22.83 39.44 -4.69
CA ASP A 1068 -24.04 40.13 -5.13
C ASP A 1068 -23.68 41.46 -5.80
N SER A 1069 -24.29 41.71 -6.96
CA SER A 1069 -23.95 42.91 -7.73
C SER A 1069 -24.35 44.18 -6.99
N THR A 1070 -25.50 44.17 -6.33
CA THR A 1070 -25.96 45.35 -5.62
C THR A 1070 -25.04 45.68 -4.43
N THR A 1071 -24.62 44.67 -3.69
CA THR A 1071 -23.84 44.91 -2.48
C THR A 1071 -22.46 45.48 -2.82
N ILE A 1072 -21.78 44.90 -3.81
CA ILE A 1072 -20.43 45.37 -4.14
C ILE A 1072 -20.47 46.81 -4.64
N GLU A 1073 -21.42 47.13 -5.51
CA GLU A 1073 -21.51 48.50 -6.02
C GLU A 1073 -21.93 49.47 -4.93
N LYS A 1074 -22.78 49.02 -4.00
CA LYS A 1074 -23.17 49.90 -2.89
C LYS A 1074 -21.98 50.20 -1.99
N LEU A 1075 -21.20 49.20 -1.63
CA LEU A 1075 -20.01 49.43 -0.81
C LEU A 1075 -19.02 50.32 -1.54
N ARG A 1076 -18.78 50.09 -2.83
CA ARG A 1076 -17.84 50.93 -3.55
C ARG A 1076 -18.34 52.37 -3.66
N ALA A 1077 -19.65 52.57 -3.89
CA ALA A 1077 -20.19 53.92 -3.97
C ALA A 1077 -20.08 54.64 -2.62
N ILE A 1078 -20.35 53.93 -1.53
CA ILE A 1078 -20.24 54.54 -0.20
C ILE A 1078 -18.78 54.91 0.08
N CYS A 1079 -17.84 54.01 -0.26
CA CYS A 1079 -16.43 54.30 -0.04
C CYS A 1079 -15.98 55.51 -0.85
N LEU A 1080 -16.43 55.60 -2.11
CA LEU A 1080 -16.10 56.77 -2.92
C LEU A 1080 -16.72 58.04 -2.36
N ASP A 1081 -17.95 57.95 -1.85
CA ASP A 1081 -18.63 59.12 -1.30
C ASP A 1081 -17.88 59.65 -0.07
N HIS A 1082 -17.50 58.77 0.85
CA HIS A 1082 -16.81 59.21 2.06
C HIS A 1082 -15.35 59.56 1.81
N ALA A 1083 -14.77 59.11 0.70
CA ALA A 1083 -13.40 59.46 0.36
C ALA A 1083 -13.27 60.87 -0.21
N LYS A 1084 -14.37 61.45 -0.67
CA LYS A 1084 -14.35 62.81 -1.21
C LYS A 1084 -15.57 63.59 -0.72
N LEU A 1094 -20.95 55.06 6.96
CA LEU A 1094 -20.43 53.73 6.66
C LEU A 1094 -20.55 52.84 7.89
N ASP A 1095 -20.78 53.47 9.03
CA ASP A 1095 -20.93 52.71 10.28
C ASP A 1095 -22.13 51.77 10.21
N SER A 1096 -23.27 52.27 9.71
CA SER A 1096 -24.48 51.46 9.67
C SER A 1096 -24.36 50.32 8.66
N LEU A 1097 -23.44 50.42 7.70
CA LEU A 1097 -23.23 49.33 6.75
C LEU A 1097 -22.72 48.08 7.45
N PHE A 1098 -21.72 48.23 8.31
CA PHE A 1098 -21.20 47.11 9.09
C PHE A 1098 -21.92 46.91 10.41
N PHE A 1099 -22.83 47.82 10.79
CA PHE A 1099 -23.55 47.73 12.05
C PHE A 1099 -25.04 47.66 11.80
N GLY A 1100 -25.44 47.04 10.69
CA GLY A 1100 -26.83 46.85 10.39
C GLY A 1100 -27.50 45.91 11.38
N PRO A 1101 -28.80 46.07 11.58
CA PRO A 1101 -29.47 45.27 12.62
C PRO A 1101 -29.71 43.80 12.29
N SER A 1102 -29.63 43.40 11.02
CA SER A 1102 -29.71 41.98 10.69
C SER A 1102 -28.37 41.31 10.95
N ALA A 1103 -28.42 40.13 11.56
CA ALA A 1103 -27.20 39.48 12.04
C ALA A 1103 -26.40 38.86 10.90
N SER A 1104 -27.03 37.97 10.13
CA SER A 1104 -26.28 37.19 9.15
C SER A 1104 -25.88 38.02 7.94
N GLN A 1105 -26.48 39.20 7.74
CA GLN A 1105 -26.08 40.02 6.61
C GLN A 1105 -24.75 40.72 6.88
N VAL A 1106 -24.44 40.99 8.14
CA VAL A 1106 -23.14 41.58 8.48
C VAL A 1106 -22.01 40.59 8.18
N LEU A 1107 -22.21 39.32 8.54
CA LEU A 1107 -21.18 38.32 8.28
C LEU A 1107 -20.97 38.12 6.78
N TYR A 1108 -22.06 38.06 6.01
CA TYR A 1108 -21.94 37.95 4.56
C TYR A 1108 -21.28 39.19 3.97
N LEU A 1109 -21.57 40.36 4.53
CA LEU A 1109 -20.99 41.60 4.00
C LEU A 1109 -19.49 41.64 4.29
N THR A 1110 -19.10 41.15 5.47
CA THR A 1110 -17.66 41.02 5.76
C THR A 1110 -17.00 40.03 4.82
N GLU A 1111 -17.68 38.93 4.51
CA GLU A 1111 -17.14 37.98 3.54
C GLU A 1111 -16.93 38.62 2.18
N VAL A 1112 -17.91 39.38 1.69
CA VAL A 1112 -17.77 39.99 0.38
C VAL A 1112 -16.70 41.08 0.42
N VAL A 1113 -16.58 41.78 1.54
CA VAL A 1113 -15.52 42.78 1.68
C VAL A 1113 -14.14 42.11 1.56
N TYR A 1114 -13.94 41.01 2.30
CA TYR A 1114 -12.67 40.30 2.19
C TYR A 1114 -12.46 39.75 0.78
N ALA A 1115 -13.55 39.38 0.10
CA ALA A 1115 -13.43 38.95 -1.29
C ALA A 1115 -12.91 40.08 -2.17
N LEU A 1116 -13.38 41.31 -1.93
CA LEU A 1116 -12.89 42.45 -2.70
C LEU A 1116 -11.40 42.71 -2.42
N LEU A 1117 -11.00 42.67 -1.15
CA LEU A 1117 -9.62 43.03 -0.80
C LEU A 1117 -8.63 41.99 -1.31
N MET A 1118 -8.91 40.71 -1.07
CA MET A 1118 -7.94 39.68 -1.45
C MET A 1118 -8.16 39.26 -2.89
N PRO A 1119 -7.13 39.33 -3.75
CA PRO A 1119 -7.24 38.95 -5.16
C PRO A 1119 -7.09 37.44 -5.39
N SER A 1128 -9.76 45.38 -8.03
CA SER A 1128 -9.61 45.15 -6.59
C SER A 1128 -8.47 46.00 -6.04
N SER A 1129 -7.57 46.44 -6.92
CA SER A 1129 -6.43 47.24 -6.50
C SER A 1129 -6.82 48.64 -6.04
N ASP A 1130 -7.93 49.18 -6.54
CA ASP A 1130 -8.35 50.51 -6.15
C ASP A 1130 -9.07 50.53 -4.80
N PHE A 1131 -9.74 49.44 -4.43
CA PHE A 1131 -10.68 49.50 -3.31
C PHE A 1131 -9.98 49.64 -1.96
N GLN A 1132 -8.71 49.23 -1.86
CA GLN A 1132 -7.98 49.42 -0.62
C GLN A 1132 -7.90 50.89 -0.23
N PHE A 1133 -7.48 51.75 -1.16
CA PHE A 1133 -7.33 53.17 -0.83
C PHE A 1133 -8.65 53.80 -0.46
N HIS A 1134 -9.75 53.36 -1.09
CA HIS A 1134 -11.07 53.81 -0.70
C HIS A 1134 -11.40 53.34 0.71
N PHE A 1135 -11.06 52.09 1.04
CA PHE A 1135 -11.46 51.54 2.34
C PHE A 1135 -10.71 52.21 3.48
N LEU A 1136 -9.39 52.34 3.35
CA LEU A 1136 -8.61 52.98 4.43
C LEU A 1136 -9.03 54.43 4.63
N LYS A 1137 -9.40 55.13 3.55
CA LYS A 1137 -9.70 56.54 3.66
C LYS A 1137 -10.97 56.79 4.46
N SER A 1138 -12.07 56.14 4.07
CA SER A 1138 -13.38 56.44 4.64
C SER A 1138 -13.49 56.09 6.13
N GLY A 1139 -13.48 54.80 6.45
CA GLY A 1139 -13.61 54.36 7.83
C GLY A 1139 -12.91 53.05 8.13
N GLY A 1140 -12.00 52.63 7.26
CA GLY A 1140 -11.47 51.29 7.30
C GLY A 1140 -10.89 50.82 8.61
N LEU A 1141 -9.73 51.35 9.00
CA LEU A 1141 -9.08 50.88 10.22
C LEU A 1141 -9.91 51.15 11.48
N PRO A 1142 -10.42 52.37 11.73
CA PRO A 1142 -11.15 52.59 13.00
C PRO A 1142 -12.36 51.68 13.16
N LEU A 1143 -13.12 51.43 12.10
CA LEU A 1143 -14.35 50.67 12.25
C LEU A 1143 -14.08 49.19 12.42
N VAL A 1144 -13.05 48.65 11.75
CA VAL A 1144 -12.68 47.26 11.94
C VAL A 1144 -12.24 47.02 13.38
N LEU A 1145 -11.51 47.97 13.97
CA LEU A 1145 -11.09 47.79 15.35
C LEU A 1145 -12.24 47.96 16.32
N SER A 1146 -13.08 48.98 16.11
CA SER A 1146 -14.26 49.14 16.97
C SER A 1146 -15.24 47.99 16.78
N MET A 1147 -15.08 47.25 15.69
CA MET A 1147 -15.87 46.04 15.48
C MET A 1147 -15.60 45.01 16.57
N LEU A 1148 -14.39 45.02 17.12
CA LEU A 1148 -13.96 44.02 18.08
C LEU A 1148 -14.05 44.50 19.52
N THR A 1149 -13.94 45.81 19.77
CA THR A 1149 -13.86 46.34 21.12
C THR A 1149 -15.20 46.80 21.66
N ARG A 1150 -16.28 46.64 20.91
CA ARG A 1150 -17.60 47.10 21.33
C ARG A 1150 -18.43 45.93 21.85
N ASN A 1151 -19.49 46.27 22.58
CA ASN A 1151 -20.38 45.27 23.17
C ASN A 1151 -21.66 45.06 22.36
N ASN A 1152 -22.19 46.12 21.75
CA ASN A 1152 -23.43 46.06 20.99
C ASN A 1152 -23.19 45.81 19.50
N PHE A 1153 -22.09 45.13 19.16
CA PHE A 1153 -21.90 44.69 17.79
C PHE A 1153 -23.03 43.79 17.32
N LEU A 1154 -23.40 42.81 18.12
CA LEU A 1154 -24.32 41.75 17.68
C LEU A 1154 -24.99 41.15 18.89
N PRO A 1155 -26.08 41.76 19.36
CA PRO A 1155 -26.70 41.30 20.62
C PRO A 1155 -27.19 39.86 20.55
N ASN A 1156 -28.05 39.54 19.59
CA ASN A 1156 -28.55 38.19 19.41
C ASN A 1156 -27.60 37.46 18.47
N ALA A 1157 -26.48 37.02 19.05
CA ALA A 1157 -25.38 36.43 18.29
C ALA A 1157 -25.32 34.93 18.55
N ASP A 1158 -25.04 34.17 17.51
CA ASP A 1158 -24.85 32.73 17.64
C ASP A 1158 -23.38 32.42 17.91
N MET A 1159 -23.13 31.18 18.33
CA MET A 1159 -21.76 30.74 18.58
C MET A 1159 -20.90 30.81 17.33
N GLU A 1160 -21.51 30.79 16.15
CA GLU A 1160 -20.77 30.83 14.90
C GLU A 1160 -20.80 32.19 14.22
N THR A 1161 -21.84 33.00 14.45
CA THR A 1161 -21.92 34.31 13.83
C THR A 1161 -20.77 35.21 14.30
N ARG A 1162 -20.56 35.27 15.62
CA ARG A 1162 -19.44 36.04 16.15
C ARG A 1162 -18.11 35.50 15.63
N ARG A 1163 -17.97 34.18 15.58
CA ARG A 1163 -16.74 33.58 15.09
C ARG A 1163 -16.44 34.03 13.66
N GLY A 1164 -17.43 33.92 12.77
CA GLY A 1164 -17.20 34.30 11.38
C GLY A 1164 -16.96 35.79 11.23
N ALA A 1165 -17.77 36.62 11.91
CA ALA A 1165 -17.60 38.06 11.82
C ALA A 1165 -16.22 38.49 12.29
N TYR A 1166 -15.81 37.97 13.45
CA TYR A 1166 -14.46 38.23 13.95
C TYR A 1166 -13.42 37.82 12.93
N LEU A 1167 -13.37 36.52 12.60
CA LEU A 1167 -12.34 36.02 11.70
C LEU A 1167 -12.24 36.83 10.41
N ASN A 1168 -13.38 37.24 9.84
CA ASN A 1168 -13.34 38.07 8.65
C ASN A 1168 -12.75 39.45 8.94
N ALA A 1169 -13.18 40.09 10.04
CA ALA A 1169 -12.64 41.40 10.38
C ALA A 1169 -11.14 41.33 10.65
N LEU A 1170 -10.70 40.22 11.23
CA LEU A 1170 -9.28 40.01 11.52
C LEU A 1170 -8.47 39.83 10.25
N LYS A 1171 -8.99 39.04 9.30
CA LYS A 1171 -8.29 38.92 8.02
C LYS A 1171 -8.24 40.25 7.29
N ILE A 1172 -9.28 41.07 7.46
CA ILE A 1172 -9.27 42.40 6.86
C ILE A 1172 -8.21 43.28 7.51
N ALA A 1173 -8.21 43.30 8.85
CA ALA A 1173 -7.31 44.18 9.58
C ALA A 1173 -5.85 43.79 9.39
N LYS A 1174 -5.56 42.50 9.18
CA LYS A 1174 -4.18 42.10 8.94
C LYS A 1174 -3.62 42.80 7.71
N LEU A 1175 -4.34 42.74 6.60
CA LEU A 1175 -3.86 43.41 5.39
C LEU A 1175 -3.96 44.92 5.51
N LEU A 1176 -4.93 45.43 6.26
CA LEU A 1176 -5.00 46.88 6.48
C LEU A 1176 -3.75 47.38 7.20
N LEU A 1177 -3.32 46.67 8.25
CA LEU A 1177 -2.11 47.06 8.97
C LEU A 1177 -0.87 46.80 8.14
N THR A 1178 -0.89 45.76 7.30
CA THR A 1178 0.23 45.53 6.40
C THR A 1178 0.41 46.68 5.42
N ALA A 1179 -0.70 47.20 4.88
CA ALA A 1179 -0.62 48.32 3.95
C ALA A 1179 -0.19 49.60 4.66
N ILE A 1180 -0.79 49.90 5.82
CA ILE A 1180 -0.44 51.11 6.55
C ILE A 1180 0.90 50.97 7.26
N GLY A 1181 1.46 49.77 7.32
CA GLY A 1181 2.73 49.58 7.98
C GLY A 1181 3.85 50.41 7.39
N TYR A 1182 3.90 50.51 6.06
CA TYR A 1182 4.89 51.35 5.38
C TYR A 1182 4.43 52.80 5.50
N GLY A 1183 4.71 53.39 6.66
CA GLY A 1183 4.32 54.76 6.93
C GLY A 1183 3.80 54.94 8.35
N TYR A 1250 -1.54 54.43 13.26
CA TYR A 1250 -1.35 55.21 14.49
C TYR A 1250 -2.59 55.15 15.37
N MET A 1251 -3.73 54.87 14.73
CA MET A 1251 -4.98 54.74 15.47
C MET A 1251 -4.96 53.65 16.54
N PRO A 1252 -4.39 52.44 16.32
CA PRO A 1252 -4.36 51.42 17.39
C PRO A 1252 -3.90 51.94 18.74
N ASP A 1253 -4.50 51.40 19.80
CA ASP A 1253 -4.19 51.81 21.17
C ASP A 1253 -4.20 50.58 22.07
N ILE A 1254 -4.19 50.81 23.38
CA ILE A 1254 -4.11 49.71 24.34
C ILE A 1254 -5.40 48.90 24.35
N CYS A 1255 -6.55 49.58 24.24
CA CYS A 1255 -7.83 48.89 24.29
C CYS A 1255 -7.99 47.92 23.13
N VAL A 1256 -7.42 48.24 21.97
CA VAL A 1256 -7.44 47.31 20.85
C VAL A 1256 -6.66 46.05 21.21
N ILE A 1257 -5.51 46.22 21.87
CA ILE A 1257 -4.72 45.07 22.31
C ILE A 1257 -5.51 44.24 23.31
N ARG A 1258 -6.19 44.88 24.26
CA ARG A 1258 -6.98 44.14 25.23
C ARG A 1258 -8.10 43.36 24.54
N ALA A 1259 -8.76 43.97 23.56
CA ALA A 1259 -9.81 43.28 22.83
C ALA A 1259 -9.27 42.07 22.09
N ILE A 1260 -8.14 42.24 21.39
CA ILE A 1260 -7.59 41.11 20.62
C ILE A 1260 -7.11 40.01 21.56
N GLN A 1261 -6.49 40.38 22.67
CA GLN A 1261 -6.00 39.35 23.60
C GLN A 1261 -7.16 38.61 24.23
N LYS A 1262 -8.25 39.30 24.57
CA LYS A 1262 -9.42 38.60 25.10
C LYS A 1262 -10.06 37.72 24.03
N ILE A 1263 -10.03 38.16 22.77
CA ILE A 1263 -10.52 37.32 21.68
C ILE A 1263 -9.71 36.02 21.61
N ILE A 1264 -8.39 36.12 21.71
CA ILE A 1264 -7.56 34.92 21.65
C ILE A 1264 -7.76 34.06 22.89
N TRP A 1265 -7.94 34.70 24.05
CA TRP A 1265 -8.29 33.97 25.28
C TRP A 1265 -9.53 33.11 25.06
N ALA A 1266 -10.60 33.71 24.54
CA ALA A 1266 -11.84 32.98 24.34
C ALA A 1266 -11.69 31.92 23.26
N SER A 1267 -11.00 32.23 22.16
CA SER A 1267 -10.95 31.32 21.03
C SER A 1267 -10.04 30.12 21.28
N GLY A 1268 -8.95 30.30 22.02
CA GLY A 1268 -8.10 29.18 22.36
C GLY A 1268 -8.74 28.18 23.30
N CYS A 1269 -9.82 28.56 23.96
CA CYS A 1269 -10.57 27.69 24.86
C CYS A 1269 -11.72 26.98 24.16
N GLY A 1270 -11.94 27.25 22.88
CA GLY A 1270 -13.15 26.77 22.23
C GLY A 1270 -14.40 27.37 22.80
N SER A 1271 -14.31 28.53 23.44
CA SER A 1271 -15.41 29.18 24.15
C SER A 1271 -15.48 30.65 23.76
N LEU A 1272 -15.48 30.91 22.45
CA LEU A 1272 -15.53 32.28 21.95
C LEU A 1272 -16.78 33.02 22.43
N GLN A 1273 -17.83 32.29 22.81
CA GLN A 1273 -19.00 32.91 23.40
C GLN A 1273 -18.69 33.61 24.73
N LEU A 1274 -17.57 33.27 25.35
CA LEU A 1274 -17.12 33.90 26.60
C LEU A 1274 -16.06 34.97 26.33
N VAL A 1275 -16.21 35.71 25.24
CA VAL A 1275 -15.23 36.72 24.85
C VAL A 1275 -15.52 38.02 25.62
N PHE A 1276 -16.45 37.95 26.56
CA PHE A 1276 -16.75 39.05 27.46
C PHE A 1276 -16.67 38.60 28.91
N SER A 1277 -15.81 37.61 29.19
CA SER A 1277 -15.56 37.04 30.50
C SER A 1277 -14.56 37.89 31.27
N PRO A 1278 -14.63 37.87 32.61
CA PRO A 1278 -13.73 38.73 33.41
C PRO A 1278 -12.28 38.25 33.43
N ASN A 1279 -11.96 37.24 32.62
CA ASN A 1279 -10.64 36.65 32.39
C ASN A 1279 -10.22 35.69 33.50
N GLU A 1280 -11.00 35.49 34.57
CA GLU A 1280 -10.66 34.46 35.53
C GLU A 1280 -11.32 33.14 35.18
N GLU A 1281 -12.56 33.18 34.69
CA GLU A 1281 -13.25 31.97 34.28
C GLU A 1281 -12.52 31.29 33.12
N ILE A 1282 -11.98 32.08 32.19
CA ILE A 1282 -11.25 31.49 31.07
C ILE A 1282 -10.04 30.71 31.58
N THR A 1283 -9.33 31.26 32.57
CA THR A 1283 -8.27 30.50 33.22
C THR A 1283 -8.81 29.24 33.87
N LYS A 1284 -9.98 29.33 34.51
CA LYS A 1284 -10.54 28.17 35.19
C LYS A 1284 -10.80 27.03 34.22
N ILE A 1285 -11.38 27.32 33.06
CA ILE A 1285 -11.59 26.25 32.08
C ILE A 1285 -10.28 25.85 31.39
N TYR A 1286 -9.28 26.73 31.36
CA TYR A 1286 -7.94 26.28 30.96
C TYR A 1286 -7.39 25.20 31.87
N GLU A 1287 -7.52 25.37 33.19
CA GLU A 1287 -6.83 24.47 34.10
C GLU A 1287 -7.47 23.09 34.15
N LYS A 1288 -7.41 22.36 33.03
CA LYS A 1288 -7.83 20.97 32.94
C LYS A 1288 -9.26 20.77 33.47
N THR A 1289 -10.21 21.39 32.76
CA THR A 1289 -11.62 21.28 33.13
C THR A 1289 -12.26 20.20 32.25
N ASN A 1290 -12.12 18.95 32.70
CA ASN A 1290 -12.74 17.78 32.11
C ASN A 1290 -12.37 17.55 30.65
N ALA A 1291 -11.34 18.24 30.15
CA ALA A 1291 -10.88 18.10 28.76
C ALA A 1291 -12.03 18.28 27.78
N GLY A 1292 -12.88 19.27 28.05
CA GLY A 1292 -14.01 19.55 27.17
C GLY A 1292 -13.97 20.95 26.59
N ASN A 1293 -12.76 21.43 26.26
CA ASN A 1293 -12.58 22.76 25.74
C ASN A 1293 -11.62 22.78 24.55
N GLU A 1294 -11.54 21.67 23.82
CA GLU A 1294 -10.60 21.59 22.71
C GLU A 1294 -11.03 22.56 21.60
N PRO A 1295 -10.14 23.38 21.07
CA PRO A 1295 -10.50 24.28 19.98
C PRO A 1295 -10.93 23.50 18.75
N ASP A 1296 -11.91 24.06 18.02
CA ASP A 1296 -12.43 23.42 16.83
C ASP A 1296 -11.45 23.60 15.67
N LEU A 1297 -11.81 23.10 14.50
CA LEU A 1297 -11.01 23.29 13.29
C LEU A 1297 -11.18 24.67 12.70
N GLU A 1298 -12.11 25.47 13.23
CA GLU A 1298 -12.34 26.83 12.77
C GLU A 1298 -11.98 27.89 13.80
N ASP A 1299 -11.87 27.53 15.09
CA ASP A 1299 -11.30 28.45 16.07
C ASP A 1299 -9.80 28.58 15.89
N GLU A 1300 -9.17 27.57 15.26
CA GLU A 1300 -7.73 27.62 15.05
C GLU A 1300 -7.33 28.80 14.17
N GLN A 1301 -8.05 29.01 13.07
CA GLN A 1301 -7.77 30.15 12.21
C GLN A 1301 -8.05 31.46 12.92
N VAL A 1302 -9.09 31.50 13.76
CA VAL A 1302 -9.37 32.73 14.52
C VAL A 1302 -8.19 33.06 15.43
N CYS A 1303 -7.70 32.08 16.18
CA CYS A 1303 -6.56 32.30 17.06
C CYS A 1303 -5.34 32.76 16.27
N CYS A 1304 -5.00 32.03 15.20
CA CYS A 1304 -3.82 32.37 14.42
C CYS A 1304 -3.93 33.79 13.85
N GLU A 1305 -5.06 34.08 13.19
CA GLU A 1305 -5.22 35.36 12.52
C GLU A 1305 -5.19 36.51 13.52
N ALA A 1306 -5.82 36.33 14.68
CA ALA A 1306 -5.70 37.31 15.74
C ALA A 1306 -4.25 37.46 16.19
N LEU A 1307 -3.47 36.38 16.11
CA LEU A 1307 -2.07 36.48 16.48
C LEU A 1307 -1.30 37.38 15.51
N GLU A 1308 -1.51 37.19 14.19
CA GLU A 1308 -0.83 38.12 13.26
C GLU A 1308 -1.33 39.55 13.45
N VAL A 1309 -2.64 39.71 13.72
CA VAL A 1309 -3.17 41.06 13.95
C VAL A 1309 -2.47 41.71 15.14
N MET A 1310 -2.32 40.96 16.23
CA MET A 1310 -1.65 41.50 17.41
C MET A 1310 -0.18 41.81 17.13
N THR A 1311 0.49 40.95 16.37
CA THR A 1311 1.89 41.19 16.03
C THR A 1311 2.05 42.49 15.24
N LEU A 1312 1.22 42.67 14.20
CA LEU A 1312 1.31 43.89 13.40
C LEU A 1312 0.93 45.12 14.22
N CYS A 1313 -0.08 44.99 15.08
CA CYS A 1313 -0.48 46.12 15.91
C CYS A 1313 0.62 46.53 16.87
N PHE A 1314 1.29 45.54 17.48
CA PHE A 1314 2.43 45.85 18.35
C PHE A 1314 3.58 46.45 17.56
N ALA A 1315 3.75 46.03 16.30
CA ALA A 1315 4.72 46.70 15.45
C ALA A 1315 4.36 48.17 15.25
N LEU A 1316 3.06 48.46 15.14
CA LEU A 1316 2.63 49.86 15.02
C LEU A 1316 2.86 50.61 16.32
N ILE A 1317 2.41 50.07 17.45
CA ILE A 1317 2.56 50.71 18.75
C ILE A 1317 3.46 49.82 19.62
N PRO A 1318 4.70 50.21 19.87
CA PRO A 1318 5.60 49.36 20.65
C PRO A 1318 5.39 49.46 22.16
N THR A 1319 5.00 50.64 22.64
CA THR A 1319 4.95 50.88 24.07
C THR A 1319 3.85 50.12 24.80
N ALA A 1320 2.86 49.60 24.08
CA ALA A 1320 1.75 48.91 24.75
C ALA A 1320 2.21 47.63 25.43
N LEU A 1321 3.05 46.84 24.75
CA LEU A 1321 3.52 45.59 25.31
C LEU A 1321 4.41 45.82 26.53
N ASP A 1322 5.12 46.95 26.58
CA ASP A 1322 5.88 47.29 27.77
C ASP A 1322 4.97 47.52 28.97
N ALA A 1323 3.83 48.19 28.76
CA ALA A 1323 2.89 48.43 29.84
C ALA A 1323 2.10 47.19 30.21
N LEU A 1324 1.93 46.25 29.28
CA LEU A 1324 1.19 45.02 29.58
C LEU A 1324 1.97 44.09 30.51
N SER A 1325 3.29 44.25 30.62
CA SER A 1325 4.08 43.33 31.43
C SER A 1325 3.69 43.41 32.91
N LYS A 1326 3.48 44.61 33.42
CA LYS A 1326 3.20 44.78 34.85
C LYS A 1326 1.84 44.20 35.23
N GLU A 1327 0.90 44.09 34.30
CA GLU A 1327 -0.41 43.55 34.60
C GLU A 1327 -0.32 42.05 34.90
N LYS A 1328 -1.27 41.56 35.70
CA LYS A 1328 -1.37 40.12 35.90
C LYS A 1328 -1.76 39.42 34.61
N ALA A 1329 -2.66 40.03 33.83
CA ALA A 1329 -2.87 39.59 32.46
C ALA A 1329 -1.63 39.93 31.64
N TRP A 1330 -1.57 39.38 30.43
CA TRP A 1330 -0.38 39.37 29.58
C TRP A 1330 0.77 38.60 30.24
N GLN A 1331 0.48 37.88 31.32
CA GLN A 1331 1.38 36.87 31.87
C GLN A 1331 0.74 35.50 31.85
N THR A 1332 -0.50 35.40 32.33
CA THR A 1332 -1.25 34.16 32.21
C THR A 1332 -1.60 33.87 30.76
N PHE A 1333 -1.73 34.92 29.94
CA PHE A 1333 -2.06 34.74 28.52
C PHE A 1333 -1.03 33.89 27.80
N ILE A 1334 0.24 34.27 27.91
CA ILE A 1334 1.30 33.54 27.22
C ILE A 1334 1.46 32.14 27.79
N ILE A 1335 1.39 32.00 29.11
CA ILE A 1335 1.50 30.69 29.74
C ILE A 1335 0.42 29.75 29.23
N ASP A 1336 -0.82 30.25 29.15
CA ASP A 1336 -1.92 29.43 28.67
C ASP A 1336 -1.73 29.04 27.21
N LEU A 1337 -1.48 30.02 26.33
CA LEU A 1337 -1.31 29.69 24.92
C LEU A 1337 -0.06 28.88 24.62
N LEU A 1338 0.87 28.77 25.56
CA LEU A 1338 2.03 27.92 25.32
C LEU A 1338 1.92 26.54 25.93
N LEU A 1339 1.25 26.40 27.08
CA LEU A 1339 1.21 25.13 27.77
C LEU A 1339 -0.20 24.59 27.94
N HIS A 1340 -1.14 25.42 28.35
CA HIS A 1340 -2.49 24.97 28.67
C HIS A 1340 -3.40 24.86 27.45
N CYS A 1341 -2.92 25.25 26.28
CA CYS A 1341 -3.73 25.24 25.08
C CYS A 1341 -3.56 23.91 24.32
N HIS A 1342 -4.39 23.72 23.31
CA HIS A 1342 -4.37 22.53 22.48
C HIS A 1342 -4.23 22.94 21.01
N SER A 1343 -4.45 22.01 20.08
CA SER A 1343 -4.40 22.30 18.65
C SER A 1343 -3.01 22.83 18.27
N LYS A 1344 -2.05 21.90 18.32
CA LYS A 1344 -0.61 22.17 18.24
C LYS A 1344 -0.24 23.25 17.23
N THR A 1345 -0.99 23.36 16.13
CA THR A 1345 -0.73 24.42 15.17
C THR A 1345 -0.94 25.80 15.79
N VAL A 1346 -1.95 25.94 16.64
CA VAL A 1346 -2.18 27.21 17.32
C VAL A 1346 -1.00 27.56 18.22
N ARG A 1347 -0.48 26.57 18.96
CA ARG A 1347 0.66 26.81 19.82
C ARG A 1347 1.91 27.17 19.00
N GLN A 1348 2.10 26.50 17.86
CA GLN A 1348 3.24 26.81 17.01
C GLN A 1348 3.15 28.24 16.47
N VAL A 1349 1.96 28.64 16.03
CA VAL A 1349 1.78 30.00 15.55
C VAL A 1349 2.01 31.00 16.68
N ALA A 1350 1.50 30.68 17.87
CA ALA A 1350 1.66 31.58 19.02
C ALA A 1350 3.13 31.76 19.37
N GLN A 1351 3.90 30.67 19.37
CA GLN A 1351 5.32 30.79 19.70
C GLN A 1351 6.08 31.54 18.61
N GLU A 1352 5.82 31.23 17.34
CA GLU A 1352 6.51 31.92 16.26
C GLU A 1352 6.25 33.42 16.34
N GLN A 1353 5.01 33.81 16.59
CA GLN A 1353 4.68 35.22 16.55
C GLN A 1353 5.00 35.95 17.85
N PHE A 1354 5.05 35.25 18.99
CA PHE A 1354 5.63 35.85 20.18
C PHE A 1354 7.11 36.15 19.96
N PHE A 1355 7.82 35.22 19.32
CA PHE A 1355 9.22 35.48 18.99
C PHE A 1355 9.35 36.66 18.04
N LEU A 1356 8.47 36.74 17.04
CA LEU A 1356 8.50 37.87 16.11
C LEU A 1356 8.23 39.19 16.84
N MET A 1357 7.27 39.18 17.77
CA MET A 1357 6.99 40.37 18.56
C MET A 1357 8.22 40.82 19.34
N CYS A 1358 8.83 39.89 20.09
CA CYS A 1358 9.99 40.25 20.90
C CYS A 1358 11.22 40.54 20.07
N THR A 1359 11.24 40.14 18.80
CA THR A 1359 12.37 40.44 17.93
C THR A 1359 12.23 41.82 17.28
N ARG A 1360 11.05 42.12 16.74
CA ARG A 1360 10.84 43.35 15.97
C ARG A 1360 9.99 44.37 16.68
N CYS A 1361 8.82 43.98 17.18
CA CYS A 1361 7.86 44.94 17.73
C CYS A 1361 8.33 45.52 19.06
N CYS A 1362 9.28 44.89 19.73
CA CYS A 1362 9.70 45.35 21.04
C CYS A 1362 10.37 46.72 20.96
N MET A 1363 11.29 46.90 20.01
CA MET A 1363 12.10 48.11 19.91
C MET A 1363 12.80 48.39 21.24
N GLY A 1364 13.43 47.34 21.78
CA GLY A 1364 14.10 47.46 23.06
C GLY A 1364 14.58 46.11 23.52
N HIS A 1365 15.08 46.09 24.77
CA HIS A 1365 15.57 44.87 25.38
C HIS A 1365 14.77 44.43 26.60
N ARG A 1366 14.02 45.32 27.21
CA ARG A 1366 13.20 44.95 28.37
C ARG A 1366 12.15 43.89 28.05
N PRO A 1367 11.39 43.95 26.94
CA PRO A 1367 10.41 42.89 26.67
C PRO A 1367 11.02 41.51 26.56
N LEU A 1368 12.20 41.41 25.94
CA LEU A 1368 12.89 40.12 25.84
C LEU A 1368 13.20 39.57 27.22
N LEU A 1369 13.72 40.42 28.10
CA LEU A 1369 14.01 39.99 29.47
C LEU A 1369 12.76 39.57 30.20
N PHE A 1370 11.67 40.31 30.00
CA PHE A 1370 10.42 39.98 30.69
C PHE A 1370 9.90 38.62 30.25
N PHE A 1371 9.87 38.37 28.94
CA PHE A 1371 9.42 37.06 28.47
C PHE A 1371 10.35 35.95 28.91
N ILE A 1372 11.67 36.19 28.89
CA ILE A 1372 12.61 35.16 29.31
C ILE A 1372 12.39 34.81 30.78
N THR A 1373 12.22 35.83 31.63
CA THR A 1373 11.99 35.59 33.04
C THR A 1373 10.66 34.87 33.27
N LEU A 1374 9.63 35.26 32.52
CA LEU A 1374 8.32 34.61 32.66
C LEU A 1374 8.37 33.14 32.26
N LEU A 1375 9.09 32.83 31.19
CA LEU A 1375 9.17 31.44 30.72
C LEU A 1375 9.97 30.57 31.69
N PHE A 1376 10.93 31.16 32.40
CA PHE A 1376 11.78 30.39 33.30
C PHE A 1376 11.14 30.15 34.66
N THR A 1377 10.06 30.84 34.99
CA THR A 1377 9.38 30.63 36.27
C THR A 1377 8.26 29.60 36.18
N VAL A 1378 8.03 29.03 35.00
CA VAL A 1378 6.98 28.03 34.82
C VAL A 1378 7.57 26.68 34.43
N LEU A 1379 8.87 26.48 34.65
CA LEU A 1379 9.50 25.22 34.29
C LEU A 1379 9.02 24.08 35.18
N GLY A 1380 9.26 24.20 36.49
CA GLY A 1380 8.85 23.17 37.42
C GLY A 1380 7.42 23.24 37.89
N SER A 1381 6.70 24.30 37.52
CA SER A 1381 5.31 24.48 37.97
C SER A 1381 4.31 23.93 36.95
N THR A 1382 4.35 24.46 35.73
CA THR A 1382 3.38 24.10 34.71
C THR A 1382 3.96 23.37 33.51
N ALA A 1383 5.23 23.61 33.17
CA ALA A 1383 5.84 22.91 32.04
C ALA A 1383 6.00 21.42 32.32
N ARG A 1384 5.98 21.00 33.58
CA ARG A 1384 6.02 19.59 33.93
C ARG A 1384 4.62 18.99 34.03
N GLU A 1385 3.63 19.77 34.46
CA GLU A 1385 2.27 19.27 34.55
C GLU A 1385 1.71 18.91 33.17
N ARG A 1386 1.98 19.75 32.17
CA ARG A 1386 1.51 19.47 30.82
C ARG A 1386 2.38 18.40 30.15
N ALA A 1387 3.67 18.70 29.98
CA ALA A 1387 4.67 17.73 29.55
C ALA A 1387 4.48 17.25 28.11
N LYS A 1388 3.40 17.68 27.47
CA LYS A 1388 3.15 17.34 26.08
C LYS A 1388 2.95 18.55 25.18
N HIS A 1389 2.55 19.69 25.72
CA HIS A 1389 2.38 20.91 24.96
C HIS A 1389 3.58 21.85 25.06
N SER A 1390 4.66 21.40 25.68
CA SER A 1390 5.84 22.25 25.91
C SER A 1390 6.79 22.29 24.73
N GLY A 1391 6.49 21.57 23.64
CA GLY A 1391 7.36 21.58 22.48
C GLY A 1391 7.55 22.94 21.85
N ASP A 1392 6.60 23.85 22.06
CA ASP A 1392 6.72 25.22 21.56
C ASP A 1392 7.15 26.21 22.64
N TYR A 1393 6.82 25.94 23.89
CA TYR A 1393 7.35 26.75 25.00
C TYR A 1393 8.87 26.64 25.05
N PHE A 1394 9.39 25.42 24.92
CA PHE A 1394 10.84 25.24 24.86
C PHE A 1394 11.43 25.84 23.60
N THR A 1395 10.68 25.82 22.49
CA THR A 1395 11.15 26.46 21.27
C THR A 1395 11.31 27.96 21.47
N LEU A 1396 10.34 28.61 22.12
CA LEU A 1396 10.51 30.01 22.48
C LEU A 1396 11.69 30.22 23.40
N LEU A 1397 11.87 29.36 24.40
CA LEU A 1397 13.01 29.52 25.29
C LEU A 1397 14.31 29.51 24.50
N ARG A 1398 14.48 28.51 23.63
CA ARG A 1398 15.71 28.41 22.84
C ARG A 1398 15.89 29.61 21.93
N HIS A 1399 14.83 29.99 21.21
CA HIS A 1399 14.95 31.09 20.24
C HIS A 1399 15.22 32.41 20.92
N LEU A 1400 14.54 32.69 22.04
CA LEU A 1400 14.76 33.94 22.75
C LEU A 1400 16.18 33.99 23.33
N LEU A 1401 16.66 32.89 23.90
CA LEU A 1401 18.02 32.88 24.42
C LEU A 1401 19.04 33.05 23.31
N ASN A 1402 18.83 32.39 22.18
CA ASN A 1402 19.75 32.53 21.05
C ASN A 1402 19.76 33.96 20.52
N TYR A 1403 18.58 34.59 20.42
CA TYR A 1403 18.52 35.97 19.98
C TYR A 1403 19.20 36.90 20.97
N ALA A 1404 19.00 36.67 22.27
CA ALA A 1404 19.67 37.49 23.28
C ALA A 1404 21.18 37.36 23.20
N TYR A 1405 21.68 36.15 22.90
CA TYR A 1405 23.11 35.99 22.73
C TYR A 1405 23.61 36.68 21.47
N ASN A 1406 22.92 36.47 20.35
CA ASN A 1406 23.38 37.00 19.07
C ASN A 1406 23.24 38.51 18.97
N SER A 1407 22.39 39.12 19.80
CA SER A 1407 22.17 40.56 19.76
C SER A 1407 22.93 41.28 20.88
N ASN A 1408 23.87 40.61 21.54
CA ASN A 1408 24.65 41.17 22.63
C ASN A 1408 23.74 41.70 23.73
N ILE A 1409 22.72 40.95 24.08
CA ILE A 1409 21.83 41.28 25.19
C ILE A 1409 22.17 40.38 26.36
N ASN A 1410 22.37 40.99 27.53
CA ASN A 1410 22.80 40.27 28.72
C ASN A 1410 21.58 39.85 29.54
N VAL A 1411 21.38 38.54 29.67
CA VAL A 1411 20.35 37.99 30.53
C VAL A 1411 20.82 38.10 31.97
N PRO A 1412 20.05 38.72 32.86
CA PRO A 1412 20.54 38.97 34.23
C PRO A 1412 20.91 37.70 34.99
N ASN A 1413 19.95 36.80 35.16
CA ASN A 1413 20.16 35.57 35.92
C ASN A 1413 20.35 34.39 34.95
N ALA A 1414 21.59 34.25 34.48
CA ALA A 1414 21.91 33.18 33.55
C ALA A 1414 22.65 32.02 34.22
N GLU A 1415 23.65 32.32 35.04
CA GLU A 1415 24.47 31.28 35.65
C GLU A 1415 23.66 30.42 36.60
N VAL A 1416 22.74 31.02 37.37
CA VAL A 1416 21.93 30.24 38.29
C VAL A 1416 20.98 29.33 37.53
N LEU A 1417 20.41 29.81 36.42
CA LEU A 1417 19.56 28.94 35.60
C LEU A 1417 20.36 27.81 34.99
N LEU A 1418 21.59 28.09 34.57
CA LEU A 1418 22.46 27.02 34.07
C LEU A 1418 22.72 25.98 35.16
N ASN A 1419 22.97 26.42 36.38
CA ASN A 1419 23.18 25.48 37.48
C ASN A 1419 21.93 24.66 37.75
N ASN A 1420 20.75 25.29 37.69
CA ASN A 1420 19.51 24.57 37.89
C ASN A 1420 19.30 23.52 36.81
N GLU A 1421 19.58 23.86 35.55
CA GLU A 1421 19.46 22.90 34.47
C GLU A 1421 20.45 21.75 34.63
N ILE A 1422 21.67 22.05 35.08
CA ILE A 1422 22.67 21.01 35.30
C ILE A 1422 22.20 20.06 36.39
N ASP A 1423 21.67 20.61 37.48
CA ASP A 1423 21.18 19.76 38.57
C ASP A 1423 19.98 18.92 38.11
N TRP A 1424 19.11 19.49 37.30
CA TRP A 1424 17.98 18.74 36.77
C TRP A 1424 18.45 17.59 35.88
N LEU A 1425 19.43 17.84 35.03
CA LEU A 1425 19.97 16.78 34.18
C LEU A 1425 20.63 15.69 35.03
N LYS A 1426 21.33 16.07 36.09
CA LYS A 1426 21.92 15.08 36.98
C LYS A 1426 20.84 14.25 37.66
N ARG A 1427 19.74 14.88 38.09
CA ARG A 1427 18.65 14.14 38.68
C ARG A 1427 18.05 13.17 37.68
N ILE A 1428 17.90 13.60 36.42
CA ILE A 1428 17.37 12.71 35.39
C ILE A 1428 18.29 11.52 35.17
N ARG A 1429 19.60 11.76 35.10
CA ARG A 1429 20.53 10.65 34.91
C ARG A 1429 20.55 9.72 36.11
N ASP A 1430 20.40 10.25 37.33
CA ASP A 1430 20.30 9.39 38.51
C ASP A 1430 19.04 8.55 38.45
N ASP A 1431 17.93 9.13 37.99
CA ASP A 1431 16.70 8.35 37.84
C ASP A 1431 16.88 7.25 36.81
N VAL A 1432 17.56 7.53 35.71
CA VAL A 1432 17.80 6.51 34.70
C VAL A 1432 18.68 5.40 35.24
N LYS A 1433 19.75 5.76 35.97
CA LYS A 1433 20.62 4.74 36.53
C LYS A 1433 19.89 3.89 37.57
N ARG A 1434 19.06 4.51 38.41
CA ARG A 1434 18.41 3.78 39.49
C ARG A 1434 17.42 2.75 38.97
N THR A 1435 16.62 3.12 37.97
CA THR A 1435 15.57 2.25 37.46
C THR A 1435 15.84 1.77 36.04
N GLY A 1436 16.05 2.69 35.11
CA GLY A 1436 16.25 2.31 33.71
C GLY A 1436 15.30 3.03 32.78
N GLU A 1437 14.36 3.78 33.34
CA GLU A 1437 13.40 4.55 32.57
C GLU A 1437 13.34 5.97 33.09
N THR A 1438 13.20 6.92 32.18
CA THR A 1438 13.09 8.32 32.57
C THR A 1438 11.75 8.57 33.24
N GLY A 1439 11.78 9.42 34.27
CA GLY A 1439 10.56 9.76 35.00
C GLY A 1439 9.84 10.95 34.38
N ILE A 1440 10.21 11.28 33.15
CA ILE A 1440 9.67 12.42 32.43
C ILE A 1440 9.27 11.97 31.03
N GLU A 1441 8.84 12.94 30.23
CA GLU A 1441 8.53 12.72 28.82
C GLU A 1441 9.76 13.04 27.97
N GLU A 1442 9.65 12.76 26.67
CA GLU A 1442 10.74 13.03 25.75
C GLU A 1442 10.86 14.52 25.42
N THR A 1443 9.72 15.20 25.30
CA THR A 1443 9.74 16.63 25.00
C THR A 1443 10.39 17.42 26.13
N ILE A 1444 10.14 17.05 27.38
CA ILE A 1444 10.78 17.74 28.50
C ILE A 1444 12.29 17.59 28.42
N LEU A 1445 12.77 16.38 28.15
CA LEU A 1445 14.21 16.15 28.07
C LEU A 1445 14.83 16.95 26.94
N GLU A 1446 14.21 16.91 25.75
CA GLU A 1446 14.76 17.63 24.61
C GLU A 1446 14.77 19.14 24.88
N GLY A 1447 13.68 19.66 25.43
CA GLY A 1447 13.63 21.09 25.71
C GLY A 1447 14.63 21.52 26.76
N HIS A 1448 14.79 20.72 27.81
CA HIS A 1448 15.76 21.06 28.85
C HIS A 1448 17.18 21.01 28.30
N LEU A 1449 17.48 20.03 27.45
CA LEU A 1449 18.80 19.98 26.83
C LEU A 1449 19.03 21.20 25.94
N GLY A 1450 18.03 21.60 25.17
CA GLY A 1450 18.16 22.78 24.34
C GLY A 1450 18.36 24.04 25.15
N VAL A 1451 17.61 24.18 26.25
CA VAL A 1451 17.74 25.35 27.12
C VAL A 1451 19.12 25.39 27.76
N THR A 1452 19.62 24.23 28.19
CA THR A 1452 20.97 24.17 28.75
C THR A 1452 22.00 24.56 27.71
N LYS A 1453 21.81 24.14 26.46
CA LYS A 1453 22.71 24.56 25.39
C LYS A 1453 22.67 26.07 25.20
N GLU A 1454 21.48 26.66 25.18
CA GLU A 1454 21.37 28.09 24.93
C GLU A 1454 21.83 28.92 26.13
N LEU A 1455 21.63 28.42 27.35
CA LEU A 1455 22.16 29.10 28.52
C LEU A 1455 23.67 29.00 28.62
N LEU A 1456 24.27 28.07 27.89
CA LEU A 1456 25.72 27.88 27.95
C LEU A 1456 26.48 28.98 27.25
N ALA A 1457 25.84 29.73 26.35
CA ALA A 1457 26.54 30.77 25.62
C ALA A 1457 26.84 31.98 26.49
N PHE A 1458 26.08 32.18 27.57
CA PHE A 1458 26.27 33.35 28.42
C PHE A 1458 27.31 33.11 29.50
N GLN A 1459 28.47 32.57 29.12
CA GLN A 1459 29.56 32.35 30.06
C GLN A 1459 30.89 32.53 29.35
N THR A 1460 31.89 32.94 30.11
CA THR A 1460 33.24 33.11 29.58
C THR A 1460 33.88 31.74 29.36
N SER A 1461 35.14 31.76 28.92
CA SER A 1461 35.88 30.52 28.71
C SER A 1461 36.33 29.89 30.01
N GLU A 1462 36.44 30.66 31.09
CA GLU A 1462 36.71 30.06 32.39
C GLU A 1462 35.56 29.17 32.83
N LYS A 1463 34.33 29.65 32.67
CA LYS A 1463 33.18 28.76 32.69
C LYS A 1463 33.11 28.00 31.37
N LYS A 1464 32.16 27.07 31.28
CA LYS A 1464 32.05 26.16 30.14
C LYS A 1464 33.24 25.21 30.13
N PHE A 1465 34.16 25.42 31.07
CA PHE A 1465 35.29 24.52 31.28
C PHE A 1465 35.32 24.11 32.75
N HIS A 1466 34.84 24.98 33.63
CA HIS A 1466 34.63 24.55 35.01
C HIS A 1466 33.43 23.63 35.12
N ILE A 1467 32.55 23.62 34.13
CA ILE A 1467 31.47 22.64 34.08
C ILE A 1467 32.03 21.34 33.53
N GLY A 1468 32.45 21.34 32.27
CA GLY A 1468 32.99 20.15 31.64
C GLY A 1468 34.51 20.24 31.58
N CYS A 1469 35.15 19.12 31.92
CA CYS A 1469 36.61 18.87 31.91
C CYS A 1469 37.32 19.38 33.17
N GLU A 1470 36.61 19.99 34.11
CA GLU A 1470 37.29 20.49 35.30
C GLU A 1470 37.52 19.37 36.31
N LYS A 1471 38.65 19.45 37.01
CA LYS A 1471 38.96 18.45 38.03
C LYS A 1471 37.93 18.45 39.15
N GLY A 1472 37.54 19.64 39.62
CA GLY A 1472 36.61 19.76 40.72
C GLY A 1472 35.19 20.12 40.36
N GLY A 1473 34.91 20.39 39.08
CA GLY A 1473 33.58 20.78 38.67
C GLY A 1473 32.68 19.59 38.45
N ALA A 1474 31.50 19.88 37.89
CA ALA A 1474 30.51 18.86 37.57
C ALA A 1474 30.72 18.46 36.11
N ASN A 1475 31.50 17.39 35.90
CA ASN A 1475 32.14 17.16 34.61
C ASN A 1475 31.14 16.78 33.52
N LEU A 1476 30.25 17.72 33.19
CA LEU A 1476 29.05 17.40 32.42
C LEU A 1476 29.37 16.77 31.07
N ILE A 1477 30.56 17.02 30.52
CA ILE A 1477 30.95 16.34 29.30
C ILE A 1477 31.04 14.83 29.52
N LYS A 1478 31.63 14.42 30.65
CA LYS A 1478 31.80 13.01 30.93
C LYS A 1478 30.46 12.30 31.13
N GLU A 1479 29.59 12.86 31.99
CA GLU A 1479 28.28 12.23 32.17
C GLU A 1479 27.49 12.23 30.87
N LEU A 1480 27.53 13.33 30.10
CA LEU A 1480 26.90 13.29 28.78
C LEU A 1480 27.40 12.10 27.97
N ILE A 1481 28.71 12.05 27.74
CA ILE A 1481 29.27 11.09 26.79
C ILE A 1481 28.98 9.65 27.23
N ASP A 1482 29.17 9.35 28.51
CA ASP A 1482 29.05 7.95 28.94
C ASP A 1482 27.75 7.66 29.71
N ASP A 1483 26.75 8.55 29.64
CA ASP A 1483 25.46 8.25 30.25
C ASP A 1483 24.26 8.62 29.40
N PHE A 1484 24.38 9.56 28.46
CA PHE A 1484 23.25 10.00 27.66
C PHE A 1484 23.30 9.50 26.23
N ILE A 1485 24.49 9.38 25.65
CA ILE A 1485 24.64 9.11 24.24
C ILE A 1485 25.39 7.81 23.97
N PHE A 1486 26.49 7.56 24.68
CA PHE A 1486 27.30 6.36 24.48
C PHE A 1486 27.51 5.62 25.80
N PRO A 1487 26.47 4.98 26.33
CA PRO A 1487 26.71 3.97 27.37
C PRO A 1487 27.03 2.62 26.75
N ALA A 1488 26.43 2.36 25.59
CA ALA A 1488 26.69 1.13 24.86
C ALA A 1488 28.12 1.09 24.34
N SER A 1489 28.64 2.23 23.89
CA SER A 1489 30.02 2.29 23.43
C SER A 1489 30.98 2.06 24.60
N ASN A 1490 30.66 2.58 25.78
CA ASN A 1490 31.49 2.32 26.95
C ASN A 1490 31.44 0.84 27.32
N VAL A 1491 30.27 0.21 27.22
CA VAL A 1491 30.17 -1.22 27.50
C VAL A 1491 31.01 -2.01 26.49
N TYR A 1492 30.96 -1.62 25.22
CA TYR A 1492 31.76 -2.30 24.21
C TYR A 1492 33.25 -2.13 24.47
N LEU A 1493 33.67 -0.92 24.87
CA LEU A 1493 35.08 -0.70 25.19
C LEU A 1493 35.51 -1.55 26.37
N GLN A 1494 34.65 -1.67 27.38
CA GLN A 1494 34.97 -2.53 28.52
C GLN A 1494 35.08 -3.99 28.09
N TYR A 1495 34.20 -4.42 27.18
CA TYR A 1495 34.28 -5.79 26.67
C TYR A 1495 35.59 -6.02 25.93
N MET A 1496 36.01 -5.08 25.08
CA MET A 1496 37.24 -5.25 24.32
C MET A 1496 38.47 -5.28 25.21
N ARG A 1497 38.35 -4.83 26.46
CA ARG A 1497 39.44 -4.93 27.43
C ARG A 1497 39.81 -6.39 27.67
N ILE A 1507 21.52 1.58 29.10
CA ILE A 1507 20.34 2.40 28.80
C ILE A 1507 20.72 3.87 28.74
N PRO A 1508 20.66 4.45 27.55
CA PRO A 1508 21.01 5.87 27.40
C PRO A 1508 19.86 6.77 27.82
N VAL A 1509 20.20 7.89 28.44
CA VAL A 1509 19.18 8.88 28.79
C VAL A 1509 18.56 9.47 27.54
N CYS A 1510 19.37 9.77 26.53
CA CYS A 1510 18.89 10.30 25.26
C CYS A 1510 18.52 9.13 24.36
N GLY A 1511 17.24 8.76 24.36
CA GLY A 1511 16.78 7.63 23.58
C GLY A 1511 16.29 8.00 22.20
N SER A 1512 15.34 8.94 22.13
CA SER A 1512 14.77 9.33 20.85
C SER A 1512 15.78 10.12 20.03
N PRO A 1513 15.70 10.05 18.71
CA PRO A 1513 16.62 10.80 17.85
C PRO A 1513 16.61 12.29 18.13
N PRO A 1514 15.44 12.92 18.38
CA PRO A 1514 15.48 14.34 18.77
C PRO A 1514 16.27 14.59 20.05
N THR A 1515 16.18 13.70 21.03
CA THR A 1515 16.91 13.90 22.28
C THR A 1515 18.40 13.67 22.07
N ILE A 1516 18.76 12.71 21.21
CA ILE A 1516 20.16 12.52 20.86
C ILE A 1516 20.70 13.75 20.15
N ASN A 1517 19.90 14.33 19.26
CA ASN A 1517 20.32 15.57 18.59
C ASN A 1517 20.50 16.70 19.60
N ALA A 1518 19.61 16.80 20.59
CA ALA A 1518 19.75 17.81 21.62
C ALA A 1518 21.04 17.61 22.43
N GLY A 1519 21.36 16.35 22.76
CA GLY A 1519 22.60 16.07 23.45
C GLY A 1519 23.83 16.43 22.63
N PHE A 1520 23.77 16.14 21.33
CA PHE A 1520 24.83 16.56 20.42
C PHE A 1520 24.99 18.08 20.40
N GLU A 1521 23.86 18.80 20.34
CA GLU A 1521 23.94 20.25 20.35
C GLU A 1521 24.54 20.77 21.65
N LEU A 1522 24.19 20.14 22.77
CA LEU A 1522 24.77 20.53 24.05
C LEU A 1522 26.27 20.28 24.07
N LEU A 1523 26.71 19.13 23.53
CA LEU A 1523 28.14 18.83 23.48
C LEU A 1523 28.88 19.84 22.60
N VAL A 1524 28.30 20.19 21.45
CA VAL A 1524 28.92 21.18 20.57
C VAL A 1524 29.00 22.53 21.25
N ALA A 1525 27.94 22.94 21.94
CA ALA A 1525 27.97 24.20 22.68
C ALA A 1525 29.01 24.18 23.79
N LEU A 1526 29.24 23.01 24.38
CA LEU A 1526 30.33 22.87 25.34
C LEU A 1526 31.69 23.04 24.67
N ALA A 1527 31.84 22.50 23.46
CA ALA A 1527 33.12 22.52 22.77
C ALA A 1527 33.47 23.86 22.15
N VAL A 1528 32.49 24.70 21.84
CA VAL A 1528 32.78 25.94 21.11
C VAL A 1528 33.44 26.95 22.04
N GLY A 1529 34.54 27.54 21.58
CA GLY A 1529 35.23 28.57 22.30
C GLY A 1529 36.12 28.09 23.42
N CYS A 1530 36.20 26.78 23.66
CA CYS A 1530 37.01 26.22 24.73
C CYS A 1530 37.84 25.07 24.16
N VAL A 1531 39.15 25.30 24.03
CA VAL A 1531 40.03 24.24 23.53
C VAL A 1531 40.16 23.11 24.54
N ARG A 1532 40.09 23.43 25.84
CA ARG A 1532 40.24 22.41 26.87
C ARG A 1532 39.04 21.46 26.93
N ASN A 1533 37.90 21.85 26.37
CA ASN A 1533 36.75 20.96 26.29
C ASN A 1533 36.72 20.18 24.99
N LEU A 1534 37.03 20.86 23.87
CA LEU A 1534 37.15 20.17 22.59
C LEU A 1534 38.22 19.10 22.64
N LYS A 1535 39.31 19.36 23.36
CA LYS A 1535 40.38 18.38 23.48
C LYS A 1535 39.88 17.09 24.12
N GLN A 1536 39.15 17.20 25.22
CA GLN A 1536 38.65 16.01 25.90
C GLN A 1536 37.57 15.31 25.10
N ILE A 1537 36.69 16.08 24.44
CA ILE A 1537 35.67 15.46 23.61
C ILE A 1537 36.31 14.66 22.48
N VAL A 1538 37.32 15.25 21.83
CA VAL A 1538 38.02 14.57 20.75
C VAL A 1538 38.77 13.34 21.28
N ASP A 1539 39.41 13.46 22.43
CA ASP A 1539 40.12 12.32 23.00
C ASP A 1539 39.16 11.17 23.28
N SER A 1540 38.00 11.47 23.87
CA SER A 1540 37.02 10.42 24.14
C SER A 1540 36.51 9.80 22.85
N LEU A 1541 36.20 10.63 21.85
CA LEU A 1541 35.68 10.10 20.60
C LEU A 1541 36.71 9.21 19.91
N THR A 1542 37.98 9.60 19.93
CA THR A 1542 39.02 8.79 19.31
C THR A 1542 39.21 7.48 20.07
N GLU A 1543 39.33 7.54 21.39
CA GLU A 1543 39.53 6.32 22.16
C GLU A 1543 38.31 5.42 22.13
N MET A 1544 37.15 5.95 21.72
CA MET A 1544 35.93 5.16 21.72
C MET A 1544 35.61 4.58 20.34
N TYR A 1545 36.00 5.27 19.27
CA TYR A 1545 35.73 4.78 17.92
C TYR A 1545 36.98 4.64 17.04
N TYR A 1546 37.93 5.56 17.13
CA TYR A 1546 39.01 5.66 16.17
C TYR A 1546 40.38 5.41 16.80
N ILE A 1547 40.45 4.51 17.78
CA ILE A 1547 41.71 4.18 18.44
C ILE A 1547 42.16 2.80 17.97
N GLY A 1548 41.21 2.01 17.46
CA GLY A 1548 41.54 0.64 17.07
C GLY A 1548 42.50 0.57 15.90
N THR A 1549 42.28 1.39 14.88
CA THR A 1549 43.08 1.34 13.65
C THR A 1549 43.76 2.65 13.31
N ALA A 1550 43.21 3.79 13.73
CA ALA A 1550 43.71 5.10 13.32
C ALA A 1550 44.79 5.59 14.28
N ILE A 1551 45.79 4.75 14.50
CA ILE A 1551 46.95 5.11 15.30
C ILE A 1551 48.11 5.56 14.42
N THR A 1552 48.27 4.94 13.25
CA THR A 1552 49.27 5.33 12.26
C THR A 1552 48.67 5.56 10.89
N THR A 1553 47.67 4.77 10.50
CA THR A 1553 47.02 4.90 9.20
C THR A 1553 45.52 4.73 9.37
N CYS A 1554 44.77 5.23 8.40
CA CYS A 1554 43.31 5.15 8.40
C CYS A 1554 42.88 4.09 7.41
N GLU A 1555 42.24 3.04 7.90
CA GLU A 1555 41.78 1.94 7.05
C GLU A 1555 40.42 2.31 6.47
N ALA A 1556 39.76 1.34 5.83
CA ALA A 1556 38.49 1.58 5.17
C ALA A 1556 37.57 0.36 5.38
N LEU A 1557 36.29 0.56 5.08
CA LEU A 1557 35.30 -0.50 5.20
C LEU A 1557 35.25 -1.40 3.97
N THR A 1558 35.95 -1.03 2.90
CA THR A 1558 36.07 -1.81 1.66
C THR A 1558 34.75 -1.80 0.90
N GLU A 1559 33.70 -1.22 1.49
CA GLU A 1559 32.42 -1.02 0.82
C GLU A 1559 32.15 0.47 0.75
N TRP A 1560 31.79 0.95 -0.43
CA TRP A 1560 31.72 2.39 -0.68
C TRP A 1560 30.33 2.97 -0.42
N GLU A 1561 29.33 2.14 -0.15
CA GLU A 1561 28.02 2.61 0.29
C GLU A 1561 27.60 1.65 1.40
N TYR A 1562 27.97 1.99 2.63
CA TYR A 1562 27.93 1.05 3.75
C TYR A 1562 26.97 1.52 4.83
N LEU A 1563 26.08 0.64 5.22
CA LEU A 1563 25.28 0.73 6.43
C LEU A 1563 25.41 -0.59 7.17
N PRO A 1564 25.20 -0.61 8.48
CA PRO A 1564 25.11 -1.87 9.21
C PRO A 1564 24.01 -2.74 8.63
N PRO A 1565 24.36 -3.90 8.07
CA PRO A 1565 23.38 -4.73 7.36
C PRO A 1565 22.49 -5.58 8.27
N VAL A 1566 22.48 -5.33 9.57
CA VAL A 1566 21.70 -6.17 10.48
C VAL A 1566 20.25 -5.69 10.59
N GLY A 1567 20.06 -4.38 10.77
CA GLY A 1567 18.73 -3.83 10.85
C GLY A 1567 18.36 -3.33 12.23
N PRO A 1568 17.25 -2.58 12.32
CA PRO A 1568 16.88 -1.97 13.61
C PRO A 1568 16.09 -2.87 14.53
N ARG A 1569 15.45 -3.94 14.02
CA ARG A 1569 14.52 -4.76 14.79
C ARG A 1569 13.44 -3.89 15.42
N PRO A 1570 12.44 -3.46 14.66
CA PRO A 1570 11.36 -2.61 15.21
C PRO A 1570 10.83 -3.16 16.52
N PRO A 1571 10.36 -2.28 17.43
CA PRO A 1571 10.07 -2.71 18.80
C PRO A 1571 9.04 -3.82 18.92
N LYS A 1572 7.85 -3.60 18.38
CA LYS A 1572 6.79 -4.60 18.51
C LYS A 1572 7.02 -5.83 17.63
N GLY A 1573 7.92 -5.75 16.66
CA GLY A 1573 8.20 -6.87 15.80
C GLY A 1573 9.01 -7.96 16.49
N PHE A 1574 9.66 -8.81 15.70
CA PHE A 1574 10.45 -9.93 16.23
C PHE A 1574 11.72 -10.07 15.41
N VAL A 1575 12.49 -11.10 15.74
CA VAL A 1575 13.79 -11.36 15.11
C VAL A 1575 13.60 -12.44 14.06
N GLY A 1576 13.99 -12.14 12.83
CA GLY A 1576 13.93 -13.09 11.74
C GLY A 1576 15.16 -13.99 11.71
N LEU A 1577 15.36 -14.63 10.56
CA LEU A 1577 16.51 -15.51 10.37
C LEU A 1577 17.04 -15.33 8.96
N LYS A 1578 18.36 -15.30 8.83
CA LYS A 1578 19.00 -15.08 7.54
C LYS A 1578 18.76 -16.27 6.62
N ASN A 1579 18.50 -15.98 5.34
CA ASN A 1579 18.34 -16.99 4.32
C ASN A 1579 19.51 -16.91 3.36
N ALA A 1580 20.16 -18.05 3.13
CA ALA A 1580 21.27 -18.14 2.19
C ALA A 1580 20.82 -18.36 0.76
N GLY A 1581 19.51 -18.49 0.53
CA GLY A 1581 18.99 -18.71 -0.81
C GLY A 1581 18.05 -19.89 -0.88
N ALA A 1582 18.35 -20.94 -0.10
CA ALA A 1582 17.52 -22.13 -0.06
C ALA A 1582 17.39 -22.67 1.36
N THR A 1583 17.37 -21.78 2.36
CA THR A 1583 17.31 -22.18 3.76
C THR A 1583 16.00 -21.79 4.42
N CYS A 1584 14.95 -21.56 3.64
CA CYS A 1584 13.67 -21.17 4.21
C CYS A 1584 13.00 -22.30 4.97
N TYR A 1585 13.17 -23.54 4.53
CA TYR A 1585 12.52 -24.65 5.18
C TYR A 1585 13.16 -25.02 6.51
N MET A 1586 14.28 -24.39 6.87
CA MET A 1586 14.74 -24.42 8.25
C MET A 1586 14.18 -23.25 9.06
N ASN A 1587 14.31 -22.02 8.57
CA ASN A 1587 14.02 -20.86 9.40
C ASN A 1587 12.52 -20.75 9.68
N SER A 1588 11.67 -21.10 8.71
CA SER A 1588 10.24 -21.09 8.95
C SER A 1588 9.85 -22.08 10.05
N VAL A 1589 10.41 -23.28 9.99
CA VAL A 1589 10.12 -24.29 11.01
C VAL A 1589 10.61 -23.84 12.37
N ILE A 1590 11.79 -23.22 12.42
CA ILE A 1590 12.33 -22.74 13.69
C ILE A 1590 11.46 -21.63 14.26
N GLN A 1591 10.99 -20.71 13.40
CA GLN A 1591 10.06 -19.69 13.88
C GLN A 1591 8.80 -20.31 14.47
N GLN A 1592 8.23 -21.28 13.75
CA GLN A 1592 6.99 -21.91 14.23
C GLN A 1592 7.22 -22.63 15.56
N LEU A 1593 8.35 -23.32 15.70
CA LEU A 1593 8.64 -24.03 16.95
C LEU A 1593 8.89 -23.05 18.09
N TYR A 1594 9.61 -21.96 17.83
CA TYR A 1594 9.92 -21.01 18.89
C TYR A 1594 8.67 -20.29 19.38
N MET A 1595 7.77 -19.93 18.47
CA MET A 1595 6.61 -19.14 18.86
C MET A 1595 5.65 -19.88 19.78
N ILE A 1596 5.81 -21.20 19.93
CA ILE A 1596 5.02 -21.96 20.89
C ILE A 1596 5.57 -21.70 22.28
N PRO A 1597 4.77 -21.15 23.21
CA PRO A 1597 5.31 -20.77 24.52
C PRO A 1597 5.90 -21.93 25.31
N SER A 1598 5.29 -23.11 25.24
CA SER A 1598 5.81 -24.25 25.98
C SER A 1598 7.20 -24.61 25.49
N ILE A 1599 7.41 -24.60 24.17
CA ILE A 1599 8.71 -24.94 23.62
C ILE A 1599 9.76 -23.89 24.00
N ARG A 1600 9.41 -22.60 23.89
CA ARG A 1600 10.39 -21.56 24.20
C ARG A 1600 10.77 -21.59 25.67
N ASN A 1601 9.82 -21.93 26.55
CA ASN A 1601 10.14 -22.02 27.97
C ASN A 1601 10.95 -23.27 28.27
N GLY A 1602 10.59 -24.40 27.66
CA GLY A 1602 11.26 -25.65 27.99
C GLY A 1602 12.69 -25.73 27.47
N ILE A 1603 12.90 -25.34 26.21
CA ILE A 1603 14.22 -25.50 25.60
C ILE A 1603 15.25 -24.64 26.31
N LEU A 1604 14.91 -23.38 26.58
CA LEU A 1604 15.85 -22.48 27.23
C LEU A 1604 16.16 -22.87 28.66
N ALA A 1605 15.30 -23.67 29.30
CA ALA A 1605 15.48 -24.05 30.69
C ALA A 1605 16.33 -25.30 30.86
N ILE A 1606 16.71 -25.97 29.78
CA ILE A 1606 17.51 -27.19 29.86
C ILE A 1606 18.97 -26.80 30.06
N GLU A 1607 19.50 -27.04 31.25
CA GLU A 1607 20.88 -26.71 31.58
C GLU A 1607 21.77 -27.94 31.43
N GLY A 1608 23.06 -27.68 31.30
CA GLY A 1608 24.04 -28.75 31.16
C GLY A 1608 24.24 -29.28 29.76
N THR A 1609 23.66 -28.65 28.74
CA THR A 1609 23.82 -29.10 27.37
C THR A 1609 25.17 -28.73 26.77
N GLY A 1610 25.92 -27.83 27.41
CA GLY A 1610 27.21 -27.41 26.90
C GLY A 1610 28.28 -28.46 27.07
N LYS A 1650 27.73 -45.55 15.58
CA LYS A 1650 28.35 -44.99 16.79
C LYS A 1650 27.29 -44.33 17.67
N THR A 1651 26.94 -45.00 18.76
CA THR A 1651 25.93 -44.46 19.67
C THR A 1651 26.40 -43.17 20.34
N GLU A 1652 27.67 -43.10 20.75
CA GLU A 1652 28.18 -41.90 21.39
C GLU A 1652 28.18 -40.71 20.44
N ASP A 1653 28.53 -40.96 19.16
CA ASP A 1653 28.51 -39.89 18.18
C ASP A 1653 27.11 -39.34 17.98
N ARG A 1654 26.11 -40.22 17.90
CA ARG A 1654 24.72 -39.78 17.77
C ARG A 1654 24.25 -39.05 19.02
N LYS A 1655 24.67 -39.51 20.20
CA LYS A 1655 24.31 -38.83 21.44
C LYS A 1655 24.86 -37.41 21.46
N GLU A 1656 26.14 -37.25 21.09
CA GLU A 1656 26.72 -35.92 21.02
C GLU A 1656 26.06 -35.08 19.94
N TYR A 1657 25.66 -35.71 18.83
CA TYR A 1657 24.92 -34.99 17.79
C TYR A 1657 23.61 -34.44 18.32
N ASN A 1658 22.86 -35.25 19.07
CA ASN A 1658 21.59 -34.79 19.64
C ASN A 1658 21.82 -33.69 20.67
N ILE A 1659 22.88 -33.83 21.49
CA ILE A 1659 23.20 -32.79 22.46
C ILE A 1659 23.50 -31.48 21.75
N GLY A 1660 24.27 -31.55 20.66
CA GLY A 1660 24.53 -30.35 19.88
C GLY A 1660 23.27 -29.77 19.26
N VAL A 1661 22.36 -30.64 18.82
CA VAL A 1661 21.08 -30.18 18.30
C VAL A 1661 20.35 -29.35 19.35
N LEU A 1662 20.23 -29.90 20.56
CA LEU A 1662 19.53 -29.19 21.63
C LEU A 1662 20.24 -27.89 21.99
N ARG A 1663 21.58 -27.92 22.04
CA ARG A 1663 22.33 -26.71 22.39
C ARG A 1663 22.15 -25.62 21.34
N HIS A 1664 22.20 -25.97 20.06
CA HIS A 1664 22.01 -24.99 19.01
C HIS A 1664 20.58 -24.42 19.03
N LEU A 1665 19.60 -25.28 19.29
CA LEU A 1665 18.23 -24.78 19.42
C LEU A 1665 18.12 -23.82 20.59
N GLN A 1666 18.78 -24.13 21.71
CA GLN A 1666 18.78 -23.23 22.85
C GLN A 1666 19.41 -21.88 22.48
N VAL A 1667 20.53 -21.91 21.76
CA VAL A 1667 21.21 -20.69 21.40
C VAL A 1667 20.32 -19.82 20.51
N ILE A 1668 19.68 -20.44 19.51
CA ILE A 1668 18.84 -19.67 18.60
C ILE A 1668 17.59 -19.16 19.32
N PHE A 1669 17.04 -19.95 20.23
CA PHE A 1669 15.89 -19.49 21.01
C PHE A 1669 16.25 -18.28 21.86
N GLY A 1670 17.39 -18.33 22.54
CA GLY A 1670 17.83 -17.18 23.32
C GLY A 1670 18.10 -15.96 22.45
N HIS A 1671 18.68 -16.18 21.27
CA HIS A 1671 18.92 -15.08 20.34
C HIS A 1671 17.61 -14.42 19.95
N LEU A 1672 16.64 -15.21 19.48
CA LEU A 1672 15.34 -14.66 19.13
C LEU A 1672 14.63 -14.02 20.32
N ALA A 1673 14.93 -14.47 21.54
CA ALA A 1673 14.30 -13.89 22.72
C ALA A 1673 14.89 -12.53 23.05
N ALA A 1674 16.20 -12.36 22.88
CA ALA A 1674 16.84 -11.15 23.40
C ALA A 1674 17.72 -10.37 22.42
N SER A 1675 17.93 -10.84 21.19
CA SER A 1675 18.77 -10.08 20.26
C SER A 1675 18.06 -8.80 19.84
N ARG A 1676 18.84 -7.72 19.76
CA ARG A 1676 18.32 -6.42 19.34
C ARG A 1676 18.47 -6.18 17.84
N LEU A 1677 19.08 -7.10 17.10
CA LEU A 1677 19.18 -6.97 15.65
C LEU A 1677 17.90 -7.48 15.00
N GLN A 1678 17.72 -7.10 13.74
CA GLN A 1678 16.50 -7.44 13.02
C GLN A 1678 16.39 -8.93 12.76
N TYR A 1679 17.52 -9.59 12.51
CA TYR A 1679 17.54 -11.02 12.26
C TYR A 1679 18.84 -11.61 12.75
N TYR A 1680 18.95 -12.93 12.68
CA TYR A 1680 20.15 -13.65 13.07
C TYR A 1680 20.60 -14.57 11.94
N VAL A 1681 21.91 -14.74 11.84
CA VAL A 1681 22.50 -15.57 10.78
C VAL A 1681 23.03 -16.84 11.42
N PRO A 1682 22.37 -17.99 11.23
CA PRO A 1682 22.73 -19.23 11.95
C PRO A 1682 23.92 -20.02 11.40
N ARG A 1683 25.11 -19.69 11.90
CA ARG A 1683 26.28 -20.53 11.66
C ARG A 1683 26.11 -21.93 12.22
N GLY A 1684 26.00 -22.06 13.55
CA GLY A 1684 25.99 -23.38 14.18
C GLY A 1684 24.82 -24.24 13.76
N PHE A 1685 23.66 -23.62 13.53
CA PHE A 1685 22.50 -24.37 13.05
C PHE A 1685 22.79 -25.06 11.72
N TRP A 1686 23.40 -24.33 10.78
CA TRP A 1686 23.70 -24.89 9.47
C TRP A 1686 24.89 -25.84 9.50
N LYS A 1687 25.83 -25.61 10.42
CA LYS A 1687 27.01 -26.47 10.50
C LYS A 1687 26.69 -27.81 11.17
N GLN A 1688 25.81 -27.80 12.17
CA GLN A 1688 25.61 -28.99 12.98
C GLN A 1688 24.70 -30.00 12.30
N PHE A 1689 23.54 -29.57 11.83
CA PHE A 1689 22.52 -30.51 11.39
C PHE A 1689 22.92 -31.21 10.10
N ARG A 1690 22.73 -32.52 10.07
CA ARG A 1690 22.89 -33.33 8.87
C ARG A 1690 21.62 -34.14 8.66
N LEU A 1691 21.05 -34.06 7.46
CA LEU A 1691 19.76 -34.68 7.18
C LEU A 1691 19.94 -36.17 6.94
N TRP A 1692 19.37 -36.99 7.84
CA TRP A 1692 19.48 -38.44 7.77
C TRP A 1692 20.95 -38.88 7.71
N GLY A 1693 21.79 -38.21 8.49
CA GLY A 1693 23.22 -38.47 8.50
C GLY A 1693 23.99 -37.70 7.46
N GLU A 1694 23.47 -37.65 6.23
CA GLU A 1694 24.13 -36.91 5.17
C GLU A 1694 24.09 -35.41 5.48
N PRO A 1695 25.17 -34.67 5.20
CA PRO A 1695 25.20 -33.25 5.53
C PRO A 1695 24.16 -32.47 4.75
N VAL A 1696 23.65 -31.40 5.38
CA VAL A 1696 22.65 -30.55 4.77
C VAL A 1696 23.34 -29.54 3.85
N ASN A 1697 22.95 -29.54 2.58
CA ASN A 1697 23.47 -28.57 1.63
C ASN A 1697 22.66 -27.27 1.76
N LEU A 1698 23.35 -26.17 2.00
CA LEU A 1698 22.67 -24.90 2.22
C LEU A 1698 22.03 -24.34 0.95
N ARG A 1699 22.45 -24.81 -0.21
CA ARG A 1699 21.92 -24.35 -1.49
C ARG A 1699 20.96 -25.34 -2.13
N GLU A 1700 20.54 -26.37 -1.41
CA GLU A 1700 19.70 -27.43 -1.95
C GLU A 1700 18.32 -27.36 -1.32
N GLN A 1701 17.29 -27.31 -2.15
CA GLN A 1701 15.91 -27.32 -1.67
C GLN A 1701 15.53 -28.70 -1.16
N HIS A 1702 14.78 -28.73 -0.06
CA HIS A 1702 14.31 -29.98 0.51
C HIS A 1702 12.95 -29.77 1.13
N ASP A 1703 12.23 -30.87 1.34
CA ASP A 1703 10.93 -30.80 1.99
C ASP A 1703 11.09 -30.43 3.45
N ALA A 1704 10.24 -29.51 3.92
CA ALA A 1704 10.27 -29.11 5.32
C ALA A 1704 9.82 -30.22 6.25
N LEU A 1705 9.02 -31.16 5.76
CA LEU A 1705 8.55 -32.25 6.61
C LEU A 1705 9.71 -33.15 7.06
N GLU A 1706 10.63 -33.45 6.15
CA GLU A 1706 11.78 -34.28 6.52
C GLU A 1706 12.64 -33.60 7.57
N PHE A 1707 12.91 -32.30 7.39
CA PHE A 1707 13.70 -31.56 8.36
C PHE A 1707 12.97 -31.50 9.71
N PHE A 1708 11.66 -31.27 9.69
CA PHE A 1708 10.90 -31.23 10.93
C PHE A 1708 10.95 -32.57 11.66
N ASN A 1709 10.78 -33.67 10.93
CA ASN A 1709 10.82 -34.99 11.56
C ASN A 1709 12.20 -35.26 12.14
N SER A 1710 13.27 -34.95 11.37
CA SER A 1710 14.62 -35.16 11.88
C SER A 1710 14.88 -34.33 13.12
N LEU A 1711 14.44 -33.06 13.12
CA LEU A 1711 14.67 -32.17 14.25
C LEU A 1711 13.93 -32.65 15.48
N VAL A 1712 12.67 -33.05 15.33
CA VAL A 1712 11.90 -33.48 16.51
C VAL A 1712 12.46 -34.79 17.04
N ASP A 1713 12.87 -35.70 16.15
CA ASP A 1713 13.47 -36.95 16.62
C ASP A 1713 14.78 -36.68 17.36
N SER A 1714 15.62 -35.80 16.82
CA SER A 1714 16.90 -35.48 17.47
C SER A 1714 16.66 -34.82 18.82
N LEU A 1715 15.69 -33.91 18.90
CA LEU A 1715 15.41 -33.25 20.17
C LEU A 1715 14.87 -34.23 21.20
N ASP A 1716 14.00 -35.15 20.78
CA ASP A 1716 13.50 -36.16 21.70
C ASP A 1716 14.63 -37.06 22.20
N GLU A 1717 15.54 -37.46 21.29
CA GLU A 1717 16.67 -38.27 21.70
C GLU A 1717 17.58 -37.51 22.67
N ALA A 1718 17.81 -36.23 22.42
CA ALA A 1718 18.64 -35.42 23.31
C ALA A 1718 18.00 -35.29 24.68
N LEU A 1719 16.69 -35.06 24.72
CA LEU A 1719 16.00 -34.97 26.00
C LEU A 1719 16.07 -36.29 26.76
N LYS A 1720 15.86 -37.41 26.06
CA LYS A 1720 15.91 -38.71 26.71
C LYS A 1720 17.31 -39.02 27.24
N ALA A 1721 18.35 -38.69 26.46
CA ALA A 1721 19.71 -38.99 26.87
C ALA A 1721 20.13 -38.18 28.09
N LEU A 1722 19.55 -36.98 28.26
CA LEU A 1722 19.87 -36.11 29.38
C LEU A 1722 18.94 -36.32 30.58
N GLY A 1723 18.05 -37.30 30.51
CA GLY A 1723 17.12 -37.56 31.58
C GLY A 1723 15.86 -36.75 31.57
N HIS A 1724 15.63 -35.94 30.53
CA HIS A 1724 14.44 -35.12 30.43
C HIS A 1724 13.36 -35.85 29.63
N PRO A 1725 12.09 -35.57 29.91
CA PRO A 1725 11.01 -36.19 29.13
C PRO A 1725 10.97 -35.65 27.71
N ALA A 1726 10.36 -36.42 26.82
CA ALA A 1726 10.20 -36.01 25.44
C ALA A 1726 9.14 -34.93 25.35
N MET A 1727 9.55 -33.68 25.54
CA MET A 1727 8.59 -32.56 25.54
C MET A 1727 7.91 -32.43 24.18
N LEU A 1728 8.68 -32.56 23.10
CA LEU A 1728 8.10 -32.44 21.77
C LEU A 1728 7.06 -33.53 21.50
N SER A 1729 7.34 -34.76 21.93
CA SER A 1729 6.38 -35.84 21.75
C SER A 1729 5.11 -35.59 22.56
N LYS A 1730 5.26 -35.08 23.78
CA LYS A 1730 4.10 -34.83 24.63
C LYS A 1730 3.25 -33.67 24.13
N VAL A 1731 3.87 -32.64 23.56
CA VAL A 1731 3.13 -31.44 23.17
C VAL A 1731 2.60 -31.55 21.75
N LEU A 1732 3.39 -32.08 20.82
CA LEU A 1732 3.01 -32.15 19.42
C LEU A 1732 2.58 -33.54 18.96
N GLY A 1733 3.21 -34.59 19.49
CA GLY A 1733 2.94 -35.93 19.01
C GLY A 1733 1.60 -36.47 19.48
N GLY A 1734 0.99 -37.29 18.64
CA GLY A 1734 -0.27 -37.94 18.96
C GLY A 1734 -0.20 -39.44 18.77
N SER A 1735 -1.35 -40.10 18.72
CA SER A 1735 -1.41 -41.54 18.53
C SER A 1735 -2.74 -41.91 17.88
N PHE A 1736 -2.68 -42.56 16.72
CA PHE A 1736 -3.88 -43.04 16.06
C PHE A 1736 -4.35 -44.35 16.68
N ALA A 1737 -5.67 -44.57 16.65
CA ALA A 1737 -6.28 -45.81 17.11
C ALA A 1737 -6.86 -46.50 15.87
N ASP A 1738 -6.04 -47.31 15.21
CA ASP A 1738 -6.48 -48.03 14.02
C ASP A 1738 -7.48 -49.11 14.43
N GLN A 1739 -8.73 -48.96 13.98
CA GLN A 1739 -9.81 -49.86 14.34
C GLN A 1739 -10.28 -50.62 13.12
N LYS A 1740 -10.46 -51.92 13.28
CA LYS A 1740 -10.98 -52.80 12.23
C LYS A 1740 -12.25 -53.45 12.72
N ILE A 1741 -13.37 -53.12 12.08
CA ILE A 1741 -14.67 -53.65 12.45
C ILE A 1741 -15.23 -54.43 11.27
N CYS A 1742 -15.58 -55.70 11.51
CA CYS A 1742 -16.06 -56.57 10.44
C CYS A 1742 -17.59 -56.56 10.39
N GLN A 1743 -18.12 -56.77 9.19
CA GLN A 1743 -19.56 -56.76 8.97
C GLN A 1743 -20.19 -58.14 9.12
N GLY A 1744 -19.45 -59.20 8.81
CA GLY A 1744 -19.99 -60.54 8.88
C GLY A 1744 -19.72 -61.25 10.20
N CYS A 1745 -18.78 -60.74 10.97
CA CYS A 1745 -18.44 -61.31 12.26
C CYS A 1745 -18.21 -60.18 13.27
N PRO A 1746 -18.48 -60.43 14.55
CA PRO A 1746 -18.32 -59.38 15.56
C PRO A 1746 -16.89 -59.13 16.01
N HIS A 1747 -15.91 -59.78 15.40
CA HIS A 1747 -14.52 -59.57 15.79
C HIS A 1747 -14.07 -58.15 15.46
N ARG A 1748 -13.36 -57.54 16.41
CA ARG A 1748 -12.88 -56.17 16.28
C ARG A 1748 -11.41 -56.11 16.67
N TYR A 1749 -10.62 -55.39 15.89
CA TYR A 1749 -9.20 -55.25 16.12
C TYR A 1749 -8.83 -53.79 16.33
N GLU A 1750 -8.02 -53.53 17.35
CA GLU A 1750 -7.60 -52.19 17.70
C GLU A 1750 -6.11 -52.17 17.99
N CYS A 1751 -5.44 -51.10 17.56
CA CYS A 1751 -4.01 -50.94 17.80
C CYS A 1751 -3.67 -49.46 17.82
N GLU A 1752 -2.52 -49.14 18.40
CA GLU A 1752 -2.06 -47.77 18.56
C GLU A 1752 -0.86 -47.51 17.66
N GLU A 1753 -0.87 -46.35 16.99
CA GLU A 1753 0.21 -45.95 16.08
C GLU A 1753 0.60 -44.52 16.40
N SER A 1754 1.81 -44.33 16.90
CA SER A 1754 2.29 -42.99 17.24
C SER A 1754 2.59 -42.19 15.98
N PHE A 1755 2.31 -40.89 16.04
CA PHE A 1755 2.55 -40.01 14.92
C PHE A 1755 2.84 -38.60 15.43
N THR A 1756 3.49 -37.81 14.59
CA THR A 1756 3.84 -36.43 14.91
C THR A 1756 3.07 -35.40 14.10
N THR A 1757 2.88 -35.65 12.80
CA THR A 1757 2.17 -34.74 11.93
C THR A 1757 0.94 -35.44 11.34
N LEU A 1758 -0.13 -34.68 11.16
CA LEU A 1758 -1.38 -35.20 10.64
C LEU A 1758 -1.44 -34.95 9.14
N ASN A 1759 -1.62 -36.03 8.37
CA ASN A 1759 -1.67 -35.95 6.92
C ASN A 1759 -3.12 -36.04 6.46
N VAL A 1760 -3.55 -35.05 5.67
CA VAL A 1760 -4.91 -34.99 5.16
C VAL A 1760 -4.87 -34.85 3.65
N ASP A 1761 -5.77 -35.55 2.96
CA ASP A 1761 -5.83 -35.48 1.52
C ASP A 1761 -6.28 -34.10 1.06
N ILE A 1762 -5.64 -33.60 0.00
CA ILE A 1762 -5.93 -32.27 -0.51
C ILE A 1762 -6.54 -32.29 -1.91
N ARG A 1763 -6.20 -33.29 -2.73
N ARG A 1763 -6.19 -33.28 -2.73
CA ARG A 1763 -6.70 -33.33 -4.10
CA ARG A 1763 -6.70 -33.33 -4.10
C ARG A 1763 -8.19 -33.62 -4.14
C ARG A 1763 -8.19 -33.60 -4.14
N ASN A 1764 -8.66 -34.56 -3.33
CA ASN A 1764 -10.05 -34.99 -3.35
C ASN A 1764 -10.89 -34.36 -2.24
N HIS A 1765 -10.36 -33.38 -1.51
CA HIS A 1765 -11.09 -32.73 -0.45
C HIS A 1765 -10.99 -31.22 -0.62
N GLN A 1766 -12.04 -30.52 -0.16
CA GLN A 1766 -12.12 -29.07 -0.28
C GLN A 1766 -11.97 -28.34 1.05
N ASN A 1767 -12.25 -28.99 2.17
CA ASN A 1767 -12.15 -28.36 3.47
C ASN A 1767 -11.54 -29.34 4.47
N LEU A 1768 -11.01 -28.78 5.56
CA LEU A 1768 -10.38 -29.60 6.59
C LEU A 1768 -11.40 -30.54 7.25
N LEU A 1769 -12.65 -30.09 7.36
CA LEU A 1769 -13.68 -30.92 7.98
C LEU A 1769 -13.91 -32.20 7.17
N ASP A 1770 -13.94 -32.10 5.85
CA ASP A 1770 -14.11 -33.29 5.02
C ASP A 1770 -12.94 -34.25 5.16
N SER A 1771 -11.71 -33.70 5.19
CA SER A 1771 -10.54 -34.55 5.34
C SER A 1771 -10.54 -35.26 6.69
N LEU A 1772 -10.93 -34.56 7.76
CA LEU A 1772 -11.00 -35.18 9.07
C LEU A 1772 -12.12 -36.22 9.14
N GLU A 1773 -13.26 -35.95 8.51
CA GLU A 1773 -14.35 -36.92 8.47
C GLU A 1773 -13.97 -38.15 7.65
N GLN A 1774 -13.06 -38.00 6.70
CA GLN A 1774 -12.57 -39.14 5.94
C GLN A 1774 -11.89 -40.15 6.87
N TYR A 1775 -11.16 -39.66 7.88
CA TYR A 1775 -10.54 -40.57 8.84
C TYR A 1775 -11.59 -41.34 9.63
N VAL A 1776 -12.67 -40.66 10.06
CA VAL A 1776 -13.72 -41.34 10.80
C VAL A 1776 -14.41 -42.38 9.93
N LYS A 1777 -14.73 -42.01 8.68
CA LYS A 1777 -15.33 -42.96 7.76
C LYS A 1777 -14.35 -44.08 7.41
N GLY A 1778 -13.08 -43.74 7.22
CA GLY A 1778 -12.08 -44.74 6.90
C GLY A 1778 -12.26 -45.31 5.50
N ASP A 1779 -11.88 -46.59 5.35
CA ASP A 1779 -11.98 -47.28 4.09
C ASP A 1779 -12.62 -48.64 4.30
N LEU A 1780 -13.27 -49.14 3.25
CA LEU A 1780 -13.97 -50.41 3.28
C LEU A 1780 -13.24 -51.42 2.42
N LEU A 1781 -12.91 -52.57 3.00
CA LEU A 1781 -12.26 -53.66 2.28
C LEU A 1781 -13.31 -54.73 1.99
N GLU A 1782 -13.46 -55.06 0.71
CA GLU A 1782 -14.50 -56.01 0.30
C GLU A 1782 -14.04 -56.77 -0.94
N GLY A 1783 -14.73 -57.87 -1.20
CA GLY A 1783 -14.39 -58.68 -2.37
C GLY A 1783 -13.03 -59.32 -2.22
N ALA A 1784 -12.23 -59.24 -3.28
CA ALA A 1784 -10.88 -59.81 -3.25
C ALA A 1784 -9.96 -59.07 -2.29
N ASN A 1785 -10.31 -57.83 -1.92
CA ASN A 1785 -9.51 -57.02 -1.00
C ASN A 1785 -10.03 -57.09 0.42
N ALA A 1786 -10.98 -57.96 0.71
CA ALA A 1786 -11.54 -58.06 2.06
C ALA A 1786 -10.47 -58.49 3.05
N TYR A 1787 -10.52 -57.88 4.24
CA TYR A 1787 -9.54 -58.18 5.27
C TYR A 1787 -9.69 -59.61 5.77
N HIS A 1788 -8.55 -60.28 5.97
CA HIS A 1788 -8.53 -61.65 6.45
C HIS A 1788 -8.39 -61.64 7.97
N CYS A 1789 -9.36 -62.24 8.65
CA CYS A 1789 -9.36 -62.29 10.11
C CYS A 1789 -8.48 -63.45 10.58
N GLU A 1790 -7.53 -63.15 11.47
CA GLU A 1790 -6.65 -64.19 11.98
C GLU A 1790 -7.38 -65.16 12.90
N LYS A 1791 -8.52 -64.76 13.47
CA LYS A 1791 -9.30 -65.64 14.34
C LYS A 1791 -10.25 -66.52 13.53
N CYS A 1792 -11.00 -65.92 12.60
CA CYS A 1792 -11.94 -66.67 11.79
C CYS A 1792 -11.29 -67.40 10.62
N ASN A 1793 -10.05 -67.05 10.28
CA ASN A 1793 -9.32 -67.67 9.18
C ASN A 1793 -10.10 -67.59 7.88
N LYS A 1794 -10.66 -66.41 7.59
CA LYS A 1794 -11.45 -66.21 6.39
C LYS A 1794 -11.45 -64.72 6.05
N LYS A 1795 -11.82 -64.43 4.81
CA LYS A 1795 -11.93 -63.05 4.34
C LYS A 1795 -13.33 -62.53 4.57
N VAL A 1796 -13.42 -61.34 5.16
CA VAL A 1796 -14.71 -60.73 5.48
C VAL A 1796 -14.56 -59.22 5.34
N ASP A 1797 -15.68 -58.57 4.99
CA ASP A 1797 -15.67 -57.12 4.86
C ASP A 1797 -15.35 -56.46 6.19
N THR A 1798 -14.42 -55.50 6.17
CA THR A 1798 -13.97 -54.82 7.37
C THR A 1798 -13.78 -53.35 7.09
N VAL A 1799 -14.24 -52.50 8.00
CA VAL A 1799 -14.10 -51.06 7.88
C VAL A 1799 -12.83 -50.64 8.60
N LYS A 1800 -11.86 -50.15 7.85
CA LYS A 1800 -10.58 -49.71 8.39
C LYS A 1800 -10.61 -48.19 8.53
N ARG A 1801 -10.70 -47.71 9.77
CA ARG A 1801 -10.76 -46.29 10.06
C ARG A 1801 -9.69 -45.92 11.08
N LEU A 1802 -9.23 -44.68 11.01
CA LEU A 1802 -8.19 -44.17 11.90
C LEU A 1802 -8.80 -43.10 12.80
N LEU A 1803 -8.67 -43.28 14.11
CA LEU A 1803 -9.17 -42.33 15.09
C LEU A 1803 -8.04 -41.93 16.03
N ILE A 1804 -8.05 -40.67 16.45
CA ILE A 1804 -7.02 -40.14 17.33
C ILE A 1804 -7.33 -40.58 18.75
N LYS A 1805 -6.36 -41.24 19.40
CA LYS A 1805 -6.53 -41.69 20.78
C LYS A 1805 -6.14 -40.62 21.79
N LYS A 1806 -4.93 -40.08 21.67
CA LYS A 1806 -4.43 -39.05 22.57
C LYS A 1806 -4.37 -37.72 21.84
N LEU A 1807 -4.93 -36.68 22.44
CA LEU A 1807 -4.98 -35.36 21.82
C LEU A 1807 -3.82 -34.52 22.34
N PRO A 1808 -2.84 -34.18 21.50
CA PRO A 1808 -1.75 -33.33 21.98
C PRO A 1808 -2.22 -31.92 22.21
N PRO A 1809 -1.58 -31.18 23.13
CA PRO A 1809 -1.96 -29.77 23.31
C PRO A 1809 -1.77 -28.93 22.06
N VAL A 1810 -0.76 -29.24 21.25
CA VAL A 1810 -0.52 -28.56 19.98
C VAL A 1810 -0.55 -29.62 18.88
N LEU A 1811 -1.33 -29.36 17.83
CA LEU A 1811 -1.55 -30.32 16.76
C LEU A 1811 -0.92 -29.78 15.47
N ALA A 1812 -0.15 -30.64 14.80
CA ALA A 1812 0.47 -30.31 13.53
C ALA A 1812 -0.23 -31.10 12.42
N ILE A 1813 -0.76 -30.38 11.42
CA ILE A 1813 -1.49 -30.98 10.32
C ILE A 1813 -0.79 -30.64 9.03
N GLN A 1814 -0.48 -31.66 8.24
CA GLN A 1814 0.21 -31.51 6.96
C GLN A 1814 -0.80 -31.52 5.82
N LEU A 1815 -0.57 -30.63 4.84
CA LEU A 1815 -1.36 -30.61 3.61
C LEU A 1815 -0.56 -31.33 2.53
N LYS A 1816 -1.09 -32.45 2.05
CA LYS A 1816 -0.43 -33.26 1.03
C LYS A 1816 -0.64 -32.62 -0.34
N ARG A 1817 0.07 -31.52 -0.57
CA ARG A 1817 -0.01 -30.76 -1.81
C ARG A 1817 1.05 -31.15 -2.82
N PHE A 1818 1.89 -32.14 -2.50
CA PHE A 1818 2.98 -32.54 -3.38
C PHE A 1818 2.91 -34.04 -3.64
N ASP A 1819 3.33 -34.42 -4.85
CA ASP A 1819 3.38 -35.81 -5.27
C ASP A 1819 4.45 -35.95 -6.35
N TYR A 1820 4.44 -37.08 -7.04
CA TYR A 1820 5.39 -37.36 -8.10
C TYR A 1820 4.65 -37.70 -9.39
N ASP A 1821 5.20 -37.24 -10.51
CA ASP A 1821 4.66 -37.51 -11.83
C ASP A 1821 5.66 -38.34 -12.61
N TRP A 1822 5.25 -39.53 -13.03
CA TRP A 1822 6.16 -40.42 -13.75
C TRP A 1822 6.38 -39.96 -15.19
N GLU A 1823 5.36 -39.39 -15.83
CA GLU A 1823 5.54 -38.87 -17.19
C GLU A 1823 6.56 -37.74 -17.22
N ARG A 1824 6.47 -36.83 -16.24
CA ARG A 1824 7.42 -35.72 -16.15
C ARG A 1824 8.71 -36.09 -15.42
N GLU A 1825 8.73 -37.24 -14.74
CA GLU A 1825 9.92 -37.72 -14.02
C GLU A 1825 10.43 -36.68 -13.03
N CYS A 1826 9.50 -35.99 -12.37
CA CYS A 1826 9.87 -34.98 -11.39
C CYS A 1826 8.71 -34.77 -10.42
N ALA A 1827 9.02 -34.19 -9.27
CA ALA A 1827 8.00 -33.89 -8.28
C ALA A 1827 7.10 -32.77 -8.79
N ILE A 1828 5.81 -32.87 -8.45
CA ILE A 1828 4.81 -31.90 -8.88
C ILE A 1828 4.08 -31.37 -7.66
N LYS A 1829 3.53 -30.17 -7.80
CA LYS A 1829 2.82 -29.50 -6.72
C LYS A 1829 1.35 -29.34 -7.09
N PHE A 1830 0.48 -29.60 -6.11
CA PHE A 1830 -0.96 -29.44 -6.29
C PHE A 1830 -1.40 -28.18 -5.58
N ASN A 1831 -2.11 -27.32 -6.31
CA ASN A 1831 -2.60 -26.05 -5.79
C ASN A 1831 -4.12 -26.03 -5.73
N ASP A 1832 -4.72 -27.16 -5.37
CA ASP A 1832 -6.18 -27.25 -5.29
C ASP A 1832 -6.70 -26.40 -4.15
N TYR A 1833 -7.94 -25.94 -4.30
CA TYR A 1833 -8.59 -25.08 -3.31
C TYR A 1833 -8.91 -25.91 -2.06
N PHE A 1834 -8.32 -25.55 -0.93
CA PHE A 1834 -8.57 -26.21 0.33
C PHE A 1834 -8.91 -25.19 1.40
N GLU A 1835 -9.68 -25.63 2.40
CA GLU A 1835 -10.19 -24.76 3.44
C GLU A 1835 -9.83 -25.32 4.81
N PHE A 1836 -9.65 -24.41 5.77
CA PHE A 1836 -9.41 -24.77 7.15
C PHE A 1836 -9.89 -23.61 8.02
N PRO A 1837 -10.69 -23.88 9.05
CA PRO A 1837 -11.24 -22.79 9.87
C PRO A 1837 -10.25 -22.35 10.94
N ARG A 1838 -10.54 -21.17 11.51
CA ARG A 1838 -9.74 -20.66 12.61
C ARG A 1838 -9.87 -21.55 13.84
N GLU A 1839 -11.08 -22.02 14.13
CA GLU A 1839 -11.35 -22.88 15.28
C GLU A 1839 -11.72 -24.28 14.76
N LEU A 1840 -11.13 -25.30 15.37
CA LEU A 1840 -11.34 -26.68 14.96
C LEU A 1840 -11.89 -27.48 16.13
N ASP A 1841 -12.94 -28.27 15.86
CA ASP A 1841 -13.56 -29.13 16.85
C ASP A 1841 -13.19 -30.57 16.50
N MET A 1842 -12.19 -31.11 17.19
CA MET A 1842 -11.69 -32.45 16.93
C MET A 1842 -12.48 -33.53 17.67
N GLU A 1843 -13.35 -33.15 18.61
CA GLU A 1843 -14.12 -34.12 19.37
C GLU A 1843 -14.93 -35.09 18.51
N PRO A 1844 -15.65 -34.65 17.47
CA PRO A 1844 -16.36 -35.65 16.64
C PRO A 1844 -15.43 -36.63 15.95
N TYR A 1845 -14.18 -36.26 15.72
CA TYR A 1845 -13.24 -37.12 15.01
C TYR A 1845 -12.39 -37.97 15.95
N THR A 1846 -12.60 -37.87 17.26
CA THR A 1846 -11.83 -38.63 18.22
C THR A 1846 -12.52 -39.94 18.57
N VAL A 1847 -11.82 -40.77 19.35
CA VAL A 1847 -12.39 -42.04 19.79
C VAL A 1847 -13.61 -41.81 20.68
N ALA A 1848 -13.51 -40.84 21.60
CA ALA A 1848 -14.62 -40.57 22.50
C ALA A 1848 -15.85 -40.09 21.74
N GLY A 1849 -15.66 -39.23 20.74
CA GLY A 1849 -16.80 -38.76 19.97
C GLY A 1849 -17.49 -39.86 19.20
N VAL A 1850 -16.72 -40.73 18.56
CA VAL A 1850 -17.29 -41.84 17.82
C VAL A 1850 -18.01 -42.80 18.76
N ALA A 1851 -17.41 -43.08 19.92
CA ALA A 1851 -18.05 -43.94 20.90
C ALA A 1851 -19.37 -43.35 21.40
N LYS A 1852 -19.38 -42.04 21.65
CA LYS A 1852 -20.61 -41.38 22.09
C LYS A 1852 -21.68 -41.42 21.00
N LEU A 1853 -21.28 -41.21 19.74
CA LEU A 1853 -22.24 -41.21 18.65
C LEU A 1853 -22.84 -42.59 18.43
N GLU A 1854 -21.98 -43.62 18.34
CA GLU A 1854 -22.49 -44.98 18.12
C GLU A 1854 -23.13 -45.54 19.37
N GLY A 1855 -22.64 -45.15 20.55
CA GLY A 1855 -23.20 -45.65 21.79
C GLY A 1855 -22.50 -46.89 22.30
N ASP A 1856 -21.16 -46.83 22.38
CA ASP A 1856 -20.34 -47.94 22.84
C ASP A 1856 -20.60 -49.22 22.05
N GLY A 1877 -9.86 -32.54 29.85
CA GLY A 1877 -9.16 -32.39 28.58
C GLY A 1877 -10.05 -31.88 27.46
N SER A 1878 -9.89 -30.61 27.12
CA SER A 1878 -10.67 -30.02 26.05
C SER A 1878 -10.24 -30.56 24.69
N THR A 1879 -11.14 -30.45 23.71
CA THR A 1879 -10.90 -30.94 22.37
C THR A 1879 -10.83 -29.84 21.32
N LYS A 1880 -11.28 -28.63 21.63
CA LYS A 1880 -11.27 -27.54 20.67
C LYS A 1880 -9.85 -27.02 20.47
N TYR A 1881 -9.54 -26.62 19.25
CA TYR A 1881 -8.23 -26.10 18.90
C TYR A 1881 -8.39 -24.78 18.14
N ARG A 1882 -7.41 -23.90 18.32
CA ARG A 1882 -7.37 -22.61 17.65
C ARG A 1882 -6.13 -22.53 16.77
N LEU A 1883 -6.33 -22.13 15.51
CA LEU A 1883 -5.22 -22.03 14.58
C LEU A 1883 -4.30 -20.88 14.98
N VAL A 1884 -3.00 -21.17 15.09
CA VAL A 1884 -2.02 -20.16 15.47
C VAL A 1884 -0.84 -20.06 14.50
N GLY A 1885 -0.53 -21.10 13.73
CA GLY A 1885 0.60 -21.04 12.82
C GLY A 1885 0.32 -21.68 11.47
N VAL A 1886 0.60 -20.93 10.39
CA VAL A 1886 0.34 -21.38 9.03
C VAL A 1886 1.65 -21.32 8.26
N LEU A 1887 2.25 -22.48 8.01
CA LEU A 1887 3.44 -22.57 7.17
C LEU A 1887 3.01 -22.58 5.71
N VAL A 1888 3.57 -21.66 4.92
CA VAL A 1888 3.13 -21.43 3.55
C VAL A 1888 4.31 -21.67 2.62
N HIS A 1889 4.03 -22.37 1.52
CA HIS A 1889 5.02 -22.59 0.46
C HIS A 1889 4.60 -21.80 -0.78
N SER A 1890 5.61 -21.27 -1.49
CA SER A 1890 5.37 -20.46 -2.68
C SER A 1890 6.49 -20.73 -3.67
N GLY A 1891 6.16 -21.45 -4.74
CA GLY A 1891 7.11 -21.75 -5.78
C GLY A 1891 6.90 -23.15 -6.32
N GLN A 1892 7.88 -23.64 -7.06
CA GLN A 1892 7.82 -24.96 -7.66
C GLN A 1892 8.08 -26.04 -6.61
N ALA A 1893 7.71 -27.27 -6.96
CA ALA A 1893 7.99 -28.40 -6.08
C ALA A 1893 9.48 -28.62 -5.94
N SER A 1894 10.23 -28.49 -7.04
CA SER A 1894 11.68 -28.65 -6.97
C SER A 1894 12.32 -27.55 -6.12
N GLY A 1895 11.84 -26.32 -6.25
CA GLY A 1895 12.36 -25.22 -5.47
C GLY A 1895 11.34 -24.63 -4.52
N GLY A 1896 11.02 -23.35 -4.69
CA GLY A 1896 10.02 -22.69 -3.85
C GLY A 1896 10.62 -22.01 -2.65
N HIS A 1897 9.75 -21.28 -1.95
CA HIS A 1897 10.12 -20.51 -0.77
C HIS A 1897 9.11 -20.76 0.34
N TYR A 1898 9.60 -20.81 1.57
CA TYR A 1898 8.75 -21.06 2.74
C TYR A 1898 8.75 -19.86 3.67
N TYR A 1899 7.59 -19.56 4.23
CA TYR A 1899 7.46 -18.54 5.25
C TYR A 1899 6.31 -18.94 6.18
N SER A 1900 6.00 -18.07 7.14
CA SER A 1900 5.07 -18.42 8.21
C SER A 1900 4.13 -17.26 8.50
N TYR A 1901 2.97 -17.59 9.04
CA TYR A 1901 2.00 -16.63 9.57
C TYR A 1901 1.63 -17.09 10.97
N ILE A 1902 1.97 -16.31 11.98
CA ILE A 1902 1.96 -16.77 13.36
C ILE A 1902 1.24 -15.77 14.25
N ILE A 1903 0.44 -16.30 15.17
CA ILE A 1903 -0.24 -15.50 16.19
C ILE A 1903 0.70 -15.34 17.38
N GLN A 1904 0.85 -14.10 17.85
CA GLN A 1904 1.63 -13.82 19.05
C GLN A 1904 0.72 -13.85 20.28
N ARG A 1905 1.13 -14.58 21.30
CA ARG A 1905 0.36 -14.72 22.53
C ARG A 1905 0.51 -13.44 23.34
N ASN A 1906 -0.53 -12.60 23.32
CA ASN A 1906 -0.52 -11.35 24.06
C ASN A 1906 -1.80 -11.21 24.86
N GLY A 1907 -1.71 -10.44 25.95
CA GLY A 1907 -2.85 -10.20 26.82
C GLY A 1907 -3.77 -9.07 26.39
N GLY A 1908 -3.42 -8.35 25.34
CA GLY A 1908 -4.23 -7.25 24.87
C GLY A 1908 -3.44 -6.22 24.07
N ARG A 1914 -1.27 -11.16 18.08
CA ARG A 1914 -1.97 -11.15 16.80
C ARG A 1914 -1.14 -11.81 15.71
N TRP A 1915 -1.73 -11.91 14.51
CA TRP A 1915 -1.04 -12.51 13.39
C TRP A 1915 0.12 -11.64 12.93
N TYR A 1916 1.19 -12.29 12.49
CA TYR A 1916 2.38 -11.61 12.01
C TYR A 1916 2.93 -12.33 10.80
N LYS A 1917 3.68 -11.61 9.98
CA LYS A 1917 4.27 -12.16 8.76
C LYS A 1917 5.74 -12.50 9.04
N PHE A 1918 6.06 -13.79 8.99
CA PHE A 1918 7.40 -14.29 9.26
C PHE A 1918 7.97 -14.85 7.96
N ASP A 1919 8.76 -14.04 7.27
CA ASP A 1919 9.43 -14.46 6.04
C ASP A 1919 10.91 -14.12 6.14
N ASP A 1920 11.75 -15.15 6.20
CA ASP A 1920 13.20 -15.00 6.25
C ASP A 1920 13.62 -14.06 7.38
N GLY A 1921 14.37 -13.02 7.04
CA GLY A 1921 14.83 -12.05 8.01
C GLY A 1921 13.90 -10.88 8.25
N ASP A 1922 12.73 -10.87 7.63
CA ASP A 1922 11.78 -9.78 7.76
C ASP A 1922 10.59 -10.23 8.57
N VAL A 1923 10.23 -9.43 9.59
CA VAL A 1923 9.04 -9.66 10.39
C VAL A 1923 8.20 -8.40 10.29
N THR A 1924 7.01 -8.52 9.69
CA THR A 1924 6.13 -7.40 9.46
C THR A 1924 4.72 -7.75 9.87
N GLU A 1925 3.90 -6.72 10.08
CA GLU A 1925 2.50 -6.90 10.38
C GLU A 1925 1.74 -7.32 9.14
N CYS A 1926 0.63 -8.03 9.35
CA CYS A 1926 -0.18 -8.54 8.25
C CYS A 1926 -1.65 -8.24 8.50
N LYS A 1927 -2.40 -8.16 7.41
CA LYS A 1927 -3.82 -7.88 7.44
C LYS A 1927 -4.65 -9.11 7.07
N MET A 1928 -4.15 -10.30 7.42
CA MET A 1928 -4.79 -11.56 7.07
C MET A 1928 -6.00 -11.86 7.96
N ASP A 1929 -6.25 -11.05 9.00
CA ASP A 1929 -7.38 -11.31 9.88
C ASP A 1929 -8.70 -11.30 9.12
N ASP A 1930 -8.78 -10.57 8.02
CA ASP A 1930 -9.97 -10.60 7.18
C ASP A 1930 -10.00 -11.90 6.37
N ASP A 1931 -11.21 -12.41 6.15
CA ASP A 1931 -11.35 -13.69 5.45
C ASP A 1931 -10.92 -13.60 3.99
N GLU A 1932 -11.12 -12.44 3.36
CA GLU A 1932 -10.71 -12.28 1.96
C GLU A 1932 -9.20 -12.42 1.81
N GLU A 1933 -8.44 -11.83 2.74
CA GLU A 1933 -6.99 -12.00 2.72
C GLU A 1933 -6.59 -13.45 2.98
N MET A 1934 -7.33 -14.14 3.85
CA MET A 1934 -7.09 -15.57 4.06
C MET A 1934 -7.27 -16.35 2.77
N LYS A 1935 -8.32 -16.02 2.01
CA LYS A 1935 -8.53 -16.68 0.72
C LYS A 1935 -7.43 -16.33 -0.27
N ASN A 1936 -7.01 -15.07 -0.29
CA ASN A 1936 -6.06 -14.62 -1.31
C ASN A 1936 -4.66 -15.17 -1.07
N GLN A 1937 -4.23 -15.24 0.19
CA GLN A 1937 -2.85 -15.60 0.51
C GLN A 1937 -2.63 -17.10 0.63
N CYS A 1938 -3.28 -17.76 1.59
CA CYS A 1938 -2.92 -19.13 1.92
C CYS A 1938 -3.94 -20.17 1.47
N PHE A 1939 -5.20 -19.78 1.29
CA PHE A 1939 -6.21 -20.76 0.89
C PHE A 1939 -5.97 -21.30 -0.52
N GLY A 1940 -5.23 -20.57 -1.35
CA GLY A 1940 -4.88 -21.07 -2.66
C GLY A 1940 -6.08 -21.18 -3.60
N GLY A 1941 -6.02 -22.17 -4.48
CA GLY A 1941 -7.06 -22.40 -5.45
C GLY A 1941 -6.87 -21.61 -6.73
N GLU A 1942 -7.69 -21.95 -7.72
CA GLU A 1942 -7.64 -21.28 -9.01
C GLU A 1942 -8.52 -20.03 -9.00
N TYR A 1943 -8.10 -19.03 -9.77
CA TYR A 1943 -8.84 -17.80 -9.89
C TYR A 1943 -8.73 -17.29 -11.32
N MET A 1944 -9.73 -16.51 -11.74
CA MET A 1944 -9.76 -15.92 -13.08
C MET A 1944 -8.92 -14.64 -13.03
N GLY A 1945 -7.63 -14.81 -13.25
CA GLY A 1945 -6.70 -13.69 -13.14
C GLY A 1945 -6.85 -12.71 -14.29
N GLU A 1946 -6.39 -11.49 -14.03
CA GLU A 1946 -6.38 -10.42 -15.02
C GLU A 1946 -4.93 -10.07 -15.33
N VAL A 1947 -4.60 -10.00 -16.62
CA VAL A 1947 -3.24 -9.78 -17.09
C VAL A 1947 -3.21 -8.48 -17.87
N PHE A 1948 -2.26 -7.61 -17.52
CA PHE A 1948 -2.04 -6.36 -18.23
C PHE A 1948 -0.69 -6.42 -18.93
N ASP A 1949 -0.68 -6.08 -20.22
CA ASP A 1949 0.55 -6.10 -21.01
C ASP A 1949 0.40 -5.12 -22.16
N HIS A 1950 1.45 -5.04 -22.98
CA HIS A 1950 1.51 -4.13 -24.13
C HIS A 1950 1.30 -2.67 -23.68
N MET A 1951 2.27 -2.20 -22.92
CA MET A 1951 2.30 -0.85 -22.33
C MET A 1951 0.91 -0.36 -21.92
N MET A 1952 0.21 -1.22 -21.18
CA MET A 1952 -1.11 -0.92 -20.63
C MET A 1952 -2.13 -0.62 -21.72
N LYS A 1953 -2.04 -1.32 -22.85
CA LYS A 1953 -2.99 -1.16 -23.95
C LYS A 1953 -3.73 -2.43 -24.33
N ARG A 1954 -3.24 -3.59 -23.92
CA ARG A 1954 -3.87 -4.86 -24.23
C ARG A 1954 -4.39 -5.49 -22.94
N MET A 1955 -5.61 -6.01 -23.00
CA MET A 1955 -6.26 -6.64 -21.85
C MET A 1955 -6.66 -8.06 -22.21
N SER A 1956 -6.40 -8.99 -21.28
CA SER A 1956 -6.74 -10.39 -21.48
C SER A 1956 -7.06 -11.02 -20.12
N TYR A 1957 -7.88 -12.06 -20.15
CA TYR A 1957 -8.24 -12.82 -18.97
C TYR A 1957 -7.65 -14.22 -19.08
N ARG A 1958 -6.89 -14.62 -18.07
CA ARG A 1958 -6.26 -15.94 -18.04
C ARG A 1958 -6.49 -16.60 -16.70
N ARG A 1959 -6.72 -17.91 -16.72
CA ARG A 1959 -6.91 -18.67 -15.49
C ARG A 1959 -5.54 -18.93 -14.85
N GLN A 1960 -5.38 -18.49 -13.61
CA GLN A 1960 -4.11 -18.59 -12.90
C GLN A 1960 -4.28 -19.40 -11.63
N LYS A 1961 -3.27 -20.20 -11.30
CA LYS A 1961 -3.26 -21.02 -10.10
C LYS A 1961 -2.45 -20.33 -9.02
N ARG A 1962 -2.99 -20.29 -7.81
CA ARG A 1962 -2.30 -19.71 -6.66
C ARG A 1962 -1.23 -20.69 -6.22
N TRP A 1963 -0.02 -20.52 -6.76
CA TRP A 1963 1.09 -21.37 -6.38
C TRP A 1963 1.64 -21.06 -5.00
N TRP A 1964 1.15 -20.01 -4.35
CA TRP A 1964 1.45 -19.73 -2.95
C TRP A 1964 0.26 -20.19 -2.11
N ASN A 1965 0.50 -21.15 -1.21
CA ASN A 1965 -0.58 -21.77 -0.47
C ASN A 1965 -0.04 -22.38 0.81
N ALA A 1966 -0.94 -22.62 1.75
CA ALA A 1966 -0.56 -23.18 3.04
C ALA A 1966 -0.06 -24.61 2.89
N TYR A 1967 0.90 -24.99 3.74
CA TYR A 1967 1.52 -26.31 3.69
C TYR A 1967 1.33 -27.10 4.97
N ILE A 1968 1.57 -26.50 6.13
CA ILE A 1968 1.30 -27.14 7.42
C ILE A 1968 0.52 -26.17 8.28
N LEU A 1969 -0.45 -26.69 9.03
CA LEU A 1969 -1.28 -25.90 9.93
C LEU A 1969 -1.00 -26.32 11.37
N PHE A 1970 -0.78 -25.35 12.24
CA PHE A 1970 -0.51 -25.59 13.64
C PHE A 1970 -1.71 -25.09 14.46
N TYR A 1971 -2.24 -25.96 15.32
CA TYR A 1971 -3.39 -25.64 16.16
C TYR A 1971 -3.00 -25.73 17.62
N GLU A 1972 -3.47 -24.78 18.42
CA GLU A 1972 -3.18 -24.72 19.85
C GLU A 1972 -4.47 -24.92 20.64
N ARG A 1973 -4.41 -25.78 21.65
CA ARG A 1973 -5.56 -26.06 22.49
C ARG A 1973 -5.81 -24.91 23.46
N MET A 1974 -7.01 -24.88 24.02
CA MET A 1974 -7.38 -23.85 24.99
C MET A 1974 -7.54 -24.44 26.38
N GLN A 1979 5.14 -22.93 30.11
CA GLN A 1979 5.92 -23.16 31.32
C GLN A 1979 5.31 -24.25 32.18
N ASP A 1980 5.45 -25.50 31.73
CA ASP A 1980 4.91 -26.65 32.44
C ASP A 1980 6.04 -27.35 33.19
N ASP A 1981 5.85 -27.54 34.49
CA ASP A 1981 6.90 -28.15 35.32
C ASP A 1981 7.10 -29.63 35.00
N GLU A 1982 6.08 -30.30 34.45
CA GLU A 1982 6.23 -31.71 34.10
C GLU A 1982 7.27 -31.91 33.02
N LEU A 1983 7.29 -31.02 32.02
CA LEU A 1983 8.25 -31.12 30.92
C LEU A 1983 9.68 -30.84 31.35
N ILE A 1984 9.88 -30.27 32.54
CA ILE A 1984 11.21 -29.94 33.03
C ILE A 1984 11.64 -30.96 34.07
N ARG A 1985 10.65 -31.57 34.73
CA ARG A 1985 10.94 -32.54 35.78
C ARG A 1985 11.66 -33.76 35.20
N TYR A 1986 12.70 -34.21 35.91
CA TYR A 1986 13.45 -35.38 35.48
C TYR A 1986 12.61 -36.65 35.61
N ILE A 1987 12.85 -37.59 34.70
CA ILE A 1987 12.20 -38.89 34.69
C ILE A 1987 13.22 -40.03 34.76
N SER A 1988 14.19 -40.03 33.85
CA SER A 1988 15.21 -41.05 33.83
C SER A 1988 16.55 -40.52 34.34
N ILE A 2005 23.22 -19.23 27.74
CA ILE A 2005 24.51 -18.77 28.23
C ILE A 2005 24.48 -17.26 28.40
N GLU A 2006 23.58 -16.60 27.67
CA GLU A 2006 23.28 -15.16 27.71
C GLU A 2006 24.52 -14.31 27.50
N ARG A 2007 25.64 -14.93 27.12
CA ARG A 2007 26.86 -14.17 26.85
C ARG A 2007 26.91 -13.71 25.39
N SER A 2008 26.71 -14.64 24.45
CA SER A 2008 26.74 -14.29 23.04
C SER A 2008 25.68 -13.27 22.70
N VAL A 2009 24.48 -13.41 23.28
CA VAL A 2009 23.40 -12.46 23.01
C VAL A 2009 23.80 -11.06 23.43
N ARG A 2010 24.35 -10.93 24.65
CA ARG A 2010 24.77 -9.62 25.13
C ARG A 2010 25.90 -9.06 24.28
N LYS A 2011 26.86 -9.90 23.90
CA LYS A 2011 27.99 -9.43 23.10
C LYS A 2011 27.52 -8.89 21.76
N GLN A 2012 26.65 -9.65 21.07
CA GLN A 2012 26.20 -9.20 19.75
C GLN A 2012 25.27 -7.99 19.87
N ASN A 2013 24.47 -7.91 20.94
CA ASN A 2013 23.66 -6.71 21.14
C ASN A 2013 24.51 -5.48 21.36
N VAL A 2014 25.57 -5.60 22.16
CA VAL A 2014 26.45 -4.48 22.42
C VAL A 2014 27.17 -4.05 21.14
N GLN A 2015 27.68 -5.02 20.37
CA GLN A 2015 28.33 -4.69 19.12
C GLN A 2015 27.37 -4.01 18.15
N PHE A 2016 26.13 -4.50 18.08
CA PHE A 2016 25.14 -3.89 17.21
C PHE A 2016 24.85 -2.45 17.64
N MET A 2017 24.69 -2.21 18.94
CA MET A 2017 24.41 -0.86 19.41
C MET A 2017 25.58 0.07 19.09
N HIS A 2018 26.80 -0.39 19.33
CA HIS A 2018 27.98 0.42 19.03
C HIS A 2018 28.03 0.78 17.55
N ASN A 2019 27.90 -0.22 16.68
CA ASN A 2019 27.98 0.04 15.24
C ASN A 2019 26.83 0.91 14.77
N ARG A 2020 25.62 0.69 15.28
CA ARG A 2020 24.48 1.51 14.90
C ARG A 2020 24.68 2.95 15.32
N MET A 2021 25.28 3.17 16.48
CA MET A 2021 25.58 4.53 16.91
C MET A 2021 26.65 5.15 16.01
N GLN A 2022 27.60 4.35 15.53
CA GLN A 2022 28.62 4.88 14.64
C GLN A 2022 28.03 5.40 13.34
N TYR A 2023 27.08 4.66 12.76
CA TYR A 2023 26.53 4.97 11.44
C TYR A 2023 25.14 5.59 11.53
N SER A 2024 24.88 6.40 12.55
CA SER A 2024 23.61 7.07 12.68
C SER A 2024 23.67 8.46 12.07
N MET A 2025 22.53 8.90 11.52
CA MET A 2025 22.48 10.21 10.89
C MET A 2025 22.76 11.32 11.90
N GLU A 2026 22.24 11.17 13.12
CA GLU A 2026 22.47 12.18 14.15
C GLU A 2026 23.95 12.32 14.47
N TYR A 2027 24.69 11.20 14.46
CA TYR A 2027 26.12 11.27 14.65
C TYR A 2027 26.80 12.09 13.56
N PHE A 2028 26.32 11.96 12.31
CA PHE A 2028 26.93 12.73 11.23
C PHE A 2028 26.63 14.22 11.34
N GLN A 2029 25.39 14.58 11.72
CA GLN A 2029 25.15 16.01 12.00
C GLN A 2029 26.00 16.49 13.16
N PHE A 2030 26.18 15.67 14.20
CA PHE A 2030 27.03 16.08 15.30
C PHE A 2030 28.46 16.31 14.84
N MET A 2031 28.96 15.44 13.95
CA MET A 2031 30.30 15.61 13.42
C MET A 2031 30.40 16.89 12.60
N LYS A 2032 29.40 17.18 11.78
CA LYS A 2032 29.40 18.42 11.02
C LYS A 2032 29.43 19.62 11.95
N LYS A 2033 28.60 19.60 12.99
CA LYS A 2033 28.56 20.72 13.93
C LYS A 2033 29.90 20.89 14.64
N LEU A 2034 30.50 19.78 15.08
CA LEU A 2034 31.76 19.84 15.81
C LEU A 2034 32.90 20.36 14.93
N LEU A 2035 32.93 19.94 13.66
CA LEU A 2035 33.99 20.40 12.79
C LEU A 2035 33.79 21.85 12.38
N THR A 2036 32.55 22.23 12.06
CA THR A 2036 32.29 23.60 11.63
C THR A 2036 32.11 24.58 12.78
N CYS A 2037 31.99 24.11 14.02
CA CYS A 2037 32.01 25.04 15.14
C CYS A 2037 33.41 25.61 15.32
N ASN A 2038 33.50 26.64 16.16
CA ASN A 2038 34.73 27.40 16.38
C ASN A 2038 35.23 28.06 15.10
N GLY A 2039 34.38 28.18 14.08
CA GLY A 2039 34.82 28.75 12.81
C GLY A 2039 35.21 30.20 12.92
N VAL A 2040 34.49 30.98 13.73
CA VAL A 2040 34.85 32.38 13.93
C VAL A 2040 36.14 32.55 14.68
N TYR A 2041 36.61 31.52 15.38
CA TYR A 2041 37.89 31.57 16.07
C TYR A 2041 39.05 31.15 15.20
N LEU A 2042 38.79 30.51 14.05
CA LEU A 2042 39.84 30.03 13.16
C LEU A 2042 40.33 31.09 12.19
N ASN A 2043 39.78 32.30 12.25
CA ASN A 2043 40.30 33.37 11.42
C ASN A 2043 41.60 33.92 12.00
N PRO A 2044 42.56 34.28 11.16
CA PRO A 2044 43.82 34.85 11.66
C PRO A 2044 43.60 36.28 12.13
N PRO A 2045 44.54 36.83 12.90
CA PRO A 2045 44.41 38.23 13.30
C PRO A 2045 44.40 39.13 12.08
N PRO A 2046 43.69 40.27 12.16
CA PRO A 2046 43.61 41.15 10.99
C PRO A 2046 44.97 41.69 10.53
N GLY A 2047 45.91 41.85 11.44
CA GLY A 2047 47.24 42.33 11.08
C GLY A 2047 48.29 41.24 11.10
N GLN A 2048 47.90 40.02 10.73
CA GLN A 2048 48.80 38.89 10.74
C GLN A 2048 48.29 37.84 9.77
N ASP A 2049 49.16 36.89 9.44
CA ASP A 2049 48.82 35.84 8.49
C ASP A 2049 49.21 34.48 9.07
N HIS A 2050 49.02 34.30 10.36
CA HIS A 2050 49.15 32.99 10.98
C HIS A 2050 48.22 32.92 12.19
N LEU A 2051 47.79 31.71 12.52
CA LEU A 2051 46.81 31.52 13.58
C LEU A 2051 47.43 31.69 14.95
N LEU A 2052 46.67 32.29 15.86
CA LEU A 2052 47.10 32.44 17.24
C LEU A 2052 47.08 31.09 17.95
N PRO A 2053 47.82 30.96 19.08
CA PRO A 2053 47.92 29.66 19.78
C PRO A 2053 46.63 28.88 19.93
N GLU A 2054 45.59 29.49 20.52
CA GLU A 2054 44.35 28.77 20.75
C GLU A 2054 43.71 28.33 19.44
N ALA A 2055 43.71 29.22 18.44
CA ALA A 2055 43.18 28.85 17.13
C ALA A 2055 43.97 27.72 16.51
N GLU A 2056 45.30 27.74 16.66
CA GLU A 2056 46.13 26.67 16.13
C GLU A 2056 45.81 25.33 16.80
N GLU A 2057 45.66 25.33 18.12
CA GLU A 2057 45.33 24.09 18.82
C GLU A 2057 43.96 23.57 18.39
N ILE A 2058 42.97 24.47 18.29
CA ILE A 2058 41.64 24.05 17.87
C ILE A 2058 41.70 23.46 16.47
N THR A 2059 42.42 24.11 15.56
CA THR A 2059 42.54 23.62 14.20
C THR A 2059 43.20 22.26 14.15
N MET A 2060 44.28 22.07 14.92
CA MET A 2060 44.99 20.80 14.91
C MET A 2060 44.10 19.68 15.43
N ILE A 2061 43.44 19.90 16.56
CA ILE A 2061 42.59 18.85 17.14
C ILE A 2061 41.45 18.51 16.19
N SER A 2062 40.80 19.56 15.65
CA SER A 2062 39.68 19.33 14.75
C SER A 2062 40.10 18.60 13.49
N ILE A 2063 41.26 18.97 12.91
CA ILE A 2063 41.69 18.31 11.69
C ILE A 2063 42.09 16.86 11.96
N GLN A 2064 42.68 16.59 13.12
CA GLN A 2064 43.03 15.21 13.46
C GLN A 2064 41.78 14.35 13.54
N LEU A 2065 40.78 14.80 14.31
CA LEU A 2065 39.57 13.99 14.44
C LEU A 2065 38.80 13.92 13.13
N ALA A 2066 38.76 15.01 12.35
CA ALA A 2066 38.05 14.98 11.08
C ALA A 2066 38.70 14.00 10.11
N ALA A 2067 40.04 14.00 10.06
CA ALA A 2067 40.74 13.05 9.21
C ALA A 2067 40.42 11.62 9.61
N ARG A 2068 40.56 11.31 10.91
CA ARG A 2068 40.25 9.95 11.35
C ARG A 2068 38.83 9.55 10.98
N PHE A 2069 37.85 10.38 11.33
CA PHE A 2069 36.45 10.02 11.09
C PHE A 2069 36.18 9.84 9.61
N LEU A 2070 36.53 10.84 8.79
CA LEU A 2070 36.20 10.80 7.37
C LEU A 2070 36.89 9.64 6.66
N PHE A 2071 38.20 9.49 6.85
CA PHE A 2071 38.94 8.49 6.10
C PHE A 2071 38.94 7.12 6.78
N THR A 2072 38.22 6.95 7.89
CA THR A 2072 37.89 5.61 8.37
C THR A 2072 36.49 5.19 7.96
N THR A 2073 35.46 5.97 8.32
CA THR A 2073 34.09 5.57 8.03
C THR A 2073 33.23 6.69 7.44
N GLY A 2074 33.78 7.88 7.22
CA GLY A 2074 32.96 9.00 6.81
C GLY A 2074 32.50 8.94 5.38
N PHE A 2075 33.43 8.94 4.43
CA PHE A 2075 33.07 9.00 3.02
C PHE A 2075 32.51 7.68 2.50
N HIS A 2076 32.80 6.56 3.18
CA HIS A 2076 32.29 5.27 2.75
C HIS A 2076 30.82 5.07 3.08
N THR A 2077 30.28 5.84 4.02
CA THR A 2077 28.88 5.73 4.37
C THR A 2077 28.00 6.21 3.22
N LYS A 2078 26.83 5.61 3.09
CA LYS A 2078 25.96 5.88 1.96
C LYS A 2078 25.37 7.28 2.07
N LYS A 2079 24.88 7.78 0.93
CA LYS A 2079 24.49 9.19 0.80
C LYS A 2079 23.40 9.58 1.79
N VAL A 2080 22.52 8.66 2.15
CA VAL A 2080 21.39 9.03 3.01
C VAL A 2080 21.88 9.49 4.38
N VAL A 2081 22.87 8.80 4.94
CA VAL A 2081 23.41 9.15 6.25
C VAL A 2081 24.59 10.11 6.14
N ARG A 2082 25.50 9.84 5.20
CA ARG A 2082 26.68 10.69 5.04
C ARG A 2082 26.29 12.10 4.62
N GLY A 2083 25.32 12.23 3.73
CA GLY A 2083 24.69 13.52 3.51
C GLY A 2083 25.50 14.59 2.78
N SER A 2084 25.68 14.44 1.47
CA SER A 2084 26.20 15.50 0.62
C SER A 2084 27.61 15.94 1.04
N ALA A 2085 28.56 15.05 0.75
CA ALA A 2085 29.95 15.20 1.15
C ALA A 2085 30.57 16.53 0.72
N SER A 2086 29.86 17.32 -0.08
CA SER A 2086 30.30 18.69 -0.34
C SER A 2086 30.36 19.50 0.95
N ASP A 2087 29.44 19.25 1.87
CA ASP A 2087 29.49 19.92 3.18
C ASP A 2087 30.73 19.48 3.96
N TRP A 2088 31.09 18.19 3.89
CA TRP A 2088 32.31 17.73 4.53
C TRP A 2088 33.53 18.40 3.90
N TYR A 2089 33.52 18.57 2.58
CA TYR A 2089 34.60 19.28 1.90
C TYR A 2089 34.69 20.72 2.38
N ASP A 2090 33.54 21.39 2.55
CA ASP A 2090 33.54 22.75 3.06
C ASP A 2090 34.11 22.83 4.47
N ALA A 2091 33.73 21.88 5.34
CA ALA A 2091 34.29 21.85 6.69
C ALA A 2091 35.79 21.62 6.66
N LEU A 2092 36.25 20.70 5.80
CA LEU A 2092 37.68 20.44 5.69
C LEU A 2092 38.42 21.68 5.19
N CYS A 2093 37.81 22.43 4.28
CA CYS A 2093 38.40 23.68 3.82
C CYS A 2093 38.48 24.70 4.95
N ILE A 2094 37.43 24.79 5.76
CA ILE A 2094 37.44 25.71 6.89
C ILE A 2094 38.58 25.37 7.83
N LEU A 2095 38.79 24.09 8.10
CA LEU A 2095 39.85 23.69 9.02
C LEU A 2095 41.24 23.88 8.40
N LEU A 2096 41.41 23.48 7.13
CA LEU A 2096 42.76 23.33 6.59
C LEU A 2096 43.43 24.66 6.33
N ARG A 2097 42.70 25.65 5.81
CA ARG A 2097 43.33 26.90 5.43
C ARG A 2097 43.76 27.70 6.66
N HIS A 2098 44.56 28.72 6.41
CA HIS A 2098 45.13 29.63 7.41
C HIS A 2098 46.14 28.97 8.32
N SER A 2099 46.57 27.74 8.01
CA SER A 2099 47.49 27.01 8.87
C SER A 2099 48.41 26.15 8.00
N LYS A 2100 49.71 26.27 8.22
CA LYS A 2100 50.70 25.50 7.47
C LYS A 2100 51.01 24.16 8.13
N ASN A 2101 51.20 24.16 9.46
CA ASN A 2101 51.49 22.91 10.16
C ASN A 2101 50.33 21.94 10.05
N VAL A 2102 49.09 22.44 10.19
CA VAL A 2102 47.92 21.59 10.06
C VAL A 2102 47.83 21.00 8.67
N ARG A 2103 48.08 21.82 7.64
CA ARG A 2103 48.02 21.33 6.27
C ARG A 2103 49.08 20.26 6.02
N PHE A 2104 50.31 20.50 6.49
CA PHE A 2104 51.37 19.51 6.32
C PHE A 2104 51.04 18.22 7.05
N TRP A 2105 50.52 18.32 8.27
CA TRP A 2105 50.15 17.13 9.02
C TRP A 2105 49.06 16.35 8.28
N PHE A 2106 48.04 17.05 7.79
CA PHE A 2106 46.96 16.37 7.07
C PHE A 2106 47.50 15.65 5.85
N ALA A 2107 48.32 16.33 5.06
CA ALA A 2107 48.88 15.72 3.85
C ALA A 2107 49.69 14.48 4.21
N HIS A 2108 50.64 14.61 5.12
CA HIS A 2108 51.54 13.52 5.47
C HIS A 2108 50.81 12.33 6.08
N ASN A 2109 49.82 12.59 6.94
CA ASN A 2109 49.20 11.51 7.69
C ASN A 2109 47.97 10.92 7.01
N VAL A 2110 47.41 11.58 5.99
CA VAL A 2110 46.20 11.09 5.35
C VAL A 2110 46.42 10.73 3.87
N LEU A 2111 47.30 11.44 3.17
CA LEU A 2111 47.46 11.23 1.75
C LEU A 2111 48.76 10.55 1.36
N PHE A 2112 49.80 10.61 2.19
CA PHE A 2112 51.11 10.11 1.84
C PHE A 2112 51.58 9.00 2.77
N ASN A 2113 50.65 8.26 3.40
CA ASN A 2113 51.00 7.15 4.25
C ASN A 2113 50.24 5.88 3.95
N VAL A 2114 49.29 5.90 3.01
CA VAL A 2114 48.49 4.72 2.68
C VAL A 2114 48.93 4.19 1.32
N SER A 2115 49.49 5.06 0.49
CA SER A 2115 49.95 4.75 -0.86
C SER A 2115 48.81 4.33 -1.79
N ASN A 2116 47.56 4.45 -1.33
CA ASN A 2116 46.42 4.10 -2.17
C ASN A 2116 45.27 5.09 -2.00
N ARG A 2117 45.49 6.22 -1.31
CA ARG A 2117 44.41 7.15 -1.03
C ARG A 2117 43.90 7.82 -2.29
N PHE A 2118 44.83 8.34 -3.11
CA PHE A 2118 44.43 9.05 -4.33
C PHE A 2118 43.71 8.11 -5.28
N SER A 2119 44.22 6.89 -5.45
CA SER A 2119 43.60 5.95 -6.37
C SER A 2119 42.19 5.58 -5.90
N GLU A 2120 42.03 5.31 -4.61
CA GLU A 2120 40.75 4.84 -4.12
C GLU A 2120 39.72 5.95 -4.04
N TYR A 2121 40.15 7.21 -3.86
CA TYR A 2121 39.22 8.31 -3.68
C TYR A 2121 39.01 9.13 -4.95
N LEU A 2122 39.83 8.93 -5.98
CA LEU A 2122 39.64 9.62 -7.25
C LEU A 2122 39.15 8.71 -8.36
N LEU A 2123 39.50 7.42 -8.34
CA LEU A 2123 39.17 6.51 -9.42
C LEU A 2123 38.31 5.35 -8.96
N GLU A 2124 38.68 4.66 -7.88
CA GLU A 2124 37.97 3.46 -7.47
C GLU A 2124 36.63 3.74 -6.79
N CYS A 2125 36.40 4.98 -6.36
CA CYS A 2125 35.16 5.29 -5.66
C CYS A 2125 34.00 5.35 -6.63
N PRO A 2126 32.95 4.55 -6.46
CA PRO A 2126 31.78 4.59 -7.34
C PRO A 2126 30.74 5.62 -6.90
N SER A 2127 31.19 6.85 -6.68
CA SER A 2127 30.30 7.93 -6.26
C SER A 2127 30.85 9.24 -6.81
N ALA A 2128 30.05 9.92 -7.64
CA ALA A 2128 30.52 11.15 -8.26
C ALA A 2128 30.77 12.24 -7.23
N GLU A 2129 29.89 12.36 -6.22
CA GLU A 2129 30.04 13.42 -5.24
C GLU A 2129 31.29 13.22 -4.38
N VAL A 2130 31.58 11.98 -4.00
CA VAL A 2130 32.76 11.72 -3.17
C VAL A 2130 34.03 12.03 -3.95
N ARG A 2131 34.11 11.58 -5.20
CA ARG A 2131 35.28 11.86 -6.02
C ARG A 2131 35.44 13.36 -6.25
N GLY A 2132 34.34 14.06 -6.51
CA GLY A 2132 34.41 15.50 -6.70
C GLY A 2132 34.87 16.22 -5.45
N ALA A 2133 34.35 15.81 -4.29
CA ALA A 2133 34.78 16.43 -3.04
C ALA A 2133 36.25 16.18 -2.76
N PHE A 2134 36.73 14.96 -3.01
CA PHE A 2134 38.14 14.68 -2.81
C PHE A 2134 39.01 15.48 -3.77
N ALA A 2135 38.58 15.59 -5.03
CA ALA A 2135 39.34 16.37 -6.00
C ALA A 2135 39.40 17.84 -5.61
N LYS A 2136 38.27 18.40 -5.17
CA LYS A 2136 38.26 19.79 -4.75
C LYS A 2136 39.12 19.99 -3.51
N LEU A 2137 39.12 19.02 -2.60
CA LEU A 2137 39.98 19.10 -1.42
C LEU A 2137 41.45 19.09 -1.79
N ILE A 2138 41.83 18.23 -2.73
CA ILE A 2138 43.22 18.18 -3.18
C ILE A 2138 43.59 19.50 -3.84
N VAL A 2139 42.70 20.05 -4.65
CA VAL A 2139 42.95 21.35 -5.29
C VAL A 2139 43.14 22.44 -4.24
N PHE A 2140 42.29 22.44 -3.21
CA PHE A 2140 42.39 23.41 -2.14
C PHE A 2140 43.74 23.33 -1.44
N ILE A 2141 44.13 22.11 -1.04
CA ILE A 2141 45.39 21.94 -0.32
C ILE A 2141 46.57 22.33 -1.20
N ALA A 2142 46.54 21.95 -2.48
CA ALA A 2142 47.63 22.32 -3.38
C ALA A 2142 47.71 23.82 -3.56
N HIS A 2143 46.56 24.49 -3.69
CA HIS A 2143 46.56 25.94 -3.88
C HIS A 2143 47.15 26.65 -2.67
N PHE A 2144 46.65 26.32 -1.47
CA PHE A 2144 47.05 27.09 -0.30
C PHE A 2144 48.38 26.67 0.29
N SER A 2145 49.03 25.65 -0.26
CA SER A 2145 50.35 25.23 0.19
C SER A 2145 51.46 25.73 -0.72
N LEU A 2146 51.15 26.62 -1.66
CA LEU A 2146 52.19 27.18 -2.52
C LEU A 2146 53.07 28.16 -1.76
N GLN A 2147 52.46 29.00 -0.92
CA GLN A 2147 53.23 29.95 -0.11
C GLN A 2147 53.97 29.27 1.04
N ASP A 2148 53.69 28.00 1.30
CA ASP A 2148 54.39 27.27 2.35
C ASP A 2148 55.81 26.93 1.91
N GLY A 2149 56.60 26.47 2.86
CA GLY A 2149 57.98 26.12 2.58
C GLY A 2149 58.10 24.79 1.87
N PRO A 2150 59.35 24.37 1.65
CA PRO A 2150 59.58 23.09 0.98
C PRO A 2150 59.16 21.92 1.84
N CYS A 2151 58.11 21.23 1.41
CA CYS A 2151 57.65 20.06 2.14
C CYS A 2151 58.62 18.89 1.94
N PRO A 2152 58.91 18.13 3.00
CA PRO A 2152 59.76 16.95 2.84
C PRO A 2152 59.13 15.94 1.88
N SER A 2153 59.97 15.28 1.11
CA SER A 2153 59.49 14.36 0.08
C SER A 2153 58.81 13.15 0.72
N PRO A 2154 57.54 12.88 0.39
CA PRO A 2154 56.86 11.69 0.93
C PRO A 2154 56.98 10.43 0.08
N PHE A 2155 57.81 10.45 -0.97
CA PHE A 2155 57.97 9.33 -1.89
C PHE A 2155 56.62 8.96 -2.48
N ASN A 2167 63.55 21.34 -2.77
CA ASN A 2167 62.87 22.59 -3.05
C ASN A 2167 61.51 22.35 -3.70
N LEU A 2168 60.87 21.26 -3.29
CA LEU A 2168 59.55 20.90 -3.80
C LEU A 2168 58.50 21.20 -2.73
N SER A 2169 57.48 21.96 -3.11
CA SER A 2169 56.44 22.34 -2.18
C SER A 2169 55.43 21.21 -2.01
N LEU A 2170 54.45 21.41 -1.13
CA LEU A 2170 53.40 20.41 -0.94
C LEU A 2170 52.53 20.28 -2.17
N SER A 2171 52.29 21.39 -2.88
CA SER A 2171 51.53 21.33 -4.11
C SER A 2171 52.23 20.47 -5.16
N ASP A 2172 53.56 20.59 -5.25
CA ASP A 2172 54.32 19.76 -6.17
C ASP A 2172 54.18 18.28 -5.84
N HIS A 2173 54.28 17.93 -4.56
CA HIS A 2173 54.12 16.54 -4.15
C HIS A 2173 52.71 16.04 -4.44
N LEU A 2174 51.70 16.86 -4.18
CA LEU A 2174 50.32 16.46 -4.46
C LEU A 2174 50.11 16.23 -5.95
N LEU A 2175 50.63 17.13 -6.78
CA LEU A 2175 50.49 16.95 -8.23
C LEU A 2175 51.24 15.73 -8.72
N ARG A 2176 52.43 15.48 -8.17
CA ARG A 2176 53.18 14.29 -8.56
C ARG A 2176 52.44 13.02 -8.15
N ALA A 2177 51.84 13.01 -6.96
CA ALA A 2177 51.09 11.85 -6.51
C ALA A 2177 49.86 11.61 -7.38
N VAL A 2178 49.16 12.69 -7.77
CA VAL A 2178 47.99 12.54 -8.62
C VAL A 2178 48.39 12.06 -10.01
N LEU A 2179 49.51 12.58 -10.53
CA LEU A 2179 49.97 12.17 -11.84
C LEU A 2179 50.51 10.74 -11.84
N ASN A 2180 51.03 10.27 -10.70
CA ASN A 2180 51.51 8.90 -10.62
C ASN A 2180 50.39 7.88 -10.79
N LEU A 2181 49.14 8.29 -10.58
CA LEU A 2181 48.02 7.41 -10.88
C LEU A 2181 47.92 7.09 -12.36
N LEU A 2182 48.46 7.96 -13.22
CA LEU A 2182 48.37 7.77 -14.65
C LEU A 2182 49.24 6.64 -15.16
N ARG A 2183 50.20 6.17 -14.34
CA ARG A 2183 51.09 5.10 -14.79
C ARG A 2183 50.34 3.80 -14.98
N ARG A 2184 49.56 3.38 -13.98
CA ARG A 2184 48.83 2.12 -14.12
C ARG A 2184 47.39 2.22 -13.65
N GLU A 2185 47.12 3.13 -12.71
CA GLU A 2185 45.80 3.15 -12.06
C GLU A 2185 44.74 3.77 -12.95
N VAL A 2186 45.08 4.81 -13.72
CA VAL A 2186 44.09 5.47 -14.56
C VAL A 2186 43.57 4.54 -15.64
N SER A 2187 44.45 3.78 -16.28
CA SER A 2187 44.00 2.86 -17.32
C SER A 2187 43.48 1.56 -16.71
N GLU A 2188 42.65 1.69 -15.68
CA GLU A 2188 41.90 0.58 -15.12
C GLU A 2188 40.50 0.97 -14.69
N HIS A 2189 40.18 2.25 -14.63
CA HIS A 2189 38.99 2.77 -13.96
C HIS A 2189 38.24 3.73 -14.86
N GLY A 2190 37.94 3.29 -16.09
CA GLY A 2190 37.03 4.00 -16.95
C GLY A 2190 35.68 4.20 -16.29
N ARG A 2191 34.79 4.97 -16.94
CA ARG A 2191 33.49 5.40 -16.43
C ARG A 2191 33.64 6.14 -15.09
N HIS A 2192 34.88 6.47 -14.73
CA HIS A 2192 35.17 7.18 -13.49
C HIS A 2192 36.22 8.27 -13.67
N LEU A 2193 36.51 8.65 -14.92
CA LEU A 2193 37.63 9.53 -15.22
C LEU A 2193 37.25 11.00 -15.22
N GLN A 2194 35.98 11.34 -15.00
CA GLN A 2194 35.56 12.73 -15.07
C GLN A 2194 36.22 13.56 -13.97
N GLN A 2195 36.27 13.02 -12.74
CA GLN A 2195 36.72 13.80 -11.61
C GLN A 2195 38.24 13.97 -11.56
N TYR A 2196 39.00 13.02 -12.12
CA TYR A 2196 40.45 13.16 -12.16
C TYR A 2196 40.86 14.36 -13.02
N PHE A 2197 40.46 14.34 -14.30
CA PHE A 2197 40.76 15.47 -15.16
C PHE A 2197 39.95 16.71 -14.78
N ASN A 2198 38.87 16.56 -14.01
CA ASN A 2198 38.19 17.73 -13.46
C ASN A 2198 39.04 18.39 -12.37
N LEU A 2199 39.71 17.58 -11.54
CA LEU A 2199 40.69 18.11 -10.61
C LEU A 2199 41.77 18.87 -11.36
N PHE A 2200 42.23 18.31 -12.47
CA PHE A 2200 43.25 19.02 -13.24
C PHE A 2200 42.70 20.29 -13.89
N VAL A 2201 41.41 20.29 -14.27
CA VAL A 2201 40.78 21.49 -14.80
C VAL A 2201 40.74 22.59 -13.75
N MET A 2202 40.25 22.25 -12.54
CA MET A 2202 40.05 23.26 -11.52
C MET A 2202 41.35 23.91 -11.10
N TYR A 2203 42.41 23.11 -10.95
CA TYR A 2203 43.69 23.65 -10.50
C TYR A 2203 44.23 24.70 -11.47
N ALA A 2204 44.09 24.46 -12.78
CA ALA A 2204 44.58 25.43 -13.75
C ALA A 2204 43.83 26.74 -13.67
N ASN A 2205 42.50 26.69 -13.50
CA ASN A 2205 41.68 27.89 -13.50
C ASN A 2205 42.02 28.84 -12.36
N LEU A 2206 42.71 28.37 -11.32
CA LEU A 2206 42.92 29.18 -10.13
C LEU A 2206 43.80 30.39 -10.42
N GLY A 2207 44.86 30.23 -11.21
CA GLY A 2207 45.72 31.36 -11.47
C GLY A 2207 46.88 31.01 -12.36
N VAL A 2208 47.73 32.03 -12.58
CA VAL A 2208 48.86 31.89 -13.49
C VAL A 2208 49.92 30.97 -12.90
N ALA A 2209 50.17 31.06 -11.59
CA ALA A 2209 51.18 30.23 -10.96
C ALA A 2209 50.83 28.76 -11.07
N GLU A 2210 49.56 28.42 -10.90
CA GLU A 2210 49.13 27.03 -11.03
C GLU A 2210 49.30 26.53 -12.45
N LYS A 2211 48.97 27.37 -13.44
CA LYS A 2211 49.17 26.99 -14.83
C LYS A 2211 50.64 26.79 -15.15
N THR A 2212 51.50 27.66 -14.63
CA THR A 2212 52.93 27.49 -14.84
C THR A 2212 53.42 26.20 -14.19
N GLN A 2213 52.94 25.90 -12.99
CA GLN A 2213 53.32 24.65 -12.32
C GLN A 2213 52.91 23.43 -13.13
N LEU A 2214 51.69 23.46 -13.68
CA LEU A 2214 51.22 22.34 -14.50
C LEU A 2214 52.05 22.23 -15.78
N LEU A 2215 52.39 23.35 -16.40
CA LEU A 2215 53.18 23.32 -17.63
C LEU A 2215 54.58 22.77 -17.37
N LYS A 2216 55.21 23.17 -16.26
CA LYS A 2216 56.55 22.67 -15.95
C LYS A 2216 56.55 21.17 -15.66
N LEU A 2217 55.40 20.58 -15.34
CA LEU A 2217 55.30 19.15 -15.15
C LEU A 2217 55.07 18.40 -16.45
N SER A 2218 55.02 19.11 -17.59
CA SER A 2218 54.73 18.52 -18.89
C SER A 2218 53.37 17.83 -18.88
N VAL A 2219 52.43 18.41 -18.13
CA VAL A 2219 51.08 17.86 -18.06
C VAL A 2219 50.39 17.85 -19.43
N PRO A 2220 50.42 18.93 -20.23
CA PRO A 2220 49.73 18.86 -21.52
C PRO A 2220 50.25 17.76 -22.43
N ALA A 2221 51.56 17.52 -22.44
CA ALA A 2221 52.13 16.49 -23.33
C ALA A 2221 51.66 15.10 -22.91
N THR A 2222 51.76 14.79 -21.62
CA THR A 2222 51.33 13.47 -21.14
C THR A 2222 49.82 13.29 -21.32
N PHE A 2223 49.05 14.34 -21.10
CA PHE A 2223 47.60 14.25 -21.29
C PHE A 2223 47.25 14.05 -22.76
N MET A 2224 48.00 14.69 -23.67
CA MET A 2224 47.78 14.48 -25.08
C MET A 2224 48.14 13.06 -25.50
N LEU A 2225 49.23 12.52 -24.94
CA LEU A 2225 49.58 11.13 -25.22
C LEU A 2225 48.45 10.20 -24.80
N VAL A 2226 48.00 10.32 -23.56
CA VAL A 2226 46.80 9.61 -23.13
C VAL A 2226 45.65 10.02 -24.04
N SER A 2227 44.69 9.10 -24.22
CA SER A 2227 43.60 9.12 -25.18
C SER A 2227 44.10 8.77 -26.59
N LEU A 2228 45.42 8.63 -26.78
CA LEU A 2228 46.00 8.08 -28.00
C LEU A 2228 46.85 6.86 -27.67
N ASP A 2229 46.56 6.19 -26.55
CA ASP A 2229 47.46 5.22 -25.96
C ASP A 2229 48.83 5.85 -25.78
N GLU A 2230 49.91 5.11 -26.04
CA GLU A 2230 51.25 5.67 -26.08
C GLU A 2230 51.63 6.43 -24.79
N GLY A 2231 50.85 6.25 -23.73
CA GLY A 2231 51.02 7.04 -22.53
C GLY A 2231 52.09 6.48 -21.62
N PRO A 2232 52.13 6.99 -20.38
CA PRO A 2232 53.08 6.44 -19.40
C PRO A 2232 52.83 4.98 -19.07
N GLY A 2233 51.63 4.47 -19.32
CA GLY A 2233 51.31 3.09 -19.02
C GLY A 2233 50.38 2.47 -20.03
N PRO A 2234 49.57 1.52 -19.58
CA PRO A 2234 48.70 0.76 -20.49
C PRO A 2234 47.61 1.64 -21.07
N PRO A 2235 47.03 1.25 -22.19
CA PRO A 2235 45.84 1.94 -22.69
C PRO A 2235 44.65 1.71 -21.78
N ILE A 2236 43.70 2.65 -21.82
CA ILE A 2236 42.50 2.55 -21.01
C ILE A 2236 41.65 1.39 -21.52
N LYS A 2237 41.33 0.45 -20.63
CA LYS A 2237 40.55 -0.72 -21.02
C LYS A 2237 39.14 -0.33 -21.45
N TYR A 2238 38.50 0.58 -20.71
CA TYR A 2238 37.16 1.01 -21.06
C TYR A 2238 37.20 1.86 -22.32
N GLN A 2239 36.68 1.32 -23.42
CA GLN A 2239 36.75 2.02 -24.70
C GLN A 2239 35.80 3.20 -24.77
N TYR A 2240 34.70 3.17 -24.04
CA TYR A 2240 33.74 4.27 -24.03
C TYR A 2240 34.03 5.27 -22.92
N ALA A 2241 35.28 5.72 -22.85
CA ALA A 2241 35.71 6.62 -21.79
C ALA A 2241 35.46 8.07 -22.20
N GLU A 2242 34.82 8.82 -21.30
CA GLU A 2242 34.54 10.24 -21.54
C GLU A 2242 35.74 11.04 -21.05
N LEU A 2243 36.52 11.55 -22.01
CA LEU A 2243 37.76 12.26 -21.71
C LEU A 2243 37.65 13.75 -22.03
N GLY A 2244 36.46 14.32 -21.87
CA GLY A 2244 36.27 15.73 -22.21
C GLY A 2244 37.11 16.66 -21.35
N LYS A 2245 37.22 16.35 -20.06
CA LYS A 2245 38.00 17.20 -19.17
C LYS A 2245 39.49 17.10 -19.46
N LEU A 2246 39.96 15.96 -19.98
CA LEU A 2246 41.34 15.87 -20.43
C LEU A 2246 41.61 16.85 -21.55
N TYR A 2247 40.73 16.89 -22.55
CA TYR A 2247 40.88 17.84 -23.65
C TYR A 2247 40.74 19.28 -23.15
N SER A 2248 39.88 19.51 -22.16
CA SER A 2248 39.76 20.85 -21.58
C SER A 2248 41.07 21.28 -20.92
N VAL A 2249 41.70 20.38 -20.16
CA VAL A 2249 42.99 20.69 -19.54
C VAL A 2249 44.02 21.00 -20.62
N VAL A 2250 44.07 20.17 -21.66
CA VAL A 2250 45.06 20.36 -22.71
C VAL A 2250 44.86 21.71 -23.39
N SER A 2251 43.60 22.03 -23.72
CA SER A 2251 43.30 23.29 -24.38
C SER A 2251 43.69 24.48 -23.50
N GLN A 2252 43.27 24.45 -22.24
CA GLN A 2252 43.56 25.57 -21.35
C GLN A 2252 45.06 25.76 -21.16
N LEU A 2253 45.81 24.67 -21.01
CA LEU A 2253 47.24 24.79 -20.77
C LEU A 2253 47.98 25.22 -22.02
N ILE A 2254 47.57 24.72 -23.19
CA ILE A 2254 48.25 25.08 -24.43
C ILE A 2254 47.96 26.54 -24.80
N ARG A 2255 46.73 27.00 -24.56
CA ARG A 2255 46.40 28.38 -24.89
C ARG A 2255 47.19 29.39 -24.08
N CYS A 2256 47.78 28.97 -22.95
CA CYS A 2256 48.72 29.81 -22.20
C CYS A 2256 50.16 29.55 -22.63
N CYS A 2257 50.42 29.60 -23.94
CA CYS A 2257 51.74 29.35 -24.48
C CYS A 2257 51.93 30.17 -25.74
N ASN A 2258 53.18 30.32 -26.14
CA ASN A 2258 53.55 31.11 -27.31
C ASN A 2258 53.76 30.19 -28.50
N VAL A 2259 52.94 30.37 -29.54
CA VAL A 2259 53.03 29.58 -30.76
C VAL A 2259 53.44 30.45 -31.95
N SER A 2260 54.03 31.62 -31.68
CA SER A 2260 54.38 32.55 -32.75
C SER A 2260 55.46 32.02 -33.67
N SER A 2261 56.18 30.98 -33.27
CA SER A 2261 57.19 30.40 -34.15
C SER A 2261 56.55 29.78 -35.38
N ARG A 2262 55.41 29.13 -35.22
CA ARG A 2262 54.71 28.47 -36.32
C ARG A 2262 53.61 29.38 -36.86
N MET A 2263 54.03 30.48 -37.48
CA MET A 2263 53.10 31.44 -38.05
C MET A 2263 53.66 31.99 -39.36
N GLN A 2264 52.79 32.06 -40.37
CA GLN A 2264 53.11 32.69 -41.64
C GLN A 2264 51.93 33.59 -42.04
N SER A 2265 52.24 34.73 -42.64
CA SER A 2265 51.25 35.76 -42.90
C SER A 2265 50.65 35.72 -44.29
N SER A 2266 51.04 34.76 -45.14
CA SER A 2266 50.55 34.54 -46.49
C SER A 2266 50.95 35.65 -47.45
N ILE A 2267 51.62 36.70 -46.99
CA ILE A 2267 52.17 37.74 -47.86
C ILE A 2267 53.67 37.78 -47.60
N ASN A 2268 54.46 37.70 -48.68
CA ASN A 2268 55.91 37.67 -48.57
C ASN A 2268 56.44 38.97 -47.99
N GLY A 2269 57.02 38.89 -46.78
CA GLY A 2269 57.59 40.03 -46.10
C GLY A 2269 56.72 40.57 -44.97
N ASN A 2270 55.43 40.29 -45.01
CA ASN A 2270 54.53 40.75 -43.95
C ASN A 2270 54.69 39.87 -42.72
N PRO A 2271 54.92 40.45 -41.54
CA PRO A 2271 54.98 39.64 -40.33
C PRO A 2271 53.61 39.08 -39.99
N PRO A 2272 53.55 37.93 -39.32
CA PRO A 2272 52.25 37.38 -38.91
C PRO A 2272 51.56 38.28 -37.90
N LEU A 2273 50.23 38.29 -37.96
CA LEU A 2273 49.46 39.09 -37.04
C LEU A 2273 49.51 38.50 -35.62
N PRO A 2274 49.40 39.34 -34.59
CA PRO A 2274 49.37 38.80 -33.23
C PRO A 2274 48.14 37.93 -33.02
N ASN A 2275 48.30 36.92 -32.15
CA ASN A 2275 47.23 35.96 -31.90
C ASN A 2275 46.23 36.52 -30.90
N PRO A 2276 44.97 36.69 -31.26
CA PRO A 2276 43.96 37.17 -30.30
C PRO A 2276 43.34 36.07 -29.44
N PHE A 2277 43.58 34.80 -29.77
CA PHE A 2277 42.84 33.70 -29.18
C PHE A 2277 43.64 32.97 -28.10
N GLY A 2278 44.63 33.62 -27.52
CA GLY A 2278 45.30 33.08 -26.35
C GLY A 2278 44.39 33.20 -25.14
N ASP A 2279 44.95 32.82 -24.00
CA ASP A 2279 44.20 32.88 -22.76
C ASP A 2279 43.94 34.34 -22.38
N PRO A 2280 42.69 34.74 -22.16
CA PRO A 2280 42.43 36.09 -21.64
C PRO A 2280 42.86 36.19 -20.19
N ASN A 2281 42.68 37.37 -19.57
CA ASN A 2281 43.10 37.64 -18.19
C ASN A 2281 44.53 37.15 -17.93
N LEU A 2282 45.35 37.13 -18.96
CA LEU A 2282 46.75 36.72 -18.87
C LEU A 2282 47.58 37.73 -19.64
N SER A 2283 48.47 38.43 -18.93
CA SER A 2283 49.17 39.56 -19.53
C SER A 2283 50.06 39.12 -20.69
N GLN A 2284 50.82 38.05 -20.52
CA GLN A 2284 51.77 37.62 -21.52
C GLN A 2284 51.92 36.12 -21.43
N PRO A 2285 52.26 35.45 -22.55
CA PRO A 2285 52.28 33.98 -22.55
C PRO A 2285 53.28 33.42 -21.55
N ILE A 2286 52.90 32.29 -20.94
CA ILE A 2286 53.71 31.73 -19.86
C ILE A 2286 55.08 31.32 -20.37
N MET A 2287 55.12 30.58 -21.48
CA MET A 2287 56.37 30.11 -22.04
C MET A 2287 56.15 29.77 -23.51
N PRO A 2288 57.21 29.74 -24.31
CA PRO A 2288 57.08 29.21 -25.67
C PRO A 2288 56.62 27.77 -25.65
N ILE A 2289 55.85 27.39 -26.67
CA ILE A 2289 55.24 26.06 -26.69
C ILE A 2289 56.33 24.99 -26.64
N GLN A 2290 56.10 23.99 -25.80
CA GLN A 2290 57.10 22.94 -25.59
C GLN A 2290 57.25 22.08 -26.83
N GLN A 2291 58.48 21.60 -27.05
CA GLN A 2291 58.76 20.80 -28.23
C GLN A 2291 57.95 19.49 -28.23
N ASN A 2292 57.86 18.83 -27.07
CA ASN A 2292 57.09 17.61 -26.98
C ASN A 2292 55.59 17.85 -27.18
N VAL A 2293 55.13 19.09 -26.98
CA VAL A 2293 53.74 19.44 -27.25
C VAL A 2293 53.55 19.79 -28.73
N ALA A 2294 54.52 20.52 -29.30
CA ALA A 2294 54.45 20.87 -30.71
C ALA A 2294 54.48 19.62 -31.58
N ASP A 2295 55.30 18.63 -31.21
CA ASP A 2295 55.40 17.41 -32.00
C ASP A 2295 54.05 16.69 -32.09
N ILE A 2296 53.25 16.73 -31.02
CA ILE A 2296 51.95 16.08 -31.05
C ILE A 2296 50.88 16.96 -31.70
N LEU A 2297 51.00 18.28 -31.55
CA LEU A 2297 49.98 19.16 -32.12
C LEU A 2297 50.16 19.36 -33.62
N PHE A 2298 51.30 19.93 -34.02
CA PHE A 2298 51.51 20.37 -35.39
C PHE A 2298 52.25 19.36 -36.24
N VAL A 2299 53.32 18.76 -35.72
CA VAL A 2299 54.08 17.78 -36.48
C VAL A 2299 53.22 16.55 -36.77
N ARG A 2300 52.51 16.07 -35.76
CA ARG A 2300 51.61 14.93 -35.90
C ARG A 2300 50.17 15.40 -35.91
N THR A 2301 49.31 14.58 -36.50
CA THR A 2301 47.90 14.93 -36.69
C THR A 2301 46.95 14.03 -35.94
N SER A 2302 47.46 13.19 -35.03
CA SER A 2302 46.58 12.23 -34.35
C SER A 2302 45.70 12.92 -33.31
N TYR A 2303 46.27 13.85 -32.54
CA TYR A 2303 45.50 14.48 -31.47
C TYR A 2303 44.43 15.41 -32.02
N VAL A 2304 44.72 16.12 -33.11
CA VAL A 2304 43.73 17.00 -33.72
C VAL A 2304 42.54 16.18 -34.21
N LYS A 2305 42.80 15.06 -34.87
CA LYS A 2305 41.72 14.18 -35.30
C LYS A 2305 40.95 13.64 -34.11
N LYS A 2306 41.67 13.26 -33.04
CA LYS A 2306 41.01 12.71 -31.87
C LYS A 2306 40.06 13.72 -31.23
N ILE A 2307 40.49 14.98 -31.12
CA ILE A 2307 39.63 15.97 -30.49
C ILE A 2307 38.52 16.42 -31.44
N ILE A 2308 38.74 16.38 -32.75
CA ILE A 2308 37.68 16.76 -33.68
C ILE A 2308 36.59 15.71 -33.70
N GLU A 2309 36.97 14.43 -33.75
CA GLU A 2309 35.97 13.37 -33.88
C GLU A 2309 35.25 13.08 -32.57
N ASP A 2310 35.93 13.24 -31.43
CA ASP A 2310 35.35 12.90 -30.14
C ASP A 2310 34.94 14.11 -29.32
N CYS A 2311 35.84 15.08 -29.16
CA CYS A 2311 35.53 16.30 -28.39
C CYS A 2311 34.71 17.22 -29.28
N SER A 2312 33.43 16.91 -29.39
CA SER A 2312 32.49 17.70 -30.16
C SER A 2312 31.52 18.41 -29.21
N ASN A 2313 31.04 19.57 -29.63
CA ASN A 2313 30.15 20.46 -28.88
C ASN A 2313 30.84 21.11 -27.69
N SER A 2314 32.11 20.78 -27.42
CA SER A 2314 32.84 21.39 -26.33
C SER A 2314 33.26 22.80 -26.70
N GLU A 2315 33.26 23.69 -25.72
CA GLU A 2315 33.69 25.06 -25.96
C GLU A 2315 35.19 25.23 -25.91
N GLU A 2316 35.92 24.22 -25.44
CA GLU A 2316 37.38 24.30 -25.36
C GLU A 2316 38.06 23.80 -26.61
N THR A 2317 37.50 22.80 -27.29
CA THR A 2317 38.11 22.31 -28.52
C THR A 2317 38.09 23.39 -29.60
N VAL A 2318 36.98 24.13 -29.71
CA VAL A 2318 36.90 25.19 -30.71
C VAL A 2318 37.87 26.31 -30.36
N LYS A 2319 38.02 26.61 -29.06
CA LYS A 2319 38.98 27.63 -28.64
C LYS A 2319 40.41 27.22 -28.98
N LEU A 2320 40.76 25.95 -28.71
CA LEU A 2320 42.10 25.48 -29.03
C LEU A 2320 42.36 25.49 -30.53
N LEU A 2321 41.38 25.05 -31.32
CA LEU A 2321 41.56 25.04 -32.77
C LEU A 2321 41.68 26.47 -33.31
N ARG A 2322 40.89 27.39 -32.77
CA ARG A 2322 40.97 28.79 -33.19
C ARG A 2322 42.33 29.39 -32.83
N PHE A 2323 42.85 29.06 -31.64
CA PHE A 2323 44.15 29.55 -31.22
C PHE A 2323 45.27 29.00 -32.10
N CYS A 2324 45.23 27.71 -32.40
CA CYS A 2324 46.31 27.07 -33.15
C CYS A 2324 46.25 27.39 -34.65
N CYS A 2325 45.05 27.55 -35.21
CA CYS A 2325 44.92 27.77 -36.64
C CYS A 2325 45.30 29.19 -37.05
N TRP A 2326 45.42 30.11 -36.10
CA TRP A 2326 45.71 31.50 -36.42
C TRP A 2326 47.07 31.62 -37.11
N GLU A 2327 47.06 32.07 -38.37
CA GLU A 2327 48.27 32.29 -39.16
C GLU A 2327 49.08 31.01 -39.34
N ASN A 2328 48.43 29.85 -39.30
CA ASN A 2328 49.09 28.55 -39.45
C ASN A 2328 48.49 27.83 -40.64
N PRO A 2329 49.10 27.95 -41.82
CA PRO A 2329 48.56 27.24 -43.00
C PRO A 2329 48.52 25.73 -42.84
N GLN A 2330 49.54 25.13 -42.23
CA GLN A 2330 49.58 23.67 -42.12
C GLN A 2330 48.52 23.15 -41.16
N PHE A 2331 48.44 23.74 -39.97
CA PHE A 2331 47.44 23.31 -39.00
C PHE A 2331 46.03 23.57 -39.52
N SER A 2332 45.82 24.72 -40.17
CA SER A 2332 44.51 25.00 -40.75
C SER A 2332 44.17 24.00 -41.84
N SER A 2333 45.16 23.60 -42.66
CA SER A 2333 44.91 22.61 -43.70
C SER A 2333 44.51 21.28 -43.10
N THR A 2334 45.22 20.83 -42.07
CA THR A 2334 44.86 19.56 -41.43
C THR A 2334 43.48 19.63 -40.79
N VAL A 2335 43.18 20.73 -40.10
CA VAL A 2335 41.89 20.89 -39.45
C VAL A 2335 40.77 20.90 -40.48
N LEU A 2336 40.99 21.60 -41.60
CA LEU A 2336 39.98 21.66 -42.65
C LEU A 2336 39.77 20.29 -43.28
N SER A 2337 40.85 19.55 -43.53
CA SER A 2337 40.72 18.22 -44.09
C SER A 2337 39.91 17.31 -43.16
N GLU A 2338 40.25 17.32 -41.87
CA GLU A 2338 39.52 16.49 -40.92
C GLU A 2338 38.06 16.91 -40.80
N LEU A 2339 37.80 18.21 -40.78
CA LEU A 2339 36.44 18.71 -40.68
C LEU A 2339 35.60 18.34 -41.89
N LEU A 2340 36.19 18.45 -43.10
CA LEU A 2340 35.47 18.07 -44.30
C LEU A 2340 35.21 16.57 -44.34
N TRP A 2341 36.18 15.76 -43.89
CA TRP A 2341 35.95 14.33 -43.81
C TRP A 2341 34.81 14.01 -42.85
N GLN A 2342 34.79 14.68 -41.69
CA GLN A 2342 33.71 14.46 -40.73
C GLN A 2342 32.37 14.91 -41.28
N VAL A 2343 32.35 16.01 -42.03
CA VAL A 2343 31.11 16.49 -42.63
C VAL A 2343 30.59 15.49 -43.65
N ALA A 2344 31.48 14.95 -44.47
CA ALA A 2344 31.06 14.01 -45.51
C ALA A 2344 30.69 12.66 -44.89
N TYR A 2345 31.67 11.99 -44.27
CA TYR A 2345 31.49 10.63 -43.78
C TYR A 2345 31.21 10.64 -42.28
N SER A 2346 29.97 10.98 -41.93
CA SER A 2346 29.50 10.83 -40.55
C SER A 2346 27.98 10.83 -40.56
N TYR A 2347 27.42 10.33 -39.46
CA TYR A 2347 25.97 10.24 -39.35
C TYR A 2347 25.34 11.63 -39.27
N THR A 2348 24.16 11.76 -39.88
CA THR A 2348 23.51 13.07 -39.97
C THR A 2348 22.97 13.54 -38.63
N TYR A 2349 22.80 12.66 -37.66
CA TYR A 2349 22.30 13.09 -36.35
C TYR A 2349 23.37 13.75 -35.51
N GLU A 2350 24.63 13.71 -35.93
CA GLU A 2350 25.74 14.34 -35.23
C GLU A 2350 26.54 15.23 -36.17
N LEU A 2351 25.87 15.86 -37.13
CA LEU A 2351 26.52 16.72 -38.10
C LEU A 2351 26.49 18.19 -37.72
N ARG A 2352 25.55 18.60 -36.86
CA ARG A 2352 25.48 20.00 -36.46
C ARG A 2352 26.74 20.46 -35.72
N PRO A 2353 27.29 19.72 -34.75
CA PRO A 2353 28.54 20.19 -34.12
C PRO A 2353 29.69 20.36 -35.10
N TYR A 2354 29.85 19.44 -36.05
CA TYR A 2354 30.94 19.56 -37.01
C TYR A 2354 30.75 20.79 -37.91
N LEU A 2355 29.53 21.03 -38.36
CA LEU A 2355 29.27 22.20 -39.19
C LEU A 2355 29.46 23.49 -38.42
N ASP A 2356 29.03 23.52 -37.16
CA ASP A 2356 29.25 24.70 -36.32
C ASP A 2356 30.74 24.96 -36.11
N LEU A 2357 31.51 23.90 -35.86
CA LEU A 2357 32.94 24.07 -35.67
C LEU A 2357 33.62 24.53 -36.96
N LEU A 2358 33.18 24.00 -38.10
CA LEU A 2358 33.71 24.45 -39.38
C LEU A 2358 33.39 25.92 -39.63
N LEU A 2359 32.17 26.34 -39.30
CA LEU A 2359 31.80 27.73 -39.44
C LEU A 2359 32.67 28.63 -38.56
N GLN A 2360 32.89 28.22 -37.31
CA GLN A 2360 33.74 29.01 -36.43
C GLN A 2360 35.18 29.06 -36.92
N ILE A 2361 35.66 27.98 -37.53
CA ILE A 2361 37.00 27.98 -38.11
C ILE A 2361 37.07 28.95 -39.29
N LEU A 2362 36.02 28.97 -40.12
CA LEU A 2362 36.02 29.83 -41.29
C LEU A 2362 35.87 31.31 -40.94
N LEU A 2363 35.49 31.63 -39.70
CA LEU A 2363 35.35 33.02 -39.28
C LEU A 2363 36.63 33.59 -38.68
N ILE A 2364 37.72 32.82 -38.66
CA ILE A 2364 38.99 33.32 -38.16
C ILE A 2364 39.49 34.38 -39.13
N GLU A 2365 39.49 35.63 -38.70
CA GLU A 2365 39.81 36.77 -39.57
C GLU A 2365 41.31 37.04 -39.60
N ASP A 2366 42.09 36.02 -39.90
CA ASP A 2366 43.53 36.18 -40.10
C ASP A 2366 43.79 36.39 -41.59
N SER A 2367 45.06 36.30 -41.99
CA SER A 2367 45.44 36.50 -43.38
C SER A 2367 45.25 35.26 -44.25
N TRP A 2368 44.81 34.15 -43.67
CA TRP A 2368 44.54 32.93 -44.42
C TRP A 2368 43.05 32.64 -44.55
N GLN A 2369 42.20 33.61 -44.23
CA GLN A 2369 40.75 33.36 -44.23
C GLN A 2369 40.25 33.03 -45.62
N THR A 2370 40.71 33.76 -46.63
CA THR A 2370 40.28 33.49 -48.01
C THR A 2370 40.71 32.10 -48.46
N HIS A 2371 41.94 31.71 -48.12
CA HIS A 2371 42.40 30.36 -48.46
C HIS A 2371 41.55 29.30 -47.78
N ARG A 2372 41.22 29.51 -46.50
CA ARG A 2372 40.39 28.55 -45.78
C ARG A 2372 39.01 28.43 -46.40
N ILE A 2373 38.41 29.57 -46.80
CA ILE A 2373 37.10 29.53 -47.40
C ILE A 2373 37.15 28.85 -48.77
N HIS A 2374 38.20 29.13 -49.55
CA HIS A 2374 38.36 28.47 -50.84
C HIS A 2374 38.51 26.97 -50.68
N ASN A 2375 39.29 26.52 -49.69
CA ASN A 2375 39.49 25.10 -49.47
C ASN A 2375 38.32 24.43 -48.78
N ALA A 2376 37.42 25.20 -48.17
CA ALA A 2376 36.24 24.60 -47.56
C ALA A 2376 35.08 24.49 -48.56
N LEU A 2377 34.79 25.57 -49.30
CA LEU A 2377 33.68 25.55 -50.24
C LEU A 2377 33.99 24.63 -51.42
N LYS A 2378 35.18 24.78 -52.02
CA LYS A 2378 35.55 23.91 -53.13
C LYS A 2378 36.10 22.59 -52.63
N GLY A 2379 37.17 22.63 -51.86
CA GLY A 2379 37.82 21.45 -51.34
C GLY A 2379 39.21 21.27 -51.93
N ILE A 2380 39.85 20.18 -51.51
CA ILE A 2380 41.14 19.82 -52.11
C ILE A 2380 40.92 19.50 -53.58
N PRO A 2381 41.69 20.08 -54.50
CA PRO A 2381 41.36 19.99 -55.92
C PRO A 2381 41.31 18.55 -56.43
N ASP A 2382 40.30 18.28 -57.26
CA ASP A 2382 40.17 17.01 -57.98
C ASP A 2382 40.09 15.81 -57.06
N ASP A 2383 39.51 15.99 -55.87
CA ASP A 2383 39.28 14.89 -54.94
C ASP A 2383 37.80 14.65 -54.65
N ARG A 2384 36.91 15.46 -55.22
CA ARG A 2384 35.47 15.36 -54.97
C ARG A 2384 35.16 15.45 -53.48
N ASP A 2385 35.84 16.36 -52.80
CA ASP A 2385 35.59 16.66 -51.40
C ASP A 2385 35.37 18.16 -51.25
N GLY A 2386 34.64 18.53 -50.21
CA GLY A 2386 34.24 19.91 -49.98
C GLY A 2386 32.73 20.04 -49.82
N LEU A 2387 32.33 21.20 -49.33
CA LEU A 2387 30.92 21.41 -49.01
C LEU A 2387 30.05 21.28 -50.25
N PHE A 2388 30.48 21.88 -51.36
CA PHE A 2388 29.73 21.75 -52.61
C PHE A 2388 29.74 20.30 -53.11
N ASP A 2389 30.86 19.60 -52.97
CA ASP A 2389 30.90 18.21 -53.41
C ASP A 2389 29.98 17.33 -52.56
N THR A 2390 29.97 17.53 -51.24
CA THR A 2390 29.06 16.78 -50.39
C THR A 2390 27.61 17.11 -50.68
N ILE A 2391 27.33 18.39 -50.97
CA ILE A 2391 25.97 18.78 -51.34
C ILE A 2391 25.54 18.09 -52.63
N GLN A 2392 26.43 18.08 -53.62
CA GLN A 2392 26.12 17.42 -54.89
C GLN A 2392 25.88 15.93 -54.69
N ARG A 2393 26.70 15.28 -53.86
CA ARG A 2393 26.52 13.85 -53.63
C ARG A 2393 25.26 13.56 -52.84
N SER A 2394 24.86 14.44 -51.93
CA SER A 2394 23.72 14.22 -51.07
C SER A 2394 22.42 14.79 -51.62
N LYS A 2395 22.43 15.34 -52.84
CA LYS A 2395 21.20 15.85 -53.42
C LYS A 2395 20.18 14.74 -53.65
N ASN A 2396 20.64 13.59 -54.14
CA ASN A 2396 19.73 12.50 -54.46
C ASN A 2396 19.26 11.79 -53.19
N HIS A 2397 20.18 11.20 -52.45
CA HIS A 2397 19.88 10.51 -51.21
C HIS A 2397 20.61 11.18 -50.06
N TYR A 2398 20.10 10.96 -48.85
CA TYR A 2398 20.62 11.61 -47.64
C TYR A 2398 20.57 13.13 -47.80
N GLN A 2399 19.39 13.64 -48.15
CA GLN A 2399 19.22 15.07 -48.41
C GLN A 2399 19.32 15.92 -47.15
N LYS A 2400 19.18 15.31 -45.97
CA LYS A 2400 19.32 16.08 -44.74
C LYS A 2400 20.73 16.63 -44.57
N ARG A 2401 21.75 15.84 -44.95
CA ARG A 2401 23.12 16.31 -44.91
C ARG A 2401 23.32 17.49 -45.85
N ALA A 2402 22.75 17.41 -47.06
CA ALA A 2402 22.85 18.53 -48.01
C ALA A 2402 22.16 19.77 -47.46
N TYR A 2403 21.00 19.60 -46.83
CA TYR A 2403 20.31 20.74 -46.24
C TYR A 2403 21.13 21.37 -45.14
N GLN A 2404 21.74 20.55 -44.28
CA GLN A 2404 22.55 21.09 -43.19
C GLN A 2404 23.79 21.80 -43.72
N CYS A 2405 24.42 21.26 -44.76
CA CYS A 2405 25.55 21.94 -45.39
C CYS A 2405 25.11 23.29 -45.98
N ILE A 2406 23.96 23.31 -46.64
CA ILE A 2406 23.47 24.57 -47.21
C ILE A 2406 23.17 25.58 -46.11
N LYS A 2407 22.62 25.11 -44.98
CA LYS A 2407 22.37 26.00 -43.85
C LYS A 2407 23.67 26.57 -43.30
N CYS A 2408 24.70 25.74 -43.19
CA CYS A 2408 25.99 26.22 -42.73
C CYS A 2408 26.57 27.27 -43.67
N MET A 2409 26.46 27.03 -44.98
CA MET A 2409 26.95 28.02 -45.94
C MET A 2409 26.14 29.31 -45.90
N VAL A 2410 24.83 29.20 -45.65
CA VAL A 2410 24.00 30.39 -45.50
C VAL A 2410 24.49 31.22 -44.31
N ALA A 2411 24.75 30.55 -43.19
CA ALA A 2411 25.27 31.26 -42.02
C ALA A 2411 26.62 31.89 -42.31
N LEU A 2412 27.50 31.16 -43.01
CA LEU A 2412 28.82 31.68 -43.34
C LEU A 2412 28.72 32.92 -44.21
N PHE A 2413 27.88 32.88 -45.25
CA PHE A 2413 27.75 34.02 -46.16
C PHE A 2413 27.08 35.20 -45.48
N SER A 2414 26.11 34.95 -44.58
CA SER A 2414 25.39 36.05 -43.95
C SER A 2414 26.12 36.63 -42.75
N ASN A 2415 27.14 35.94 -42.22
CA ASN A 2415 27.87 36.44 -41.06
C ASN A 2415 29.30 36.85 -41.35
N CYS A 2416 29.82 36.54 -42.53
CA CYS A 2416 31.21 36.87 -42.88
C CYS A 2416 31.26 37.81 -44.07
N PRO A 2417 31.57 39.08 -43.88
CA PRO A 2417 31.72 39.98 -45.04
C PRO A 2417 32.83 39.55 -45.98
N VAL A 2418 33.91 38.96 -45.46
CA VAL A 2418 34.98 38.46 -46.32
C VAL A 2418 34.45 37.31 -47.18
N ALA A 2419 33.69 36.41 -46.58
CA ALA A 2419 33.05 35.33 -47.34
C ALA A 2419 31.70 35.74 -47.88
N TYR A 2420 31.65 36.91 -48.52
CA TYR A 2420 30.52 37.29 -49.35
C TYR A 2420 31.10 37.89 -50.62
N GLN A 2421 32.29 38.46 -50.51
CA GLN A 2421 33.04 38.90 -51.68
C GLN A 2421 33.73 37.75 -52.38
N ILE A 2422 33.95 36.63 -51.68
CA ILE A 2422 34.45 35.43 -52.34
C ILE A 2422 33.36 34.82 -53.21
N LEU A 2423 32.14 34.75 -52.68
CA LEU A 2423 31.00 34.29 -53.48
C LEU A 2423 30.75 35.25 -54.65
N GLN A 2424 30.64 36.54 -54.35
CA GLN A 2424 30.43 37.54 -55.39
C GLN A 2424 31.77 37.96 -55.98
N GLY A 2425 32.18 37.31 -57.06
CA GLY A 2425 33.49 37.55 -57.62
C GLY A 2425 34.10 36.29 -58.21
N ASN A 2426 33.50 35.14 -57.91
CA ASN A 2426 33.86 33.87 -58.50
C ASN A 2426 32.58 33.29 -59.13
N GLY A 2427 32.56 33.22 -60.46
CA GLY A 2427 31.37 32.79 -61.16
C GLY A 2427 31.00 31.33 -60.89
N ASP A 2428 32.01 30.47 -60.78
CA ASP A 2428 31.76 29.04 -60.57
C ASP A 2428 31.10 28.81 -59.21
N LEU A 2429 31.58 29.50 -58.17
CA LEU A 2429 30.95 29.39 -56.86
C LEU A 2429 29.52 29.90 -56.91
N LYS A 2430 29.27 30.96 -57.66
CA LYS A 2430 27.91 31.47 -57.81
C LYS A 2430 27.02 30.45 -58.50
N ARG A 2431 27.54 29.79 -59.53
CA ARG A 2431 26.76 28.76 -60.22
C ARG A 2431 26.43 27.60 -59.29
N LYS A 2432 27.41 27.15 -58.50
CA LYS A 2432 27.16 26.06 -57.58
C LYS A 2432 26.16 26.47 -56.50
N TRP A 2433 26.27 27.70 -56.00
CA TRP A 2433 25.31 28.18 -55.01
C TRP A 2433 23.91 28.28 -55.61
N THR A 2434 23.82 28.72 -56.87
CA THR A 2434 22.52 28.78 -57.55
C THR A 2434 21.92 27.39 -57.69
N TRP A 2435 22.74 26.41 -58.06
CA TRP A 2435 22.24 25.03 -58.15
C TRP A 2435 21.75 24.55 -56.79
N ALA A 2436 22.51 24.83 -55.73
CA ALA A 2436 22.12 24.39 -54.40
C ALA A 2436 20.80 25.03 -53.96
N VAL A 2437 20.65 26.33 -54.18
CA VAL A 2437 19.43 26.99 -53.74
C VAL A 2437 18.24 26.56 -54.58
N GLU A 2438 18.44 26.31 -55.88
CA GLU A 2438 17.36 25.80 -56.70
C GLU A 2438 16.94 24.40 -56.24
N TRP A 2439 17.90 23.55 -55.90
CA TRP A 2439 17.57 22.22 -55.38
C TRP A 2439 16.80 22.33 -54.08
N LEU A 2440 17.23 23.22 -53.18
CA LEU A 2440 16.53 23.39 -51.91
C LEU A 2440 15.12 23.90 -52.13
N GLY A 2441 14.95 24.85 -53.04
CA GLY A 2441 13.62 25.35 -53.34
C GLY A 2441 12.70 24.29 -53.91
N ASP A 2442 13.21 23.49 -54.85
CA ASP A 2442 12.40 22.41 -55.41
C ASP A 2442 12.05 21.38 -54.35
N GLU A 2443 13.01 21.04 -53.47
CA GLU A 2443 12.74 20.03 -52.45
C GLU A 2443 11.72 20.52 -51.43
N LEU A 2444 11.80 21.80 -51.03
CA LEU A 2444 10.84 22.32 -50.08
C LEU A 2444 9.49 22.63 -50.72
N GLU A 2445 9.43 22.81 -52.04
CA GLU A 2445 8.15 22.93 -52.72
C GLU A 2445 7.42 21.59 -52.76
N ARG A 2446 8.15 20.50 -52.88
CA ARG A 2446 7.56 19.16 -52.90
C ARG A 2446 7.05 18.78 -51.51
N SER A 2480 12.36 25.79 -39.57
CA SER A 2480 13.70 26.33 -39.77
C SER A 2480 14.13 26.23 -41.23
N ALA A 2481 13.67 25.17 -41.90
CA ALA A 2481 14.03 24.97 -43.30
C ALA A 2481 13.48 26.08 -44.18
N ARG A 2482 12.23 26.51 -43.92
CA ARG A 2482 11.64 27.57 -44.72
C ARG A 2482 12.39 28.88 -44.54
N MET A 2483 12.78 29.21 -43.31
CA MET A 2483 13.56 30.42 -43.07
C MET A 2483 14.92 30.34 -43.74
N THR A 2484 15.56 29.17 -43.68
CA THR A 2484 16.85 29.00 -44.33
C THR A 2484 16.74 29.17 -45.84
N LEU A 2485 15.68 28.63 -46.44
CA LEU A 2485 15.47 28.82 -47.88
C LEU A 2485 15.15 30.27 -48.20
N ALA A 2486 14.43 30.97 -47.32
CA ALA A 2486 14.15 32.39 -47.55
C ALA A 2486 15.43 33.21 -47.53
N LYS A 2487 16.32 32.93 -46.58
CA LYS A 2487 17.61 33.61 -46.53
C LYS A 2487 18.57 33.13 -47.60
N ALA A 2488 18.31 31.97 -48.20
CA ALA A 2488 19.23 31.41 -49.19
C ALA A 2488 19.33 32.30 -50.42
N CYS A 2489 18.18 32.75 -50.94
CA CYS A 2489 18.15 33.59 -52.14
C CYS A 2489 17.75 35.02 -51.78
N GLU A 2490 18.14 35.48 -50.60
CA GLU A 2490 18.36 36.90 -50.36
C GLU A 2490 19.82 37.26 -50.54
N LEU A 2491 20.71 36.26 -50.53
CA LEU A 2491 22.11 36.43 -50.86
C LEU A 2491 22.39 36.17 -52.34
N CYS A 2492 21.46 35.52 -53.04
CA CYS A 2492 21.65 35.23 -54.45
C CYS A 2492 21.71 36.55 -55.24
N PRO A 2493 22.64 36.68 -56.20
CA PRO A 2493 22.80 37.91 -56.98
C PRO A 2493 21.69 38.11 -58.00
#